data_7ZGP
#
_entry.id   7ZGP
#
_cell.length_a   1.00
_cell.length_b   1.00
_cell.length_c   1.00
_cell.angle_alpha   90.00
_cell.angle_beta   90.00
_cell.angle_gamma   90.00
#
_symmetry.space_group_name_H-M   'P 1'
#
loop_
_entity.id
_entity.type
_entity.pdbx_description
1 polymer 'Protein CFT1'
2 polymer "mRNA 3'-end-processing protein YTH1"
3 polymer 'Polyadenylation factor subunit 2'
4 polymer 'pre-cleaved CYC1'
5 polymer 'MPE1 isoform 1'
6 non-polymer 'ZINC ION'
#
loop_
_entity_poly.entity_id
_entity_poly.type
_entity_poly.pdbx_seq_one_letter_code
_entity_poly.pdbx_strand_id
1 'polypeptide(L)'
;MNVYDDVLDATVVSHSLATHFTTSDYEELLVVRTNILSVYRPTRDGKLYLTDEFKFHGLITDIGLIPQKDSPLSCLLLCT
GVAKISILKFNTLTNSIDTLSLHYYEGKFKGKSLVELAKISTLRMDPGSSCALLFNNDIIAFLPFHVNKNDDDEEEEDED
ENIDDSELIHSMNQKSQGTNTFNKRKRTKLGDKFTAPSVVLVASELYEGAKNIIDIQFLKNFTKPTIALLYQPKLVWAGN
TTISKLPTQYVILTLNIQPAESATKIESTTIAFVKELPWDLHTIVPVSNGAIIVGTNELAFLDNTGVLQSTVLLNSFADK
ELQKTKIINNSSLEIMFREKNTTSIWIPSSKSKNGGSNNDETLLLMDLKSNIYYIQMEAEGRLLIKFDIFKLPIVNDLLK
ENSNPKCITRLNATNSNKNMDLFIGFGSGNALVLRLNNLKSTIETREAHNPSSGTNSLMDINDDDDEEMDDLYADEAPEN
GLTTNDSKGTVETVQPFDIELLSSLRNVGPITSLTVGKVSSIDDVVKGLPNPNKNEYSLVATSGNGSGSHLTVIQTSVQP
EIELALKFISITQIWNLKIKGRDRYLITTDSTKSRSDIYESDNNFKLHKGGRLRRDATTVYISMFGEEKRIIQVTTNHLY
LYDTHFRRLTTIKFDYEVIHVSVMDPYILVTVSRGDIKIFELEEKNKRKLLKVDLPEILNEMVITSGLILKSNMCNEFLI
GLSKSQEEQLLFTFVTADNQIIFFTKDHNDRIFQLNGVDQLNESLYISTYQLGDEIVPDPSIKQVMINKLGHDNKEEYLT
ILTFGGEIYQYRKLPQRRSRFYRNVTRNDLAITGAPDNAYAKGVSSIERIMHYFPDYNGYSVIFVTGSVPYILIKEDDST
PKIFKFGNIPLVSVTPWSERSVMCVDDIKNARVYTLTTDNMYYGNKLPLKQIKISNVLDDYKTLQKLVYHERAQLFLVSY
CKRVPYEALGEDGEKVIGYDENVPHAEGFQSGILLINPKSWKVIDKIDFPKNSVVNEMRSSMIQINSKTKRKREYIIAGV
ANATTEDTPPTGAFHIYDVIEVVPEPGKPDTNYKLKEIFQEEVSGTVSTVCEVSGRFMISQSQKVLVRDIQEDNSVIPVA
FLDIPVFVTDSKSFGNLLIIGDAMQGFQFIGFDAEPYRMISLGRSMSKFQTMSLEFLVNGGDMYFAATDADRNVHVLKYA
PDEPNSLSGQRLVHCSSFTLHSTNSCMMLLPRNEEFGSPQVPSFQNVGGQVDGSVFKIVPLSEEKYRRLYVIQQQIIDRE
LQLGGLNPRMERLANDFYQMGHSMRPMLDFNVIRRFCGLAIDRRKSIAQKAGRHAHFEAWRDIINIEFSMRSLCQGK
;
A
2 'polypeptide(L)'
;MSLIHPDTAKYPFKFEPFLRQEYSFSLDPDRPICEFYNSREGPKSCPRGPLCPKKHVLPIFQNKIVCRHWLRGLCKKNDQ
CEYLHEYNLRKMPECVFFSKNGYCTQSPDCQYLHIDPASKIPKCENYEMGFCPLGSSCPRRHIKKVFCQRYMTGFCPLGK
DECDMEHPQFIIPDEGSKLRIKRDDEINTRKMDEEKERRLNAIINGEV
;
B
3 'polypeptide(L)'
;MDGHNQNQYQNQNQIQQSQQPPLKKYVTQRRSVDVSSPYINLYYNRRHGLPNLVVEPETSYTIDIMPPNAYRGRDRVINL
PSKFTHLSSNKVKHVIPAIQWTPEGRRLVVATYSGEFSLWNASSFTFETLMQAHDSAVTTMKYSHDSDWMISGDADGMIK
IWQPNFSMVKEIDAAHTESIRDMAFSSNDSKFVTCSDDNILKIWNFSNGKQERVLSGHHWDVKSCDWHPEMGLIASASKD
NLVKLWDPRSGNCISSILKFKHTVLKTRFQPTKGNLLMAISKDKSCRVFDIRYSMKELMCVRDETDYMTLEWHPINESMF
TLACYDGSLKHFDLLQNLNEPILTIPYAHDKCITSLSYNPVGHIFATAAKDRTIRFWTRARPIDPNAYDDPTYNNKKING
WFFGINNDINAVREKSEFGAAPPPPATLEPHALPNMNGFINKKPRQEIPGIDSNIKSSTLPGLSI
;
D
4 'polyribonucleotide' UUUAUAGUUAUGUUAGUAUUAAGAACGUUAUUUAUAUUUCAA E
5 'polypeptide(L)'
;MSSTIFYRFKSQRNTSRILFDGTGLTVFDLKREIIQENKLGDGTDFQLKIYNPDTEEEYDDDAFVIPRSTSVIVKRSPAI
KSFSVHSRLKGNVGAAALGNATRYVTGRPRVLQKRQHTATTTANVSGTTEEERIASMFATQENQWEQTQEEMSAATPVFF
KSQTNKNSAQENEGPPPPGYMCYRCGGRDHWIKNCPTNSDPNFEGKRIRRTTGIPKKFLKSIEIDPETMTPEEMAQRKIM
ITDEGKFVVQVEDKQSWEDYQRKRENRQIDGDETIWRKGHFKDLPDDLKCPLTGGLLRQPVKTSKCCNIDFSKEALENAL
VESDFVCPNCETRDILLDSLVPDQDKEKEVETFLKKQEELHGSSKDGNQPETKKMKLMDPTGTAGLNNNTSLPTSVNNGG
TPVPPVPLPFGIPPFPMFPMPFMPPTATITNPHQADASPKK
;
F
#
# COMPACT_ATOMS: atom_id res chain seq x y z
N MET A 1 13.08 -15.92 -0.59
CA MET A 1 12.58 -16.72 -1.70
C MET A 1 11.09 -16.51 -1.90
N ASN A 2 10.72 -15.37 -2.51
CA ASN A 2 9.34 -15.01 -2.70
C ASN A 2 9.17 -14.38 -4.08
N VAL A 3 7.94 -14.45 -4.60
CA VAL A 3 7.59 -13.82 -5.86
C VAL A 3 6.33 -12.98 -5.65
N TYR A 4 6.33 -11.78 -6.21
CA TYR A 4 5.23 -10.83 -6.05
C TYR A 4 4.44 -10.75 -7.35
N ASP A 5 3.12 -10.85 -7.24
CA ASP A 5 2.22 -10.73 -8.38
C ASP A 5 1.07 -9.81 -8.05
N ASP A 6 0.50 -9.21 -9.09
CA ASP A 6 -0.66 -8.33 -8.95
C ASP A 6 -1.91 -9.13 -9.30
N VAL A 7 -2.72 -9.44 -8.28
CA VAL A 7 -3.99 -10.10 -8.52
C VAL A 7 -4.94 -9.17 -9.27
N LEU A 8 -5.00 -7.91 -8.87
CA LEU A 8 -5.79 -6.89 -9.53
C LEU A 8 -4.89 -5.74 -9.93
N ASP A 9 -5.20 -5.13 -11.07
CA ASP A 9 -4.53 -3.91 -11.45
C ASP A 9 -5.19 -2.71 -10.77
N ALA A 10 -4.45 -1.62 -10.66
CA ALA A 10 -4.95 -0.44 -9.97
C ALA A 10 -6.13 0.16 -10.72
N THR A 11 -7.09 0.70 -9.95
CA THR A 11 -8.27 1.31 -10.51
C THR A 11 -8.39 2.81 -10.22
N VAL A 12 -7.70 3.32 -9.21
CA VAL A 12 -7.80 4.74 -8.87
C VAL A 12 -7.05 5.54 -9.93
N VAL A 13 -7.75 6.46 -10.59
CA VAL A 13 -7.14 7.32 -11.59
C VAL A 13 -6.44 8.47 -10.87
N SER A 14 -5.13 8.59 -11.08
CA SER A 14 -4.34 9.62 -10.42
C SER A 14 -4.01 10.80 -11.33
N HIS A 15 -3.83 10.57 -12.63
CA HIS A 15 -3.50 11.64 -13.56
C HIS A 15 -4.28 11.43 -14.85
N SER A 16 -4.47 12.51 -15.59
CA SER A 16 -5.16 12.46 -16.87
C SER A 16 -4.70 13.63 -17.73
N LEU A 17 -4.60 13.38 -19.04
CA LEU A 17 -4.20 14.41 -19.99
C LEU A 17 -4.92 14.17 -21.30
N ALA A 18 -5.17 15.25 -22.03
CA ALA A 18 -5.73 15.20 -23.37
C ALA A 18 -4.68 15.72 -24.34
N THR A 19 -4.40 14.94 -25.38
CA THR A 19 -3.29 15.23 -26.27
C THR A 19 -3.41 14.36 -27.52
N HIS A 20 -2.40 14.43 -28.37
CA HIS A 20 -2.23 13.54 -29.52
C HIS A 20 -0.96 12.73 -29.23
N PHE A 21 -1.14 11.58 -28.59
CA PHE A 21 0.00 10.75 -28.21
C PHE A 21 0.25 9.65 -29.24
N THR A 22 -0.76 8.83 -29.51
CA THR A 22 -0.62 7.73 -30.46
C THR A 22 -1.13 8.07 -31.86
N THR A 23 -2.02 9.07 -31.98
CA THR A 23 -2.54 9.47 -33.27
C THR A 23 -2.91 10.94 -33.22
N SER A 24 -2.98 11.55 -34.40
CA SER A 24 -3.41 12.94 -34.54
C SER A 24 -4.79 13.07 -35.18
N ASP A 25 -5.46 11.95 -35.45
CA ASP A 25 -6.80 12.02 -36.03
C ASP A 25 -7.82 12.49 -35.01
N TYR A 26 -7.55 12.27 -33.73
CA TYR A 26 -8.44 12.72 -32.67
C TYR A 26 -7.62 12.98 -31.42
N GLU A 27 -8.22 13.67 -30.46
CA GLU A 27 -7.56 13.98 -29.20
C GLU A 27 -7.82 12.84 -28.23
N GLU A 28 -6.75 12.18 -27.80
CA GLU A 28 -6.87 11.05 -26.89
C GLU A 28 -6.92 11.53 -25.45
N LEU A 29 -7.32 10.62 -24.56
CA LEU A 29 -7.33 10.88 -23.12
C LEU A 29 -6.35 9.90 -22.48
N LEU A 30 -5.19 10.40 -22.06
CA LEU A 30 -4.22 9.59 -21.36
C LEU A 30 -4.62 9.46 -19.91
N VAL A 31 -4.76 8.22 -19.42
CA VAL A 31 -5.19 7.95 -18.06
C VAL A 31 -4.10 7.14 -17.37
N VAL A 32 -3.66 7.61 -16.21
CA VAL A 32 -2.68 6.92 -15.38
C VAL A 32 -3.38 6.50 -14.10
N ARG A 33 -3.30 5.21 -13.76
CA ARG A 33 -3.93 4.72 -12.55
C ARG A 33 -2.93 4.57 -11.41
N THR A 34 -1.97 3.67 -11.54
CA THR A 34 -0.82 3.69 -10.64
C THR A 34 0.48 3.48 -11.42
N ASN A 35 0.45 2.54 -12.36
CA ASN A 35 1.59 2.24 -13.20
C ASN A 35 1.16 1.90 -14.62
N ILE A 36 -0.12 2.03 -14.93
CA ILE A 36 -0.66 1.71 -16.25
C ILE A 36 -1.07 3.00 -16.92
N LEU A 37 -0.51 3.27 -18.10
CA LEU A 37 -0.88 4.43 -18.90
C LEU A 37 -1.87 3.98 -19.95
N SER A 38 -3.13 4.36 -19.79
CA SER A 38 -4.19 3.97 -20.70
C SER A 38 -4.49 5.10 -21.66
N VAL A 39 -4.56 4.78 -22.95
CA VAL A 39 -4.91 5.74 -23.98
C VAL A 39 -6.35 5.47 -24.40
N TYR A 40 -7.20 6.47 -24.25
CA TYR A 40 -8.63 6.35 -24.53
C TYR A 40 -9.02 7.27 -25.66
N ARG A 41 -9.98 6.82 -26.47
CA ARG A 41 -10.61 7.69 -27.45
C ARG A 41 -11.97 8.08 -26.92
N PRO A 42 -12.18 9.32 -26.48
CA PRO A 42 -13.51 9.71 -25.97
C PRO A 42 -14.47 9.97 -27.11
N THR A 43 -15.60 9.26 -27.10
CA THR A 43 -16.62 9.43 -28.12
C THR A 43 -17.42 10.71 -27.87
N ARG A 44 -18.33 11.03 -28.78
CA ARG A 44 -19.13 12.23 -28.64
C ARG A 44 -20.15 12.13 -27.52
N ASP A 45 -20.52 10.92 -27.11
CA ASP A 45 -21.47 10.72 -26.02
C ASP A 45 -20.79 10.35 -24.71
N GLY A 46 -19.49 10.60 -24.59
CA GLY A 46 -18.78 10.43 -23.34
C GLY A 46 -18.22 9.04 -23.08
N LYS A 47 -18.46 8.08 -23.96
CA LYS A 47 -17.90 6.75 -23.77
C LYS A 47 -16.40 6.76 -24.01
N LEU A 48 -15.67 6.01 -23.19
CA LEU A 48 -14.23 5.92 -23.29
C LEU A 48 -13.88 4.59 -23.95
N TYR A 49 -13.30 4.66 -25.15
CA TYR A 49 -12.86 3.49 -25.88
C TYR A 49 -11.35 3.38 -25.77
N LEU A 50 -10.87 2.28 -25.20
CA LEU A 50 -9.45 2.12 -24.96
C LEU A 50 -8.72 1.82 -26.27
N THR A 51 -7.67 2.59 -26.55
CA THR A 51 -6.86 2.34 -27.74
C THR A 51 -5.75 1.35 -27.44
N ASP A 52 -4.95 1.62 -26.41
CA ASP A 52 -3.92 0.70 -25.97
C ASP A 52 -3.50 1.06 -24.55
N GLU A 53 -2.99 0.07 -23.82
CA GLU A 53 -2.57 0.22 -22.44
C GLU A 53 -1.11 -0.16 -22.30
N PHE A 54 -0.37 0.62 -21.51
CA PHE A 54 1.03 0.36 -21.25
C PHE A 54 1.25 0.27 -19.74
N LYS A 55 1.91 -0.78 -19.30
CA LYS A 55 2.19 -1.02 -17.89
C LYS A 55 3.66 -0.75 -17.61
N PHE A 56 3.93 0.08 -16.61
CA PHE A 56 5.29 0.46 -16.25
C PHE A 56 5.70 -0.22 -14.95
N HIS A 57 7.00 -0.29 -14.72
CA HIS A 57 7.56 -0.99 -13.57
C HIS A 57 7.70 -0.08 -12.35
N GLY A 58 7.29 1.19 -12.44
CA GLY A 58 7.33 2.08 -11.31
C GLY A 58 6.00 2.81 -11.16
N LEU A 59 5.86 3.48 -10.02
CA LEU A 59 4.68 4.29 -9.77
C LEU A 59 4.78 5.58 -10.56
N ILE A 60 3.82 5.80 -11.48
CA ILE A 60 3.84 7.02 -12.28
C ILE A 60 3.46 8.18 -11.38
N THR A 61 4.45 8.98 -11.01
CA THR A 61 4.23 10.09 -10.08
C THR A 61 3.54 11.27 -10.76
N ASP A 62 3.89 11.55 -12.01
CA ASP A 62 3.31 12.66 -12.74
C ASP A 62 3.53 12.45 -14.23
N ILE A 63 2.68 13.07 -15.03
CA ILE A 63 2.80 13.02 -16.48
C ILE A 63 2.71 14.43 -17.05
N GLY A 64 3.34 14.64 -18.18
CA GLY A 64 3.35 15.94 -18.83
C GLY A 64 3.56 15.78 -20.32
N LEU A 65 3.17 16.82 -21.06
CA LEU A 65 3.20 16.80 -22.51
C LEU A 65 4.17 17.84 -23.04
N ILE A 66 4.99 17.45 -24.00
CA ILE A 66 5.87 18.39 -24.68
C ILE A 66 5.82 18.14 -26.18
N PRO A 67 5.65 19.18 -26.99
CA PRO A 67 5.61 18.97 -28.45
C PRO A 67 7.00 18.66 -29.00
N GLN A 68 7.00 18.07 -30.19
CA GLN A 68 8.23 17.74 -30.90
C GLN A 68 8.14 18.30 -32.32
N LYS A 69 9.28 18.76 -32.83
CA LYS A 69 9.32 19.31 -34.17
C LYS A 69 9.18 18.22 -35.22
N ASP A 70 8.60 18.59 -36.35
CA ASP A 70 8.38 17.66 -37.48
C ASP A 70 7.54 16.46 -37.06
N SER A 71 6.54 16.70 -36.21
CA SER A 71 5.63 15.66 -35.77
C SER A 71 4.40 16.26 -35.11
N PRO A 72 3.19 15.80 -35.48
CA PRO A 72 1.99 16.30 -34.78
C PRO A 72 1.77 15.64 -33.43
N LEU A 73 2.35 14.46 -33.20
CA LEU A 73 2.26 13.83 -31.90
C LEU A 73 3.14 14.56 -30.88
N SER A 74 2.82 14.37 -29.61
CA SER A 74 3.54 15.02 -28.53
C SER A 74 4.26 13.99 -27.68
N CYS A 75 5.48 14.33 -27.25
CA CYS A 75 6.22 13.45 -26.36
C CYS A 75 5.64 13.52 -24.95
N LEU A 76 5.91 12.48 -24.17
CA LEU A 76 5.34 12.33 -22.84
C LEU A 76 6.44 12.35 -21.80
N LEU A 77 6.29 13.24 -20.80
CA LEU A 77 7.19 13.27 -19.67
C LEU A 77 6.60 12.41 -18.56
N LEU A 78 7.28 11.32 -18.22
CA LEU A 78 6.80 10.36 -17.23
C LEU A 78 7.66 10.49 -15.98
N CYS A 79 7.02 10.78 -14.85
CA CYS A 79 7.69 10.87 -13.57
C CYS A 79 7.41 9.61 -12.77
N THR A 80 8.47 8.93 -12.34
CA THR A 80 8.34 7.68 -11.62
C THR A 80 9.14 7.73 -10.33
N GLY A 81 8.60 7.14 -9.28
CA GLY A 81 9.31 7.07 -8.00
C GLY A 81 9.62 8.45 -7.47
N VAL A 82 10.88 8.63 -7.07
CA VAL A 82 11.35 9.89 -6.51
C VAL A 82 12.33 10.50 -7.50
N ALA A 83 11.98 11.63 -8.08
CA ALA A 83 12.88 12.45 -8.90
C ALA A 83 13.48 11.65 -10.06
N LYS A 84 12.59 11.24 -10.97
CA LYS A 84 13.01 10.53 -12.17
C LYS A 84 12.11 10.94 -13.32
N ILE A 85 12.71 11.34 -14.44
CA ILE A 85 11.98 11.74 -15.64
C ILE A 85 12.40 10.84 -16.79
N SER A 86 11.43 10.26 -17.46
CA SER A 86 11.66 9.50 -18.69
C SER A 86 10.84 10.12 -19.81
N ILE A 87 11.51 10.58 -20.85
CA ILE A 87 10.82 11.17 -22.00
C ILE A 87 10.31 10.04 -22.88
N LEU A 88 9.00 10.01 -23.13
CA LEU A 88 8.36 8.94 -23.86
C LEU A 88 7.84 9.45 -25.20
N LYS A 89 8.08 8.67 -26.24
CA LYS A 89 7.55 8.93 -27.57
C LYS A 89 6.83 7.68 -28.05
N PHE A 90 5.84 7.86 -28.91
CA PHE A 90 5.10 6.75 -29.48
C PHE A 90 5.67 6.41 -30.85
N ASN A 91 6.14 5.18 -31.02
CA ASN A 91 6.66 4.71 -32.29
C ASN A 91 5.49 4.18 -33.11
N THR A 92 5.10 4.92 -34.15
CA THR A 92 3.99 4.48 -34.99
C THR A 92 4.36 3.23 -35.80
N LEU A 93 5.64 3.09 -36.17
CA LEU A 93 6.06 1.92 -36.93
C LEU A 93 5.89 0.64 -36.11
N THR A 94 6.28 0.65 -34.85
CA THR A 94 6.21 -0.52 -33.99
C THR A 94 5.00 -0.51 -33.07
N ASN A 95 4.19 0.54 -33.10
CA ASN A 95 2.99 0.65 -32.28
C ASN A 95 3.32 0.45 -30.79
N SER A 96 4.43 1.03 -30.36
CA SER A 96 4.91 0.90 -28.99
C SER A 96 5.53 2.22 -28.55
N ILE A 97 5.92 2.28 -27.29
CA ILE A 97 6.54 3.45 -26.69
C ILE A 97 8.03 3.21 -26.58
N ASP A 98 8.84 4.11 -27.11
CA ASP A 98 10.28 4.07 -26.98
C ASP A 98 10.75 5.27 -26.19
N THR A 99 11.63 5.02 -25.21
CA THR A 99 12.08 6.07 -24.32
C THR A 99 13.15 6.92 -24.99
N LEU A 100 12.92 8.24 -25.04
CA LEU A 100 13.90 9.13 -25.64
C LEU A 100 15.12 9.32 -24.73
N SER A 101 14.89 9.48 -23.43
CA SER A 101 15.99 9.70 -22.50
C SER A 101 15.49 9.51 -21.07
N LEU A 102 16.40 9.08 -20.20
CA LEU A 102 16.16 8.99 -18.77
C LEU A 102 16.86 10.15 -18.06
N HIS A 103 16.22 10.66 -17.01
CA HIS A 103 16.79 11.75 -16.23
C HIS A 103 16.62 11.41 -14.76
N TYR A 104 17.73 11.09 -14.10
CA TYR A 104 17.74 10.76 -12.68
C TYR A 104 18.07 12.02 -11.88
N TYR A 105 17.24 12.31 -10.89
CA TYR A 105 17.44 13.47 -10.04
C TYR A 105 17.47 13.15 -8.55
N GLU A 106 17.18 11.92 -8.15
CA GLU A 106 17.16 11.59 -6.72
C GLU A 106 18.54 11.78 -6.10
N GLY A 107 19.59 11.38 -6.82
CA GLY A 107 20.94 11.53 -6.27
C GLY A 107 21.30 12.98 -6.04
N LYS A 108 21.03 13.84 -7.03
CA LYS A 108 21.31 15.26 -6.86
C LYS A 108 20.42 15.88 -5.78
N PHE A 109 19.17 15.45 -5.71
CA PHE A 109 18.26 15.95 -4.68
C PHE A 109 18.79 15.61 -3.28
N LYS A 110 19.23 14.37 -3.08
CA LYS A 110 19.81 14.00 -1.80
C LYS A 110 21.09 14.77 -1.52
N GLY A 111 21.91 14.98 -2.56
CA GLY A 111 23.12 15.74 -2.39
C GLY A 111 22.88 17.18 -1.96
N LYS A 112 21.79 17.78 -2.44
CA LYS A 112 21.50 19.17 -2.14
C LYS A 112 20.43 19.35 -1.06
N SER A 113 20.09 18.29 -0.33
CA SER A 113 19.05 18.35 0.70
C SER A 113 19.65 18.02 2.06
N LEU A 114 19.38 18.88 3.05
CA LEU A 114 19.75 18.59 4.42
C LEU A 114 18.79 17.59 5.06
N VAL A 115 17.52 17.62 4.68
CA VAL A 115 16.50 16.76 5.24
C VAL A 115 16.16 15.68 4.21
N GLU A 116 15.39 14.68 4.65
CA GLU A 116 14.97 13.63 3.74
C GLU A 116 14.04 14.20 2.67
N LEU A 117 14.15 13.63 1.47
CA LEU A 117 13.33 14.08 0.35
C LEU A 117 11.87 13.68 0.58
N ALA A 118 10.98 14.43 -0.05
CA ALA A 118 9.58 14.02 -0.12
C ALA A 118 9.46 12.80 -1.01
N LYS A 119 8.49 11.93 -0.67
CA LYS A 119 8.30 10.70 -1.44
C LYS A 119 7.92 11.00 -2.88
N ILE A 120 7.10 12.03 -3.10
CA ILE A 120 6.58 12.37 -4.42
C ILE A 120 7.18 13.70 -4.85
N SER A 121 7.85 13.71 -5.98
CA SER A 121 8.27 14.95 -6.62
C SER A 121 7.13 15.51 -7.46
N THR A 122 7.18 16.81 -7.71
CA THR A 122 6.11 17.50 -8.43
C THR A 122 6.66 18.08 -9.73
N LEU A 123 5.96 17.82 -10.82
CA LEU A 123 6.38 18.23 -12.15
C LEU A 123 5.54 19.41 -12.63
N ARG A 124 6.20 20.42 -13.18
CA ARG A 124 5.54 21.58 -13.77
C ARG A 124 6.08 21.81 -15.16
N MET A 125 5.20 22.13 -16.10
CA MET A 125 5.59 22.31 -17.49
C MET A 125 5.29 23.73 -17.95
N ASP A 126 6.24 24.32 -18.65
CA ASP A 126 6.07 25.67 -19.16
C ASP A 126 4.99 25.69 -20.23
N PRO A 127 4.01 26.60 -20.16
CA PRO A 127 3.04 26.71 -21.26
C PRO A 127 3.66 27.03 -22.60
N GLY A 128 4.83 27.67 -22.61
CA GLY A 128 5.57 27.88 -23.84
C GLY A 128 6.36 26.70 -24.33
N SER A 129 6.31 25.58 -23.60
CA SER A 129 6.99 24.35 -23.97
C SER A 129 8.50 24.53 -24.07
N SER A 130 9.05 25.47 -23.30
CA SER A 130 10.48 25.74 -23.31
C SER A 130 11.24 25.01 -22.22
N CYS A 131 10.58 24.64 -21.14
CA CYS A 131 11.26 24.01 -20.02
C CYS A 131 10.25 23.26 -19.16
N ALA A 132 10.77 22.33 -18.36
CA ALA A 132 9.99 21.65 -17.34
C ALA A 132 10.80 21.60 -16.06
N LEU A 133 10.15 21.76 -14.93
CA LEU A 133 10.82 21.76 -13.63
C LEU A 133 10.21 20.68 -12.74
N LEU A 134 11.08 20.02 -11.99
CA LEU A 134 10.67 19.01 -11.02
C LEU A 134 11.27 19.40 -9.68
N PHE A 135 10.42 19.54 -8.65
CA PHE A 135 10.86 19.97 -7.34
C PHE A 135 10.33 19.02 -6.28
N ASN A 136 11.15 18.81 -5.24
CA ASN A 136 10.80 17.91 -4.14
C ASN A 136 10.61 18.65 -2.83
N ASN A 137 11.65 19.35 -2.36
CA ASN A 137 11.54 20.24 -1.20
C ASN A 137 12.57 21.36 -1.40
N ASP A 138 12.14 22.44 -2.04
CA ASP A 138 12.96 23.62 -2.26
C ASP A 138 14.16 23.35 -3.16
N ILE A 139 14.33 22.13 -3.63
CA ILE A 139 15.33 21.79 -4.63
C ILE A 139 14.62 21.64 -5.97
N ILE A 140 15.05 22.43 -6.96
CA ILE A 140 14.37 22.51 -8.24
C ILE A 140 15.26 21.87 -9.30
N ALA A 141 14.71 20.92 -10.04
CA ALA A 141 15.40 20.30 -11.16
C ALA A 141 14.78 20.80 -12.45
N PHE A 142 15.56 21.51 -13.25
CA PHE A 142 15.10 22.09 -14.49
C PHE A 142 15.50 21.19 -15.67
N LEU A 143 14.54 20.93 -16.56
CA LEU A 143 14.76 20.10 -17.74
C LEU A 143 14.54 20.98 -18.96
N PRO A 144 15.56 21.67 -19.44
CA PRO A 144 15.40 22.52 -20.62
C PRO A 144 15.13 21.70 -21.86
N PHE A 145 14.40 22.30 -22.80
CA PHE A 145 14.04 21.66 -24.06
C PHE A 145 14.51 22.52 -25.21
N HIS A 146 15.22 21.91 -26.17
CA HIS A 146 15.77 22.65 -27.29
C HIS A 146 14.67 23.06 -28.26
N VAL A 147 14.84 24.22 -28.88
CA VAL A 147 13.87 24.74 -29.83
C VAL A 147 14.52 24.92 -31.20
N LYS A 193 19.58 15.76 -29.20
CA LYS A 193 19.39 17.18 -29.45
C LYS A 193 18.01 17.63 -28.99
N PHE A 194 17.24 16.70 -28.41
CA PHE A 194 15.88 16.98 -27.99
C PHE A 194 15.82 17.63 -26.61
N THR A 195 16.73 17.24 -25.71
CA THR A 195 16.72 17.72 -24.34
C THR A 195 18.09 18.29 -23.98
N ALA A 196 18.09 19.53 -23.51
CA ALA A 196 19.32 20.17 -23.06
C ALA A 196 19.73 19.58 -21.70
N PRO A 197 21.00 19.71 -21.32
CA PRO A 197 21.43 19.20 -20.02
C PRO A 197 20.65 19.86 -18.88
N SER A 198 20.40 19.08 -17.85
CA SER A 198 19.56 19.52 -16.73
C SER A 198 20.39 20.20 -15.66
N VAL A 199 19.78 21.17 -14.99
CA VAL A 199 20.40 21.90 -13.89
C VAL A 199 19.52 21.75 -12.65
N VAL A 200 20.15 21.39 -11.54
CA VAL A 200 19.45 21.18 -10.27
C VAL A 200 20.00 22.20 -9.27
N LEU A 201 19.10 22.92 -8.61
CA LEU A 201 19.51 23.95 -7.66
C LEU A 201 18.45 24.10 -6.59
N VAL A 202 18.87 24.68 -5.46
CA VAL A 202 17.96 24.98 -4.36
C VAL A 202 17.16 26.22 -4.69
N ALA A 203 15.94 26.31 -4.13
CA ALA A 203 15.10 27.47 -4.37
C ALA A 203 15.74 28.77 -3.90
N SER A 204 16.65 28.70 -2.91
CA SER A 204 17.32 29.90 -2.45
C SER A 204 18.25 30.50 -3.50
N GLU A 205 18.67 29.70 -4.48
CA GLU A 205 19.52 30.23 -5.55
C GLU A 205 18.74 31.03 -6.57
N LEU A 206 17.48 30.68 -6.81
CA LEU A 206 16.64 31.50 -7.68
C LEU A 206 16.27 32.81 -7.00
N TYR A 207 15.85 32.75 -5.74
CA TYR A 207 15.49 33.93 -4.97
C TYR A 207 15.99 33.73 -3.54
N GLU A 208 16.56 34.79 -2.96
CA GLU A 208 17.26 34.65 -1.70
C GLU A 208 16.32 34.21 -0.58
N GLY A 209 15.09 34.72 -0.56
CA GLY A 209 14.20 34.46 0.55
C GLY A 209 13.49 33.13 0.53
N ALA A 210 13.50 32.43 -0.61
CA ALA A 210 12.75 31.18 -0.74
C ALA A 210 13.34 30.12 0.19
N LYS A 211 12.59 29.76 1.24
CA LYS A 211 13.10 28.87 2.27
C LYS A 211 12.25 27.63 2.49
N ASN A 212 10.92 27.73 2.37
CA ASN A 212 10.04 26.57 2.50
C ASN A 212 9.00 26.65 1.39
N ILE A 213 9.32 26.04 0.24
CA ILE A 213 8.44 26.13 -0.92
C ILE A 213 7.13 25.40 -0.64
N ILE A 214 6.02 26.08 -0.90
CA ILE A 214 4.70 25.45 -0.82
C ILE A 214 4.25 24.95 -2.18
N ASP A 215 4.39 25.78 -3.21
CA ASP A 215 4.02 25.40 -4.57
C ASP A 215 4.82 26.23 -5.56
N ILE A 216 5.03 25.65 -6.74
CA ILE A 216 5.67 26.33 -7.86
C ILE A 216 4.82 26.10 -9.09
N GLN A 217 4.61 27.17 -9.86
CA GLN A 217 3.85 27.07 -11.10
C GLN A 217 4.50 27.97 -12.15
N PHE A 218 4.29 27.59 -13.41
CA PHE A 218 4.68 28.44 -14.54
C PHE A 218 3.56 29.42 -14.82
N LEU A 219 3.88 30.71 -14.85
CA LEU A 219 2.88 31.72 -15.15
C LEU A 219 2.67 31.82 -16.65
N LYS A 220 1.49 32.28 -17.03
CA LYS A 220 1.09 32.36 -18.43
C LYS A 220 1.26 33.78 -18.96
N ASN A 221 1.17 33.90 -20.29
CA ASN A 221 1.31 35.17 -20.99
C ASN A 221 2.65 35.85 -20.67
N PHE A 222 3.71 35.05 -20.61
CA PHE A 222 5.06 35.55 -20.43
C PHE A 222 5.92 35.09 -21.59
N THR A 223 6.72 36.01 -22.14
CA THR A 223 7.58 35.68 -23.27
C THR A 223 8.78 34.82 -22.87
N LYS A 224 9.03 34.67 -21.58
CA LYS A 224 10.11 33.85 -21.05
C LYS A 224 9.53 32.88 -20.03
N PRO A 225 10.25 31.79 -19.73
CA PRO A 225 9.70 30.79 -18.80
C PRO A 225 9.63 31.32 -17.38
N THR A 226 8.60 32.10 -17.09
CA THR A 226 8.43 32.75 -15.80
C THR A 226 7.72 31.81 -14.82
N ILE A 227 8.28 31.66 -13.63
CA ILE A 227 7.72 30.80 -12.61
C ILE A 227 7.31 31.65 -11.41
N ALA A 228 6.40 31.10 -10.62
CA ALA A 228 5.92 31.74 -9.40
C ALA A 228 6.13 30.79 -8.22
N LEU A 229 6.69 31.31 -7.14
CA LEU A 229 7.01 30.51 -5.96
C LEU A 229 6.16 30.99 -4.79
N LEU A 230 5.43 30.06 -4.18
CA LEU A 230 4.70 30.32 -2.95
C LEU A 230 5.44 29.62 -1.82
N TYR A 231 5.90 30.40 -0.84
CA TYR A 231 6.76 29.83 0.19
C TYR A 231 6.52 30.55 1.51
N GLN A 232 6.82 29.85 2.59
CA GLN A 232 6.73 30.38 3.95
C GLN A 232 8.11 30.38 4.59
N PRO A 233 8.80 31.52 4.64
CA PRO A 233 10.11 31.55 5.31
C PRO A 233 10.04 31.11 6.76
N LYS A 234 8.94 31.39 7.45
CA LYS A 234 8.71 30.92 8.81
C LYS A 234 7.46 30.06 8.81
N LEU A 235 7.61 28.77 9.09
CA LEU A 235 6.50 27.84 9.02
C LEU A 235 5.46 28.17 10.08
N VAL A 236 4.18 28.17 9.67
CA VAL A 236 3.08 28.52 10.55
C VAL A 236 1.95 27.53 10.33
N TRP A 237 1.39 27.04 11.44
CA TRP A 237 0.20 26.20 11.38
C TRP A 237 -0.87 26.77 12.30
N ALA A 238 -1.93 26.00 12.57
CA ALA A 238 -3.03 26.52 13.38
C ALA A 238 -2.56 26.94 14.77
N GLY A 239 -1.69 26.14 15.40
CA GLY A 239 -1.16 26.48 16.70
C GLY A 239 -0.07 27.50 16.71
N ASN A 240 0.28 28.06 15.55
CA ASN A 240 1.35 29.03 15.42
C ASN A 240 0.86 30.39 14.92
N THR A 241 -0.43 30.54 14.62
CA THR A 241 -0.91 31.73 13.94
C THR A 241 -0.91 32.96 14.84
N THR A 242 -1.18 32.79 16.13
CA THR A 242 -1.31 33.93 17.02
C THR A 242 0.00 34.69 17.19
N ILE A 243 1.13 34.01 17.05
CA ILE A 243 2.44 34.62 17.24
C ILE A 243 3.18 34.80 15.92
N SER A 244 2.50 34.61 14.79
CA SER A 244 3.14 34.76 13.48
C SER A 244 2.06 35.18 12.49
N LYS A 245 2.13 36.42 12.01
CA LYS A 245 1.10 37.01 11.18
C LYS A 245 1.57 37.12 9.74
N LEU A 246 0.73 36.63 8.81
CA LEU A 246 0.95 36.72 7.37
C LEU A 246 2.33 36.21 6.98
N PRO A 247 2.60 34.91 7.13
CA PRO A 247 3.97 34.42 6.88
C PRO A 247 4.23 34.06 5.43
N THR A 248 3.19 33.76 4.67
CA THR A 248 3.37 33.28 3.31
C THR A 248 3.86 34.40 2.39
N GLN A 249 4.77 34.06 1.49
CA GLN A 249 5.33 35.00 0.54
C GLN A 249 5.20 34.43 -0.86
N TYR A 250 5.26 35.33 -1.85
CA TYR A 250 5.02 34.97 -3.24
C TYR A 250 5.93 35.81 -4.11
N VAL A 251 6.73 35.15 -4.94
CA VAL A 251 7.70 35.83 -5.80
C VAL A 251 7.50 35.32 -7.23
N ILE A 252 7.64 36.23 -8.19
CA ILE A 252 7.54 35.91 -9.60
C ILE A 252 8.91 36.09 -10.23
N LEU A 253 9.45 35.02 -10.80
CA LEU A 253 10.81 35.00 -11.32
C LEU A 253 10.79 34.64 -12.79
N THR A 254 11.42 35.47 -13.61
CA THR A 254 11.63 35.16 -15.02
C THR A 254 12.97 34.45 -15.16
N LEU A 255 12.95 33.26 -15.76
CA LEU A 255 14.13 32.42 -15.87
C LEU A 255 14.77 32.60 -17.24
N ASN A 256 16.07 32.83 -17.26
CA ASN A 256 16.84 32.96 -18.49
C ASN A 256 17.72 31.72 -18.59
N ILE A 257 17.18 30.66 -19.17
CA ILE A 257 17.91 29.40 -19.32
C ILE A 257 18.87 29.53 -20.49
N GLN A 258 20.16 29.33 -20.23
CA GLN A 258 21.19 29.35 -21.27
C GLN A 258 21.75 27.95 -21.43
N PRO A 259 21.13 27.11 -22.26
CA PRO A 259 21.67 25.76 -22.46
C PRO A 259 23.02 25.80 -23.15
N ALA A 260 23.86 24.84 -22.81
CA ALA A 260 25.17 24.68 -23.43
C ALA A 260 25.42 23.19 -23.64
N GLU A 261 26.55 22.88 -24.28
CA GLU A 261 26.87 21.49 -24.59
C GLU A 261 27.09 20.69 -23.31
N SER A 262 27.78 21.27 -22.32
CA SER A 262 28.12 20.54 -21.10
C SER A 262 27.05 20.70 -20.03
N ALA A 263 26.76 21.94 -19.62
CA ALA A 263 25.83 22.21 -18.54
C ALA A 263 24.88 23.32 -18.94
N THR A 264 23.84 23.51 -18.13
CA THR A 264 22.85 24.55 -18.35
C THR A 264 22.97 25.62 -17.28
N LYS A 265 23.05 26.87 -17.71
CA LYS A 265 23.10 28.01 -16.81
C LYS A 265 21.76 28.74 -16.84
N ILE A 266 21.21 29.01 -15.65
CA ILE A 266 19.92 29.67 -15.53
C ILE A 266 20.07 30.88 -14.61
N GLU A 267 19.54 32.01 -15.05
CA GLU A 267 19.52 33.23 -14.26
C GLU A 267 18.09 33.68 -14.08
N SER A 268 17.72 34.01 -12.85
CA SER A 268 16.36 34.41 -12.50
C SER A 268 16.34 35.89 -12.17
N THR A 269 15.39 36.62 -12.76
CA THR A 269 15.17 38.02 -12.46
C THR A 269 13.85 38.17 -11.73
N THR A 270 13.88 38.85 -10.59
CA THR A 270 12.69 38.99 -9.75
C THR A 270 11.72 39.96 -10.41
N ILE A 271 10.67 39.41 -11.05
CA ILE A 271 9.65 40.26 -11.66
C ILE A 271 8.85 40.98 -10.59
N ALA A 272 8.45 40.26 -9.55
CA ALA A 272 7.64 40.85 -8.49
C ALA A 272 7.79 40.01 -7.22
N PHE A 273 7.41 40.61 -6.09
CA PHE A 273 7.51 39.96 -4.80
C PHE A 273 6.38 40.44 -3.91
N VAL A 274 5.72 39.49 -3.24
CA VAL A 274 4.64 39.78 -2.30
C VAL A 274 5.00 39.14 -0.97
N LYS A 275 4.92 39.92 0.11
CA LYS A 275 5.45 39.50 1.40
C LYS A 275 4.39 39.04 2.39
N GLU A 276 3.21 39.67 2.40
CA GLU A 276 2.19 39.40 3.41
C GLU A 276 1.04 38.62 2.78
N LEU A 277 0.96 37.34 3.11
CA LEU A 277 -0.10 36.47 2.60
C LEU A 277 -0.56 35.55 3.72
N PRO A 278 -1.81 35.08 3.66
CA PRO A 278 -2.31 34.20 4.74
C PRO A 278 -1.52 32.91 4.83
N TRP A 279 -1.47 32.37 6.06
CA TRP A 279 -0.64 31.20 6.32
C TRP A 279 -1.11 29.96 5.59
N ASP A 280 -2.40 29.87 5.28
CA ASP A 280 -3.00 28.64 4.79
C ASP A 280 -2.96 28.50 3.28
N LEU A 281 -2.36 29.44 2.56
CA LEU A 281 -2.25 29.32 1.11
C LEU A 281 -1.36 28.13 0.75
N HIS A 282 -1.86 27.27 -0.14
CA HIS A 282 -1.14 26.05 -0.49
C HIS A 282 -1.08 25.72 -1.97
N THR A 283 -1.90 26.35 -2.81
CA THR A 283 -1.97 25.98 -4.22
C THR A 283 -1.99 27.23 -5.09
N ILE A 284 -1.09 27.26 -6.08
CA ILE A 284 -1.09 28.30 -7.11
C ILE A 284 -1.84 27.76 -8.31
N VAL A 285 -2.84 28.51 -8.77
CA VAL A 285 -3.58 28.15 -9.97
C VAL A 285 -3.42 29.26 -10.99
N PRO A 286 -2.41 29.20 -11.86
CA PRO A 286 -2.19 30.30 -12.80
C PRO A 286 -3.34 30.47 -13.78
N VAL A 287 -3.60 31.73 -14.14
CA VAL A 287 -4.64 32.07 -15.10
C VAL A 287 -4.02 32.96 -16.16
N SER A 288 -4.85 33.47 -17.08
CA SER A 288 -4.33 34.22 -18.22
C SER A 288 -3.61 35.49 -17.78
N ASN A 289 -4.20 36.25 -16.85
CA ASN A 289 -3.65 37.53 -16.44
C ASN A 289 -2.97 37.49 -15.09
N GLY A 290 -2.99 36.35 -14.40
CA GLY A 290 -2.38 36.27 -13.08
C GLY A 290 -2.34 34.85 -12.54
N ALA A 291 -2.60 34.71 -11.25
CA ALA A 291 -2.59 33.40 -10.61
C ALA A 291 -3.54 33.42 -9.43
N ILE A 292 -4.38 32.39 -9.34
CA ILE A 292 -5.27 32.22 -8.19
C ILE A 292 -4.56 31.37 -7.16
N ILE A 293 -4.40 31.90 -5.96
CA ILE A 293 -3.75 31.17 -4.86
C ILE A 293 -4.85 30.60 -3.98
N VAL A 294 -4.95 29.29 -3.94
CA VAL A 294 -5.98 28.59 -3.18
C VAL A 294 -5.43 28.26 -1.80
N GLY A 295 -6.17 28.66 -0.76
CA GLY A 295 -5.82 28.34 0.61
C GLY A 295 -6.95 27.57 1.27
N THR A 296 -6.66 27.10 2.49
CA THR A 296 -7.68 26.38 3.25
C THR A 296 -8.87 27.29 3.57
N ASN A 297 -8.62 28.59 3.71
CA ASN A 297 -9.65 29.53 4.11
C ASN A 297 -9.77 30.75 3.22
N GLU A 298 -8.93 30.89 2.20
CA GLU A 298 -8.93 32.09 1.36
C GLU A 298 -8.65 31.71 -0.09
N LEU A 299 -9.06 32.61 -0.99
CA LEU A 299 -8.74 32.52 -2.41
C LEU A 299 -8.12 33.85 -2.82
N ALA A 300 -6.80 33.91 -2.90
CA ALA A 300 -6.10 35.14 -3.24
C ALA A 300 -5.81 35.19 -4.73
N PHE A 301 -6.06 36.34 -5.34
CA PHE A 301 -5.74 36.58 -6.75
C PHE A 301 -4.55 37.52 -6.83
N LEU A 302 -3.48 37.06 -7.46
CA LEU A 302 -2.29 37.88 -7.70
C LEU A 302 -2.04 37.93 -9.20
N ASP A 303 -2.01 39.13 -9.75
CA ASP A 303 -1.76 39.30 -11.16
C ASP A 303 -0.28 39.04 -11.48
N ASN A 304 0.01 38.88 -12.77
CA ASN A 304 1.38 38.68 -13.20
C ASN A 304 2.27 39.87 -12.86
N THR A 305 1.68 41.06 -12.70
CA THR A 305 2.45 42.21 -12.25
C THR A 305 2.95 42.03 -10.82
N GLY A 306 2.23 41.23 -10.03
CA GLY A 306 2.69 40.88 -8.70
C GLY A 306 2.10 41.71 -7.58
N VAL A 307 0.81 42.04 -7.67
CA VAL A 307 0.09 42.74 -6.61
C VAL A 307 -1.16 41.94 -6.28
N LEU A 308 -1.40 41.73 -5.00
CA LEU A 308 -2.58 40.98 -4.55
C LEU A 308 -3.80 41.86 -4.74
N GLN A 309 -4.51 41.67 -5.86
CA GLN A 309 -5.60 42.58 -6.21
C GLN A 309 -6.82 42.34 -5.35
N SER A 310 -7.16 41.07 -5.09
CA SER A 310 -8.36 40.76 -4.33
C SER A 310 -8.20 39.40 -3.67
N THR A 311 -9.06 39.14 -2.70
CA THR A 311 -9.06 37.86 -2.00
C THR A 311 -10.47 37.58 -1.49
N VAL A 312 -10.80 36.30 -1.38
CA VAL A 312 -12.13 35.85 -0.98
C VAL A 312 -11.99 35.01 0.28
N LEU A 313 -12.75 35.36 1.32
CA LEU A 313 -12.79 34.57 2.54
C LEU A 313 -13.81 33.46 2.38
N LEU A 314 -13.39 32.22 2.61
CA LEU A 314 -14.21 31.06 2.31
C LEU A 314 -14.99 30.53 3.50
N ASN A 315 -14.47 30.68 4.72
CA ASN A 315 -15.13 30.16 5.91
C ASN A 315 -14.84 31.07 7.09
N SER A 316 -15.37 30.68 8.26
CA SER A 316 -15.16 31.46 9.46
C SER A 316 -13.71 31.44 9.94
N PHE A 317 -12.92 30.47 9.49
CA PHE A 317 -11.52 30.39 9.88
C PHE A 317 -10.61 31.30 9.06
N ALA A 318 -11.16 32.05 8.10
CA ALA A 318 -10.35 32.94 7.30
C ALA A 318 -9.71 34.02 8.17
N ASP A 319 -8.66 34.64 7.62
CA ASP A 319 -7.92 35.65 8.35
C ASP A 319 -8.72 36.94 8.43
N LYS A 320 -9.85 36.91 9.15
CA LYS A 320 -10.69 38.09 9.28
C LYS A 320 -9.97 39.16 10.08
N GLU A 321 -10.08 40.40 9.61
CA GLU A 321 -9.48 41.57 10.27
C GLU A 321 -7.98 41.41 10.46
N LEU A 322 -7.31 40.73 9.54
CA LEU A 322 -5.85 40.65 9.54
C LEU A 322 -5.23 41.11 8.23
N GLN A 323 -5.82 40.72 7.09
CA GLN A 323 -5.34 41.20 5.80
C GLN A 323 -5.53 42.71 5.71
N LYS A 324 -6.80 43.14 5.67
CA LYS A 324 -7.18 44.55 5.85
C LYS A 324 -6.36 45.50 4.99
N THR A 325 -6.14 45.13 3.74
CA THR A 325 -5.36 45.99 2.84
C THR A 325 -5.91 46.06 1.42
N LYS A 326 -7.05 45.45 1.13
CA LYS A 326 -7.55 45.38 -0.25
C LYS A 326 -9.01 44.96 -0.22
N ILE A 327 -9.55 44.62 -1.39
CA ILE A 327 -10.92 44.14 -1.48
C ILE A 327 -11.02 42.79 -0.79
N ILE A 328 -11.98 42.67 0.12
CA ILE A 328 -12.18 41.46 0.91
C ILE A 328 -13.59 40.97 0.62
N ASN A 329 -13.70 39.94 -0.21
CA ASN A 329 -14.99 39.31 -0.48
C ASN A 329 -15.28 38.30 0.62
N ASN A 330 -16.19 38.63 1.53
CA ASN A 330 -16.51 37.77 2.66
C ASN A 330 -17.63 36.82 2.26
N SER A 331 -17.37 35.52 2.38
CA SER A 331 -18.35 34.50 2.05
C SER A 331 -18.57 33.59 3.25
N SER A 332 -19.83 33.41 3.62
CA SER A 332 -20.21 32.47 4.67
C SER A 332 -20.52 31.08 4.14
N LEU A 333 -19.98 30.75 2.96
CA LEU A 333 -20.23 29.46 2.33
C LEU A 333 -19.55 28.30 3.05
N GLU A 334 -18.61 28.59 3.95
CA GLU A 334 -17.86 27.56 4.69
C GLU A 334 -17.17 26.59 3.75
N ILE A 335 -16.60 27.12 2.68
CA ILE A 335 -15.82 26.30 1.74
C ILE A 335 -14.46 26.02 2.36
N MET A 336 -14.04 24.76 2.33
CA MET A 336 -12.82 24.33 2.99
C MET A 336 -11.96 23.55 2.01
N PHE A 337 -10.80 24.12 1.65
CA PHE A 337 -9.80 23.41 0.86
C PHE A 337 -8.71 22.92 1.81
N ARG A 338 -9.05 21.88 2.55
CA ARG A 338 -8.16 21.34 3.59
C ARG A 338 -7.11 20.39 3.04
N GLU A 339 -7.14 20.09 1.74
CA GLU A 339 -6.16 19.20 1.14
C GLU A 339 -4.85 19.93 0.88
N LYS A 340 -3.79 19.13 0.72
CA LYS A 340 -2.47 19.71 0.44
C LYS A 340 -2.47 20.43 -0.90
N ASN A 341 -3.10 19.85 -1.92
CA ASN A 341 -3.16 20.45 -3.24
C ASN A 341 -4.58 20.32 -3.76
N THR A 342 -5.18 21.45 -4.15
CA THR A 342 -6.55 21.46 -4.63
C THR A 342 -6.58 21.18 -6.12
N THR A 343 -7.37 20.19 -6.52
CA THR A 343 -7.51 19.87 -7.93
C THR A 343 -8.38 20.91 -8.63
N SER A 344 -8.01 21.24 -9.86
CA SER A 344 -8.71 22.28 -10.60
C SER A 344 -8.43 22.11 -12.08
N ILE A 345 -9.29 22.73 -12.89
CA ILE A 345 -9.10 22.82 -14.33
C ILE A 345 -9.24 24.28 -14.74
N TRP A 346 -8.27 24.77 -15.51
CA TRP A 346 -8.33 26.12 -16.07
C TRP A 346 -8.54 25.98 -17.56
N ILE A 347 -9.72 26.34 -18.04
CA ILE A 347 -10.06 26.29 -19.46
C ILE A 347 -9.82 27.68 -20.04
N PRO A 348 -8.94 27.82 -21.03
CA PRO A 348 -8.66 29.15 -21.58
C PRO A 348 -9.85 29.72 -22.33
N SER A 349 -9.81 31.03 -22.52
CA SER A 349 -10.86 31.70 -23.30
C SER A 349 -10.85 31.19 -24.73
N SER A 350 -12.03 30.84 -25.24
CA SER A 350 -12.16 30.28 -26.57
C SER A 350 -12.29 31.40 -27.59
N LYS A 351 -11.39 31.41 -28.58
CA LYS A 351 -11.40 32.44 -29.60
C LYS A 351 -12.40 32.12 -30.71
N SER A 357 -12.47 37.12 -28.08
CA SER A 357 -12.03 35.90 -27.39
C SER A 357 -13.17 35.31 -26.56
N ASN A 358 -14.37 35.89 -26.73
CA ASN A 358 -15.60 35.42 -26.09
C ASN A 358 -15.59 35.60 -24.59
N ASN A 359 -14.46 36.05 -24.04
CA ASN A 359 -14.31 36.36 -22.61
C ASN A 359 -14.86 35.24 -21.73
N ASP A 360 -14.56 34.00 -22.13
CA ASP A 360 -15.11 32.82 -21.47
C ASP A 360 -14.03 31.99 -20.79
N GLU A 361 -12.99 32.63 -20.29
CA GLU A 361 -11.97 31.92 -19.52
C GLU A 361 -12.56 31.49 -18.18
N THR A 362 -12.56 30.19 -17.93
CA THR A 362 -13.22 29.62 -16.77
C THR A 362 -12.22 28.87 -15.90
N LEU A 363 -12.41 28.94 -14.59
CA LEU A 363 -11.64 28.18 -13.62
C LEU A 363 -12.60 27.43 -12.72
N LEU A 364 -12.35 26.14 -12.52
CA LEU A 364 -13.19 25.28 -11.69
C LEU A 364 -12.35 24.66 -10.60
N LEU A 365 -12.57 25.08 -9.36
CA LEU A 365 -11.95 24.40 -8.24
C LEU A 365 -12.82 23.22 -7.81
N MET A 366 -12.23 22.33 -7.03
CA MET A 366 -12.93 21.11 -6.61
C MET A 366 -12.29 20.63 -5.32
N ASP A 367 -13.06 20.61 -4.24
CA ASP A 367 -12.54 20.24 -2.93
C ASP A 367 -12.59 18.72 -2.77
N LEU A 368 -12.32 18.25 -1.55
CA LEU A 368 -12.21 16.81 -1.32
C LEU A 368 -13.57 16.13 -1.30
N LYS A 369 -14.62 16.84 -0.92
CA LYS A 369 -15.97 16.28 -0.87
C LYS A 369 -16.66 16.29 -2.22
N SER A 370 -15.91 16.48 -3.31
CA SER A 370 -16.45 16.48 -4.67
C SER A 370 -17.54 17.54 -4.83
N ASN A 371 -17.17 18.78 -4.49
CA ASN A 371 -17.99 19.95 -4.77
C ASN A 371 -17.25 20.81 -5.79
N ILE A 372 -17.87 21.04 -6.93
CA ILE A 372 -17.26 21.83 -7.99
C ILE A 372 -17.60 23.29 -7.76
N TYR A 373 -16.58 24.14 -7.71
CA TYR A 373 -16.75 25.56 -7.45
C TYR A 373 -16.33 26.35 -8.67
N TYR A 374 -17.20 27.25 -9.10
CA TYR A 374 -16.93 28.12 -10.24
C TYR A 374 -16.33 29.42 -9.74
N ILE A 375 -15.17 29.79 -10.27
CA ILE A 375 -14.49 31.03 -9.95
C ILE A 375 -14.42 31.86 -11.21
N GLN A 376 -14.98 33.07 -11.15
CA GLN A 376 -14.98 33.98 -12.29
C GLN A 376 -14.03 35.14 -12.02
N MET A 377 -13.31 35.55 -13.07
CA MET A 377 -12.37 36.67 -13.02
C MET A 377 -12.76 37.60 -14.15
N GLU A 378 -13.70 38.50 -13.88
CA GLU A 378 -14.23 39.40 -14.91
C GLU A 378 -13.37 40.65 -15.03
N ALA A 379 -12.09 40.43 -15.29
CA ALA A 379 -11.13 41.52 -15.47
C ALA A 379 -11.31 42.15 -16.84
N GLU A 380 -11.19 43.47 -16.89
CA GLU A 380 -11.18 44.20 -18.15
C GLU A 380 -9.77 44.43 -18.68
N GLY A 381 -8.75 43.96 -17.95
CA GLY A 381 -7.38 44.18 -18.32
C GLY A 381 -6.45 43.80 -17.18
N ARG A 382 -5.52 44.70 -16.82
CA ARG A 382 -4.72 44.48 -15.63
C ARG A 382 -5.59 44.48 -14.38
N LEU A 383 -6.53 45.41 -14.28
CA LEU A 383 -7.42 45.49 -13.14
C LEU A 383 -8.44 44.36 -13.16
N LEU A 384 -8.81 43.89 -11.97
CA LEU A 384 -9.74 42.78 -11.80
C LEU A 384 -11.06 43.30 -11.25
N ILE A 385 -12.17 42.78 -11.80
CA ILE A 385 -13.51 43.13 -11.36
C ILE A 385 -14.29 41.83 -11.13
N LYS A 386 -15.08 41.80 -10.05
CA LYS A 386 -16.01 40.72 -9.76
C LYS A 386 -15.28 39.37 -9.65
N PHE A 387 -14.45 39.29 -8.62
CA PHE A 387 -13.78 38.05 -8.24
C PHE A 387 -14.59 37.35 -7.17
N ASP A 388 -15.08 36.16 -7.46
CA ASP A 388 -15.95 35.45 -6.53
C ASP A 388 -15.87 33.95 -6.81
N ILE A 389 -16.38 33.17 -5.88
CA ILE A 389 -16.46 31.72 -5.98
C ILE A 389 -17.91 31.30 -5.84
N PHE A 390 -18.38 30.46 -6.76
CA PHE A 390 -19.75 29.97 -6.76
C PHE A 390 -19.75 28.46 -6.76
N LYS A 391 -20.53 27.86 -5.88
CA LYS A 391 -20.69 26.42 -5.85
C LYS A 391 -21.67 25.98 -6.92
N LEU A 392 -21.23 25.08 -7.79
CA LEU A 392 -22.08 24.60 -8.86
C LEU A 392 -23.21 23.76 -8.28
N PRO A 393 -24.47 24.08 -8.58
CA PRO A 393 -25.58 23.28 -8.04
C PRO A 393 -25.61 21.90 -8.66
N ILE A 394 -25.84 20.89 -7.81
CA ILE A 394 -25.91 19.50 -8.25
C ILE A 394 -27.29 19.00 -7.83
N VAL A 395 -28.25 19.09 -8.77
CA VAL A 395 -29.63 18.71 -8.45
C VAL A 395 -29.72 17.21 -8.22
N ASN A 396 -29.39 16.41 -9.23
CA ASN A 396 -29.28 14.97 -9.07
C ASN A 396 -27.91 14.68 -8.47
N ASP A 397 -27.90 14.13 -7.25
CA ASP A 397 -26.65 13.96 -6.52
C ASP A 397 -25.81 12.84 -7.14
N LEU A 398 -25.37 13.05 -8.38
CA LEU A 398 -24.59 12.04 -9.10
C LEU A 398 -23.15 11.97 -8.61
N LEU A 399 -22.65 13.04 -8.02
CA LEU A 399 -21.27 13.11 -7.53
C LEU A 399 -21.16 12.71 -6.07
N LYS A 400 -22.26 12.21 -5.49
CA LYS A 400 -22.27 11.82 -4.07
C LYS A 400 -21.36 10.64 -3.80
N GLU A 401 -21.31 9.68 -4.73
CA GLU A 401 -20.54 8.46 -4.53
C GLU A 401 -19.03 8.67 -4.66
N ASN A 402 -18.59 9.85 -5.08
CA ASN A 402 -17.18 10.10 -5.36
C ASN A 402 -16.60 11.06 -4.34
N SER A 403 -15.31 10.91 -4.08
CA SER A 403 -14.59 11.80 -3.18
C SER A 403 -13.12 11.79 -3.54
N ASN A 404 -12.41 12.81 -3.05
CA ASN A 404 -10.98 13.01 -3.29
C ASN A 404 -10.67 13.03 -4.77
N PRO A 405 -11.09 14.07 -5.51
CA PRO A 405 -10.75 14.15 -6.93
C PRO A 405 -9.26 14.32 -7.13
N LYS A 406 -8.75 13.68 -8.18
CA LYS A 406 -7.31 13.66 -8.46
C LYS A 406 -6.93 14.50 -9.67
N CYS A 407 -7.75 14.50 -10.72
CA CYS A 407 -7.42 15.21 -11.94
C CYS A 407 -8.69 15.59 -12.66
N ILE A 408 -8.63 16.67 -13.44
CA ILE A 408 -9.74 17.11 -14.27
C ILE A 408 -9.21 17.39 -15.67
N THR A 409 -9.87 16.85 -16.68
CA THR A 409 -9.47 17.03 -18.07
C THR A 409 -10.71 17.27 -18.92
N ARG A 410 -10.62 18.25 -19.82
CA ARG A 410 -11.70 18.53 -20.75
C ARG A 410 -11.53 17.66 -21.98
N LEU A 411 -12.60 16.92 -22.33
CA LEU A 411 -12.49 15.94 -23.39
C LEU A 411 -12.65 16.58 -24.77
N ASN A 412 -13.79 17.22 -25.02
CA ASN A 412 -14.09 17.82 -26.32
C ASN A 412 -14.19 19.33 -26.14
N ALA A 413 -13.42 20.08 -26.93
CA ALA A 413 -13.36 21.52 -26.77
C ALA A 413 -14.57 22.20 -27.39
N THR A 414 -14.75 22.02 -28.71
CA THR A 414 -15.87 22.61 -29.46
C THR A 414 -15.86 24.13 -29.37
N ASN A 415 -14.66 24.70 -29.22
CA ASN A 415 -14.41 26.14 -29.33
C ASN A 415 -15.36 26.99 -28.51
N SER A 416 -15.94 26.43 -27.45
CA SER A 416 -16.85 27.18 -26.59
C SER A 416 -16.77 26.62 -25.19
N ASN A 417 -16.53 27.48 -24.21
CA ASN A 417 -16.44 27.08 -22.82
C ASN A 417 -17.80 26.96 -22.14
N LYS A 418 -18.88 27.27 -22.86
CA LYS A 418 -20.22 27.09 -22.30
C LYS A 418 -20.51 25.61 -22.07
N ASN A 419 -20.25 24.77 -23.06
CA ASN A 419 -20.44 23.34 -22.96
C ASN A 419 -19.08 22.67 -22.75
N MET A 420 -18.96 21.87 -21.69
CA MET A 420 -17.70 21.23 -21.37
C MET A 420 -17.94 19.78 -20.98
N ASP A 421 -17.15 18.88 -21.57
CA ASP A 421 -17.11 17.48 -21.16
C ASP A 421 -15.85 17.27 -20.33
N LEU A 422 -16.03 16.91 -19.06
CA LEU A 422 -14.94 16.83 -18.11
C LEU A 422 -14.73 15.39 -17.66
N PHE A 423 -13.48 14.94 -17.70
CA PHE A 423 -13.09 13.67 -17.10
C PHE A 423 -12.42 13.95 -15.77
N ILE A 424 -12.97 13.41 -14.69
CA ILE A 424 -12.45 13.61 -13.35
C ILE A 424 -12.15 12.25 -12.74
N GLY A 425 -10.91 12.07 -12.26
CA GLY A 425 -10.52 10.88 -11.55
C GLY A 425 -10.66 11.08 -10.05
N PHE A 426 -11.15 10.05 -9.37
CA PHE A 426 -11.44 10.15 -7.94
C PHE A 426 -10.68 9.07 -7.20
N GLY A 427 -10.31 9.39 -5.95
CA GLY A 427 -9.62 8.43 -5.12
C GLY A 427 -10.51 7.37 -4.51
N SER A 428 -11.81 7.61 -4.44
CA SER A 428 -12.75 6.69 -3.81
C SER A 428 -13.84 6.19 -4.74
N GLY A 429 -14.44 7.08 -5.52
CA GLY A 429 -15.49 6.69 -6.44
C GLY A 429 -14.96 6.39 -7.83
N ASN A 430 -15.87 6.04 -8.72
CA ASN A 430 -15.52 5.80 -10.11
C ASN A 430 -15.05 7.09 -10.77
N ALA A 431 -14.04 7.00 -11.61
CA ALA A 431 -13.65 8.13 -12.43
C ALA A 431 -14.77 8.44 -13.42
N LEU A 432 -15.15 9.70 -13.50
CA LEU A 432 -16.38 10.10 -14.19
C LEU A 432 -16.07 10.95 -15.41
N VAL A 433 -16.92 10.82 -16.43
CA VAL A 433 -16.93 11.71 -17.58
C VAL A 433 -18.23 12.51 -17.47
N LEU A 434 -18.13 13.74 -17.00
CA LEU A 434 -19.29 14.59 -16.78
C LEU A 434 -19.43 15.60 -17.90
N ARG A 435 -20.67 16.03 -18.13
CA ARG A 435 -20.98 17.05 -19.13
C ARG A 435 -21.61 18.24 -18.41
N LEU A 436 -20.92 19.37 -18.41
CA LEU A 436 -21.42 20.61 -17.83
C LEU A 436 -22.04 21.45 -18.93
N ASN A 437 -23.29 21.86 -18.73
CA ASN A 437 -24.08 22.45 -19.80
C ASN A 437 -23.99 23.98 -19.83
N ASN A 438 -24.36 24.65 -18.74
CA ASN A 438 -24.43 26.11 -18.72
C ASN A 438 -23.68 26.62 -17.49
N LEU A 439 -22.45 27.04 -17.68
CA LEU A 439 -21.64 27.60 -16.60
C LEU A 439 -22.12 29.01 -16.32
N LYS A 440 -22.97 29.17 -15.31
CA LYS A 440 -23.58 30.44 -14.98
C LYS A 440 -23.25 30.82 -13.54
N SER A 441 -23.19 32.13 -13.29
CA SER A 441 -22.89 32.64 -11.96
C SER A 441 -24.14 32.70 -11.10
N PRO A 496 -29.57 27.99 -17.29
CA PRO A 496 -29.79 26.90 -16.34
C PRO A 496 -28.69 25.86 -16.35
N PHE A 497 -27.86 25.84 -15.31
CA PHE A 497 -26.76 24.89 -15.23
C PHE A 497 -27.30 23.47 -15.10
N ASP A 498 -26.75 22.56 -15.89
CA ASP A 498 -27.11 21.15 -15.83
C ASP A 498 -25.86 20.30 -15.94
N ILE A 499 -25.80 19.25 -15.14
CA ILE A 499 -24.68 18.31 -15.14
C ILE A 499 -25.22 16.90 -15.31
N GLU A 500 -24.67 16.16 -16.27
CA GLU A 500 -25.11 14.81 -16.56
C GLU A 500 -23.91 13.88 -16.63
N LEU A 501 -24.12 12.62 -16.25
CA LEU A 501 -23.07 11.61 -16.26
C LEU A 501 -23.08 10.89 -17.60
N LEU A 502 -21.98 11.00 -18.33
CA LEU A 502 -21.86 10.35 -19.63
C LEU A 502 -21.39 8.91 -19.52
N SER A 503 -20.32 8.68 -18.77
CA SER A 503 -19.77 7.34 -18.56
C SER A 503 -18.92 7.37 -17.30
N SER A 504 -18.34 6.22 -16.96
CA SER A 504 -17.51 6.12 -15.78
C SER A 504 -16.49 5.01 -15.95
N LEU A 505 -15.34 5.18 -15.31
CA LEU A 505 -14.31 4.15 -15.24
C LEU A 505 -14.44 3.45 -13.89
N ARG A 506 -14.59 2.14 -13.91
CA ARG A 506 -14.80 1.39 -12.67
C ARG A 506 -13.60 1.58 -11.73
N ASN A 507 -13.91 1.92 -10.48
CA ASN A 507 -12.89 2.14 -9.46
C ASN A 507 -13.31 1.37 -8.21
N VAL A 508 -12.51 0.37 -7.84
CA VAL A 508 -12.79 -0.40 -6.60
C VAL A 508 -12.30 0.45 -5.43
N GLY A 509 -12.14 1.76 -5.67
CA GLY A 509 -11.74 2.70 -4.61
C GLY A 509 -10.56 2.19 -3.80
N PRO A 510 -10.41 2.60 -2.53
CA PRO A 510 -9.36 2.06 -1.69
C PRO A 510 -9.82 0.71 -1.12
N ILE A 511 -9.16 -0.39 -1.52
CA ILE A 511 -9.49 -1.70 -0.90
C ILE A 511 -8.99 -1.63 0.53
N THR A 512 -9.90 -1.43 1.50
CA THR A 512 -9.47 -1.22 2.91
C THR A 512 -9.61 -2.50 3.72
N SER A 513 -10.21 -3.55 3.15
CA SER A 513 -10.35 -4.84 3.85
C SER A 513 -10.42 -5.98 2.83
N LEU A 514 -9.85 -7.14 3.18
CA LEU A 514 -9.90 -8.32 2.27
C LEU A 514 -10.26 -9.56 3.08
N THR A 515 -11.21 -10.34 2.58
CA THR A 515 -11.64 -11.58 3.24
C THR A 515 -12.09 -12.56 2.18
N VAL A 516 -12.17 -13.83 2.57
CA VAL A 516 -12.59 -14.91 1.70
C VAL A 516 -13.92 -15.45 2.21
N GLY A 517 -14.88 -15.60 1.32
CA GLY A 517 -16.18 -16.13 1.68
C GLY A 517 -16.88 -16.67 0.46
N LYS A 518 -18.11 -17.13 0.68
CA LYS A 518 -18.93 -17.70 -0.38
C LYS A 518 -19.88 -16.61 -0.88
N VAL A 519 -19.61 -16.08 -2.07
CA VAL A 519 -20.52 -15.16 -2.72
C VAL A 519 -21.42 -15.89 -3.71
N SER A 520 -20.86 -16.83 -4.45
CA SER A 520 -21.60 -17.86 -5.15
C SER A 520 -21.49 -19.15 -4.35
N SER A 521 -22.10 -20.21 -4.86
CA SER A 521 -22.02 -21.56 -4.30
C SER A 521 -22.59 -21.64 -2.88
N ILE A 522 -23.41 -20.68 -2.47
CA ILE A 522 -24.11 -20.82 -1.19
C ILE A 522 -25.10 -21.98 -1.27
N ASP A 523 -25.86 -22.04 -2.35
CA ASP A 523 -26.78 -23.14 -2.61
C ASP A 523 -26.13 -24.14 -3.55
N ASP A 524 -26.14 -25.42 -3.16
CA ASP A 524 -25.51 -26.46 -3.95
C ASP A 524 -26.28 -26.82 -5.20
N VAL A 525 -27.52 -26.36 -5.34
CA VAL A 525 -28.37 -26.70 -6.47
C VAL A 525 -28.96 -25.41 -7.05
N VAL A 526 -28.79 -25.22 -8.34
CA VAL A 526 -29.36 -24.09 -9.07
C VAL A 526 -30.27 -24.64 -10.15
N LYS A 527 -31.58 -24.39 -10.01
CA LYS A 527 -32.58 -24.85 -10.97
C LYS A 527 -32.49 -26.37 -11.18
N GLY A 528 -32.40 -27.09 -10.09
CA GLY A 528 -32.33 -28.55 -10.13
C GLY A 528 -30.95 -29.12 -10.25
N LEU A 529 -30.14 -28.56 -11.15
CA LEU A 529 -28.79 -29.03 -11.37
C LEU A 529 -27.84 -28.44 -10.32
N PRO A 530 -26.70 -29.08 -10.09
CA PRO A 530 -25.72 -28.53 -9.15
C PRO A 530 -25.20 -27.18 -9.61
N ASN A 531 -24.80 -26.37 -8.65
CA ASN A 531 -24.28 -25.04 -8.94
C ASN A 531 -23.06 -25.16 -9.85
N PRO A 532 -23.04 -24.47 -10.99
CA PRO A 532 -21.87 -24.58 -11.88
C PRO A 532 -20.57 -24.18 -11.22
N ASN A 533 -20.55 -23.09 -10.46
CA ASN A 533 -19.40 -22.76 -9.63
C ASN A 533 -19.65 -23.18 -8.17
N LYS A 534 -19.82 -24.48 -7.98
CA LYS A 534 -20.03 -25.02 -6.65
C LYS A 534 -18.72 -25.03 -5.87
N ASN A 535 -18.85 -24.99 -4.55
CA ASN A 535 -17.74 -24.96 -3.59
C ASN A 535 -16.59 -24.08 -4.08
N GLU A 536 -16.96 -22.88 -4.52
CA GLU A 536 -16.00 -21.89 -5.00
C GLU A 536 -16.04 -20.69 -4.07
N TYR A 537 -14.89 -20.31 -3.54
CA TYR A 537 -14.76 -19.15 -2.69
C TYR A 537 -14.20 -17.97 -3.49
N SER A 538 -14.43 -16.77 -2.98
CA SER A 538 -14.02 -15.57 -3.69
C SER A 538 -13.52 -14.53 -2.70
N LEU A 539 -12.57 -13.70 -3.16
CA LEU A 539 -12.14 -12.56 -2.39
C LEU A 539 -13.22 -11.50 -2.37
N VAL A 540 -13.56 -11.01 -1.18
CA VAL A 540 -14.52 -9.92 -1.02
C VAL A 540 -13.80 -8.78 -0.32
N ALA A 541 -13.83 -7.59 -0.93
CA ALA A 541 -13.09 -6.46 -0.36
C ALA A 541 -14.03 -5.31 0.01
N THR A 542 -13.56 -4.38 0.84
CA THR A 542 -14.37 -3.18 1.16
C THR A 542 -13.85 -2.06 0.25
N SER A 543 -14.75 -1.34 -0.43
CA SER A 543 -14.33 -0.33 -1.39
C SER A 543 -15.01 1.00 -1.04
N GLY A 544 -14.34 2.09 -1.41
CA GLY A 544 -14.87 3.41 -1.20
C GLY A 544 -14.48 4.01 0.13
N ASN A 545 -14.75 5.30 0.28
CA ASN A 545 -14.36 6.05 1.48
C ASN A 545 -15.48 6.88 2.10
N GLY A 546 -16.60 7.07 1.42
CA GLY A 546 -17.65 7.90 1.99
C GLY A 546 -19.05 7.35 1.79
N SER A 547 -19.94 8.18 1.27
CA SER A 547 -21.31 7.75 1.01
C SER A 547 -21.33 6.61 -0.01
N GLY A 548 -20.52 6.72 -1.05
CA GLY A 548 -20.38 5.63 -1.99
C GLY A 548 -19.30 4.68 -1.53
N SER A 549 -19.70 3.61 -0.85
CA SER A 549 -18.77 2.63 -0.32
C SER A 549 -19.49 1.29 -0.29
N HIS A 550 -18.85 0.27 -0.85
CA HIS A 550 -19.53 -0.96 -1.21
C HIS A 550 -18.63 -2.15 -0.93
N LEU A 551 -19.13 -3.34 -1.25
CA LEU A 551 -18.35 -4.56 -1.23
C LEU A 551 -18.02 -4.95 -2.67
N THR A 552 -16.74 -5.20 -2.92
CA THR A 552 -16.28 -5.63 -4.25
C THR A 552 -15.93 -7.10 -4.18
N VAL A 553 -16.71 -7.93 -4.88
CA VAL A 553 -16.43 -9.36 -4.94
C VAL A 553 -15.42 -9.58 -6.06
N ILE A 554 -14.20 -9.95 -5.69
CA ILE A 554 -13.14 -10.21 -6.66
C ILE A 554 -13.28 -11.68 -7.05
N GLN A 555 -14.15 -11.93 -8.03
CA GLN A 555 -14.51 -13.30 -8.39
C GLN A 555 -13.34 -14.01 -9.03
N THR A 556 -13.03 -15.21 -8.53
CA THR A 556 -11.99 -16.02 -9.14
C THR A 556 -12.42 -16.56 -10.51
N SER A 557 -13.73 -16.59 -10.77
CA SER A 557 -14.25 -17.07 -12.04
C SER A 557 -15.54 -16.34 -12.34
N VAL A 558 -15.91 -16.33 -13.63
CA VAL A 558 -17.15 -15.69 -14.04
C VAL A 558 -18.33 -16.54 -13.57
N GLN A 559 -19.28 -15.90 -12.89
CA GLN A 559 -20.48 -16.58 -12.46
C GLN A 559 -21.60 -16.30 -13.44
N PRO A 560 -22.03 -17.29 -14.23
CA PRO A 560 -23.09 -17.05 -15.20
C PRO A 560 -24.48 -17.23 -14.60
N GLU A 561 -25.41 -16.43 -15.10
CA GLU A 561 -26.81 -16.56 -14.72
C GLU A 561 -27.42 -17.73 -15.48
N ILE A 562 -28.07 -18.63 -14.74
CA ILE A 562 -28.71 -19.81 -15.32
C ILE A 562 -30.19 -19.53 -15.45
N GLU A 563 -30.74 -19.68 -16.65
CA GLU A 563 -32.16 -19.53 -16.89
C GLU A 563 -32.80 -20.80 -17.42
N LEU A 564 -32.06 -21.89 -17.55
CA LEU A 564 -32.59 -23.17 -18.01
C LEU A 564 -31.56 -24.24 -17.70
N ALA A 565 -32.01 -25.34 -17.10
CA ALA A 565 -31.13 -26.45 -16.76
C ALA A 565 -31.84 -27.76 -17.06
N LEU A 566 -31.14 -28.66 -17.74
CA LEU A 566 -31.70 -29.96 -18.09
C LEU A 566 -30.60 -31.00 -18.09
N LYS A 567 -30.99 -32.26 -17.94
CA LYS A 567 -30.06 -33.38 -17.90
C LYS A 567 -30.12 -34.14 -19.22
N PHE A 568 -28.96 -34.32 -19.84
CA PHE A 568 -28.85 -35.22 -20.99
C PHE A 568 -28.38 -36.59 -20.53
N ILE A 569 -28.39 -37.54 -21.45
CA ILE A 569 -28.07 -38.93 -21.13
C ILE A 569 -26.64 -39.30 -21.54
N SER A 570 -26.29 -39.11 -22.81
CA SER A 570 -24.94 -39.41 -23.27
C SER A 570 -24.68 -38.62 -24.55
N ILE A 571 -23.86 -37.58 -24.45
CA ILE A 571 -23.50 -36.76 -25.60
C ILE A 571 -22.01 -36.42 -25.50
N THR A 572 -21.44 -36.04 -26.64
CA THR A 572 -20.08 -35.51 -26.68
C THR A 572 -20.00 -34.12 -27.29
N GLN A 573 -20.97 -33.71 -28.12
CA GLN A 573 -21.02 -32.38 -28.68
C GLN A 573 -22.47 -32.07 -29.04
N ILE A 574 -22.81 -30.79 -29.00
CA ILE A 574 -24.18 -30.35 -29.30
C ILE A 574 -24.11 -29.18 -30.28
N TRP A 575 -25.21 -29.01 -31.01
CA TRP A 575 -25.37 -27.87 -31.91
C TRP A 575 -26.81 -27.39 -31.82
N ASN A 576 -26.99 -26.08 -31.80
CA ASN A 576 -28.31 -25.47 -31.78
C ASN A 576 -28.54 -24.73 -33.09
N LEU A 577 -29.67 -25.00 -33.74
CA LEU A 577 -29.98 -24.45 -35.04
C LEU A 577 -31.05 -23.39 -34.91
N LYS A 578 -30.79 -22.22 -35.49
CA LYS A 578 -31.74 -21.11 -35.51
C LYS A 578 -32.17 -20.88 -36.95
N ILE A 579 -33.41 -21.25 -37.27
CA ILE A 579 -33.89 -21.17 -38.65
C ILE A 579 -34.62 -19.87 -38.87
N LYS A 580 -35.76 -19.69 -38.19
CA LYS A 580 -36.50 -18.43 -38.24
C LYS A 580 -36.16 -17.54 -37.06
N GLY A 581 -34.86 -17.33 -36.82
CA GLY A 581 -34.44 -16.56 -35.67
C GLY A 581 -34.82 -17.16 -34.33
N ARG A 582 -35.19 -18.44 -34.31
CA ARG A 582 -35.64 -19.10 -33.09
C ARG A 582 -34.98 -20.46 -32.97
N ASP A 583 -34.90 -20.96 -31.74
CA ASP A 583 -34.18 -22.20 -31.45
C ASP A 583 -35.03 -23.39 -31.87
N ARG A 584 -34.51 -24.19 -32.80
CA ARG A 584 -35.12 -25.45 -33.20
C ARG A 584 -34.01 -26.46 -33.45
N TYR A 585 -34.32 -27.75 -33.28
CA TYR A 585 -33.44 -28.84 -33.71
C TYR A 585 -32.06 -28.71 -33.05
N LEU A 586 -32.03 -28.95 -31.74
CA LEU A 586 -30.77 -28.99 -31.01
C LEU A 586 -30.16 -30.38 -31.23
N ILE A 587 -29.22 -30.46 -32.18
CA ILE A 587 -28.60 -31.73 -32.54
C ILE A 587 -27.55 -32.09 -31.50
N THR A 588 -27.63 -33.32 -30.99
CA THR A 588 -26.63 -33.87 -30.10
C THR A 588 -25.99 -35.09 -30.76
N THR A 589 -24.72 -35.32 -30.44
CA THR A 589 -23.99 -36.47 -30.97
C THR A 589 -23.22 -37.15 -29.84
N ASP A 590 -22.97 -38.44 -30.02
CA ASP A 590 -22.19 -39.25 -29.09
C ASP A 590 -21.07 -39.91 -29.89
N SER A 591 -19.85 -39.39 -29.73
CA SER A 591 -18.71 -39.91 -30.48
C SER A 591 -18.42 -41.36 -30.13
N THR A 592 -18.58 -41.72 -28.86
CA THR A 592 -18.26 -43.09 -28.44
C THR A 592 -19.18 -44.11 -29.10
N LYS A 593 -20.48 -43.84 -29.11
CA LYS A 593 -21.46 -44.79 -29.64
C LYS A 593 -21.83 -44.54 -31.10
N SER A 594 -21.26 -43.51 -31.73
CA SER A 594 -21.58 -43.14 -33.11
C SER A 594 -23.09 -42.94 -33.29
N ARG A 595 -23.60 -41.96 -32.56
CA ARG A 595 -25.03 -41.65 -32.57
C ARG A 595 -25.22 -40.14 -32.74
N SER A 596 -26.39 -39.77 -33.23
CA SER A 596 -26.76 -38.38 -33.40
C SER A 596 -28.27 -38.24 -33.25
N ASP A 597 -28.70 -37.41 -32.30
CA ASP A 597 -30.11 -37.19 -32.06
C ASP A 597 -30.49 -35.78 -32.51
N ILE A 598 -31.79 -35.53 -32.58
CA ILE A 598 -32.32 -34.31 -33.19
C ILE A 598 -32.82 -33.33 -32.13
N TYR A 599 -33.66 -33.78 -31.21
CA TYR A 599 -34.04 -33.01 -30.02
C TYR A 599 -34.55 -31.60 -30.38
N GLU A 600 -35.70 -31.58 -31.05
CA GLU A 600 -36.34 -30.32 -31.40
C GLU A 600 -36.52 -29.45 -30.16
N SER A 601 -35.85 -28.31 -30.13
CA SER A 601 -35.79 -27.47 -28.94
C SER A 601 -36.94 -26.48 -28.84
N ASP A 602 -37.90 -26.53 -29.77
CA ASP A 602 -39.06 -25.66 -29.67
C ASP A 602 -39.89 -25.98 -28.44
N ASN A 603 -40.04 -27.27 -28.11
CA ASN A 603 -40.92 -27.71 -27.03
C ASN A 603 -40.19 -28.73 -26.15
N ASN A 604 -39.50 -28.24 -25.12
CA ASN A 604 -38.93 -29.06 -24.06
C ASN A 604 -37.95 -30.10 -24.61
N PHE A 605 -37.30 -29.81 -25.73
CA PHE A 605 -36.28 -30.68 -26.31
C PHE A 605 -36.81 -32.09 -26.57
N LYS A 606 -38.06 -32.17 -27.02
CA LYS A 606 -38.64 -33.47 -27.36
C LYS A 606 -37.97 -34.05 -28.60
N LEU A 607 -37.97 -35.38 -28.68
CA LEU A 607 -37.37 -36.06 -29.83
C LEU A 607 -38.20 -35.77 -31.07
N HIS A 608 -37.59 -35.10 -32.05
CA HIS A 608 -38.30 -34.77 -33.28
C HIS A 608 -38.66 -36.03 -34.07
N LYS A 609 -37.72 -36.96 -34.19
CA LYS A 609 -37.90 -38.25 -34.85
C LYS A 609 -38.33 -38.11 -36.30
N GLY A 610 -38.16 -36.94 -36.90
CA GLY A 610 -38.55 -36.71 -38.28
C GLY A 610 -37.35 -36.26 -39.11
N GLY A 611 -37.46 -36.44 -40.43
CA GLY A 611 -36.39 -36.07 -41.32
C GLY A 611 -35.37 -37.18 -41.50
N ARG A 612 -34.70 -37.20 -42.65
CA ARG A 612 -33.73 -38.24 -42.97
C ARG A 612 -32.33 -37.83 -42.55
N LEU A 613 -32.21 -37.40 -41.30
CA LEU A 613 -30.90 -37.08 -40.74
C LEU A 613 -30.19 -38.37 -40.31
N ARG A 614 -28.87 -38.37 -40.46
CA ARG A 614 -28.09 -39.55 -40.11
C ARG A 614 -28.01 -39.71 -38.60
N ARG A 615 -28.92 -40.51 -38.05
CA ARG A 615 -28.97 -40.76 -36.60
C ARG A 615 -27.97 -41.80 -36.13
N ASP A 616 -27.32 -42.51 -37.04
CA ASP A 616 -26.54 -43.69 -36.69
C ASP A 616 -25.04 -43.50 -36.90
N ALA A 617 -24.56 -42.26 -36.81
CA ALA A 617 -23.13 -42.02 -36.94
C ALA A 617 -22.77 -40.71 -36.24
N THR A 618 -21.50 -40.58 -35.90
CA THR A 618 -21.03 -39.40 -35.18
C THR A 618 -21.06 -38.18 -36.07
N THR A 619 -21.75 -37.14 -35.62
CA THR A 619 -21.80 -35.86 -36.34
C THR A 619 -20.57 -35.04 -35.98
N VAL A 620 -19.78 -34.68 -36.98
CA VAL A 620 -18.61 -33.84 -36.73
C VAL A 620 -19.02 -32.37 -36.64
N TYR A 621 -19.97 -31.95 -37.48
CA TYR A 621 -20.41 -30.57 -37.49
C TYR A 621 -21.75 -30.50 -38.21
N ILE A 622 -22.61 -29.59 -37.76
CA ILE A 622 -23.90 -29.34 -38.38
C ILE A 622 -24.29 -27.89 -38.11
N SER A 623 -24.77 -27.20 -39.14
CA SER A 623 -25.18 -25.81 -39.00
C SER A 623 -26.12 -25.45 -40.13
N MET A 624 -26.79 -24.31 -39.96
CA MET A 624 -27.61 -23.76 -41.03
C MET A 624 -26.72 -23.34 -42.20
N PHE A 625 -27.30 -23.38 -43.40
CA PHE A 625 -26.52 -23.17 -44.61
C PHE A 625 -27.43 -22.59 -45.68
N GLY A 626 -26.82 -21.93 -46.66
CA GLY A 626 -27.56 -21.36 -47.77
C GLY A 626 -28.54 -20.28 -47.35
N GLU A 627 -28.08 -19.34 -46.53
CA GLU A 627 -28.93 -18.27 -45.99
C GLU A 627 -30.13 -18.85 -45.24
N GLU A 628 -29.85 -19.80 -44.34
CA GLU A 628 -30.84 -20.42 -43.47
C GLU A 628 -31.92 -21.18 -44.25
N LYS A 629 -31.66 -21.50 -45.50
CA LYS A 629 -32.56 -22.32 -46.30
C LYS A 629 -32.12 -23.76 -46.41
N ARG A 630 -30.90 -24.08 -45.96
CA ARG A 630 -30.37 -25.44 -46.02
C ARG A 630 -29.71 -25.78 -44.71
N ILE A 631 -29.65 -27.08 -44.42
CA ILE A 631 -28.96 -27.60 -43.25
C ILE A 631 -27.90 -28.58 -43.73
N ILE A 632 -26.65 -28.32 -43.38
CA ILE A 632 -25.54 -29.15 -43.80
C ILE A 632 -25.01 -29.89 -42.57
N GLN A 633 -24.85 -31.21 -42.70
CA GLN A 633 -24.36 -32.05 -41.61
C GLN A 633 -23.15 -32.82 -42.11
N VAL A 634 -22.02 -32.64 -41.45
CA VAL A 634 -20.79 -33.33 -41.79
C VAL A 634 -20.60 -34.47 -40.81
N THR A 635 -20.68 -35.70 -41.31
CA THR A 635 -20.57 -36.89 -40.49
C THR A 635 -19.10 -37.33 -40.47
N THR A 636 -18.84 -38.52 -39.94
CA THR A 636 -17.47 -39.00 -39.86
C THR A 636 -16.84 -39.14 -41.23
N ASN A 637 -17.55 -39.73 -42.18
CA ASN A 637 -17.02 -39.97 -43.51
C ASN A 637 -17.90 -39.42 -44.62
N HIS A 638 -19.02 -38.78 -44.30
CA HIS A 638 -19.95 -38.29 -45.31
C HIS A 638 -20.35 -36.86 -45.02
N LEU A 639 -20.68 -36.13 -46.07
CA LEU A 639 -21.23 -34.78 -45.98
C LEU A 639 -22.64 -34.79 -46.55
N TYR A 640 -23.59 -34.29 -45.78
CA TYR A 640 -24.99 -34.30 -46.16
C TYR A 640 -25.54 -32.90 -46.20
N LEU A 641 -26.39 -32.62 -47.19
CA LEU A 641 -27.07 -31.35 -47.32
C LEU A 641 -28.56 -31.58 -47.24
N TYR A 642 -29.22 -30.91 -46.30
CA TYR A 642 -30.66 -30.97 -46.13
C TYR A 642 -31.26 -29.59 -46.34
N ASP A 643 -32.57 -29.50 -46.18
CA ASP A 643 -33.27 -28.24 -46.13
C ASP A 643 -33.89 -28.05 -44.74
N THR A 644 -34.72 -27.02 -44.60
CA THR A 644 -35.31 -26.70 -43.30
C THR A 644 -36.07 -27.89 -42.72
N HIS A 645 -36.71 -28.67 -43.58
CA HIS A 645 -37.51 -29.82 -43.14
C HIS A 645 -36.70 -31.11 -43.07
N PHE A 646 -35.38 -31.04 -43.17
CA PHE A 646 -34.49 -32.19 -43.04
C PHE A 646 -34.80 -33.26 -44.09
N ARG A 647 -34.81 -32.83 -45.34
CA ARG A 647 -34.93 -33.73 -46.49
C ARG A 647 -33.60 -33.75 -47.23
N ARG A 648 -33.06 -34.93 -47.46
CA ARG A 648 -31.76 -35.06 -48.10
C ARG A 648 -31.81 -34.51 -49.52
N LEU A 649 -30.82 -33.70 -49.86
CA LEU A 649 -30.69 -33.13 -51.20
C LEU A 649 -29.37 -33.46 -51.88
N THR A 650 -28.28 -33.56 -51.12
CA THR A 650 -26.98 -33.89 -51.68
C THR A 650 -26.20 -34.72 -50.67
N THR A 651 -25.34 -35.59 -51.17
CA THR A 651 -24.50 -36.44 -50.34
C THR A 651 -23.11 -36.51 -50.94
N ILE A 652 -22.09 -36.39 -50.09
CA ILE A 652 -20.70 -36.49 -50.49
C ILE A 652 -20.01 -37.50 -49.60
N LYS A 653 -19.35 -38.48 -50.20
CA LYS A 653 -18.61 -39.50 -49.47
C LYS A 653 -17.14 -39.13 -49.42
N PHE A 654 -16.56 -39.21 -48.23
CA PHE A 654 -15.15 -38.91 -48.02
C PHE A 654 -14.39 -40.21 -47.75
N ASP A 655 -13.28 -40.40 -48.47
CA ASP A 655 -12.50 -41.62 -48.29
C ASP A 655 -11.94 -41.73 -46.88
N TYR A 656 -11.44 -40.62 -46.34
CA TYR A 656 -10.89 -40.57 -44.99
C TYR A 656 -11.83 -39.78 -44.09
N GLU A 657 -11.81 -40.11 -42.79
CA GLU A 657 -12.68 -39.45 -41.85
C GLU A 657 -12.29 -37.98 -41.69
N VAL A 658 -13.29 -37.11 -41.61
CA VAL A 658 -13.05 -35.68 -41.52
C VAL A 658 -12.67 -35.31 -40.10
N ILE A 659 -11.93 -34.22 -39.95
CA ILE A 659 -11.45 -33.78 -38.64
C ILE A 659 -11.96 -32.39 -38.36
N HIS A 660 -11.56 -31.41 -39.18
CA HIS A 660 -11.95 -30.02 -39.00
C HIS A 660 -12.84 -29.59 -40.16
N VAL A 661 -14.01 -29.04 -39.83
CA VAL A 661 -14.94 -28.55 -40.83
C VAL A 661 -15.48 -27.20 -40.37
N SER A 662 -15.41 -26.19 -41.25
CA SER A 662 -15.91 -24.86 -40.97
C SER A 662 -16.86 -24.44 -42.08
N VAL A 663 -17.86 -23.65 -41.72
CA VAL A 663 -18.94 -23.26 -42.63
C VAL A 663 -19.10 -21.75 -42.61
N MET A 664 -19.11 -21.15 -43.79
CA MET A 664 -19.59 -19.80 -44.00
C MET A 664 -20.90 -19.87 -44.80
N ASP A 665 -21.45 -18.70 -45.12
CA ASP A 665 -22.76 -18.68 -45.76
C ASP A 665 -22.79 -19.39 -47.11
N PRO A 666 -21.87 -19.13 -48.06
CA PRO A 666 -21.92 -19.87 -49.32
C PRO A 666 -20.94 -21.04 -49.41
N TYR A 667 -20.04 -21.18 -48.44
CA TYR A 667 -18.95 -22.14 -48.54
C TYR A 667 -18.88 -23.03 -47.31
N ILE A 668 -18.29 -24.20 -47.50
CA ILE A 668 -17.96 -25.12 -46.42
C ILE A 668 -16.55 -25.65 -46.65
N LEU A 669 -15.75 -25.66 -45.58
CA LEU A 669 -14.38 -26.15 -45.62
C LEU A 669 -14.31 -27.47 -44.86
N VAL A 670 -13.72 -28.49 -45.46
CA VAL A 670 -13.63 -29.82 -44.88
C VAL A 670 -12.18 -30.29 -44.93
N THR A 671 -11.68 -30.77 -43.80
CA THR A 671 -10.35 -31.36 -43.70
C THR A 671 -10.49 -32.83 -43.29
N VAL A 672 -9.72 -33.70 -43.93
CA VAL A 672 -9.78 -35.13 -43.63
C VAL A 672 -8.45 -35.57 -43.03
N SER A 673 -8.37 -36.84 -42.62
CA SER A 673 -7.19 -37.33 -41.93
C SER A 673 -5.96 -37.35 -42.82
N ARG A 674 -6.13 -37.39 -44.14
CA ARG A 674 -4.97 -37.41 -45.04
C ARG A 674 -4.19 -36.10 -45.00
N GLY A 675 -4.79 -35.03 -44.47
CA GLY A 675 -4.14 -33.74 -44.39
C GLY A 675 -4.49 -32.77 -45.50
N ASP A 676 -5.16 -33.23 -46.56
CA ASP A 676 -5.52 -32.37 -47.66
C ASP A 676 -6.86 -31.67 -47.39
N ILE A 677 -7.05 -30.56 -48.07
CA ILE A 677 -8.20 -29.67 -47.85
C ILE A 677 -9.24 -29.93 -48.91
N LYS A 678 -10.51 -29.86 -48.53
CA LYS A 678 -11.63 -29.92 -49.46
C LYS A 678 -12.59 -28.78 -49.15
N ILE A 679 -12.78 -27.90 -50.12
CA ILE A 679 -13.67 -26.73 -49.97
C ILE A 679 -14.79 -26.86 -50.99
N PHE A 680 -16.03 -26.71 -50.53
CA PHE A 680 -17.20 -26.81 -51.38
C PHE A 680 -18.00 -25.52 -51.32
N GLU A 681 -18.67 -25.21 -52.42
CA GLU A 681 -19.49 -24.01 -52.54
C GLU A 681 -20.91 -24.39 -52.94
N LEU A 682 -21.88 -23.85 -52.21
CA LEU A 682 -23.28 -24.09 -52.56
C LEU A 682 -23.67 -23.28 -53.79
N GLU A 683 -24.37 -23.93 -54.71
CA GLU A 683 -24.84 -23.24 -55.90
C GLU A 683 -25.93 -22.22 -55.53
N GLU A 684 -25.85 -21.04 -56.15
CA GLU A 684 -26.68 -19.93 -55.71
C GLU A 684 -28.12 -20.08 -56.20
N LYS A 685 -28.32 -20.67 -57.38
CA LYS A 685 -29.65 -20.67 -58.00
C LYS A 685 -30.65 -21.45 -57.17
N ASN A 686 -30.43 -22.75 -57.00
CA ASN A 686 -31.38 -23.60 -56.28
C ASN A 686 -30.68 -24.53 -55.30
N LYS A 687 -29.49 -24.17 -54.84
CA LYS A 687 -28.73 -24.92 -53.85
C LYS A 687 -28.56 -26.37 -54.33
N ARG A 688 -28.54 -27.31 -53.38
CA ARG A 688 -28.57 -28.76 -53.64
C ARG A 688 -27.56 -29.20 -54.70
N LYS A 689 -26.48 -28.44 -54.86
CA LYS A 689 -25.43 -28.80 -55.80
C LYS A 689 -24.08 -29.02 -55.13
N LEU A 690 -23.62 -28.06 -54.32
CA LEU A 690 -22.37 -28.15 -53.58
C LEU A 690 -21.17 -28.38 -54.52
N LEU A 691 -20.94 -27.37 -55.36
CA LEU A 691 -19.83 -27.42 -56.29
C LEU A 691 -18.49 -27.35 -55.56
N LYS A 692 -17.47 -27.91 -56.20
CA LYS A 692 -16.12 -27.88 -55.66
C LYS A 692 -15.47 -26.52 -55.89
N VAL A 693 -14.49 -26.19 -55.05
CA VAL A 693 -13.75 -24.94 -55.15
C VAL A 693 -12.29 -25.29 -55.42
N ASP A 694 -11.72 -24.67 -56.45
CA ASP A 694 -10.35 -24.97 -56.85
C ASP A 694 -9.37 -24.37 -55.85
N LEU A 695 -8.61 -25.23 -55.19
CA LEU A 695 -7.58 -24.79 -54.25
C LEU A 695 -6.33 -24.35 -55.01
N PRO A 696 -5.50 -23.52 -54.37
CA PRO A 696 -4.20 -23.19 -54.98
C PRO A 696 -3.35 -24.45 -55.15
N GLU A 697 -2.54 -24.45 -56.21
CA GLU A 697 -1.72 -25.62 -56.51
C GLU A 697 -0.72 -25.90 -55.41
N ILE A 698 -0.09 -24.85 -54.86
CA ILE A 698 0.91 -25.03 -53.82
C ILE A 698 0.30 -25.57 -52.53
N LEU A 699 -1.02 -25.45 -52.36
CA LEU A 699 -1.66 -25.85 -51.11
C LEU A 699 -1.53 -27.35 -50.85
N ASN A 700 -1.65 -28.16 -51.90
CA ASN A 700 -1.74 -29.61 -51.71
C ASN A 700 -0.40 -30.26 -51.38
N GLU A 701 0.71 -29.53 -51.48
CA GLU A 701 2.03 -30.08 -51.21
C GLU A 701 2.59 -29.61 -49.87
N MET A 702 1.72 -29.37 -48.89
CA MET A 702 2.14 -29.01 -47.55
C MET A 702 1.05 -29.39 -46.56
N VAL A 703 1.46 -29.75 -45.34
CA VAL A 703 0.49 -30.27 -44.33
C VAL A 703 -0.30 -29.13 -43.66
N ILE A 704 -1.59 -29.35 -43.42
CA ILE A 704 -2.44 -28.34 -42.72
C ILE A 704 -2.99 -29.01 -41.45
N THR A 705 -2.76 -28.42 -40.28
CA THR A 705 -3.20 -29.03 -39.00
C THR A 705 -4.65 -28.65 -38.74
N SER A 706 -5.06 -27.45 -39.13
CA SER A 706 -6.41 -26.97 -38.91
C SER A 706 -6.73 -25.88 -39.92
N GLY A 707 -8.01 -25.66 -40.15
CA GLY A 707 -8.44 -24.66 -41.10
C GLY A 707 -9.82 -24.13 -40.75
N LEU A 708 -10.11 -22.93 -41.26
CA LEU A 708 -11.40 -22.31 -41.09
C LEU A 708 -11.61 -21.28 -42.19
N ILE A 709 -12.87 -20.96 -42.45
CA ILE A 709 -13.21 -19.90 -43.39
C ILE A 709 -13.39 -18.61 -42.61
N LEU A 710 -12.76 -17.54 -43.09
CA LEU A 710 -12.59 -16.33 -42.30
C LEU A 710 -13.04 -15.13 -43.12
N LYS A 711 -13.62 -14.15 -42.42
CA LYS A 711 -14.10 -12.91 -43.02
C LYS A 711 -13.38 -11.75 -42.37
N SER A 712 -12.52 -11.09 -43.13
CA SER A 712 -11.75 -9.97 -42.61
C SER A 712 -11.23 -9.13 -43.76
N ASN A 713 -10.80 -7.91 -43.43
CA ASN A 713 -10.24 -6.98 -44.40
C ASN A 713 -8.74 -6.76 -44.19
N MET A 714 -8.07 -7.69 -43.51
CA MET A 714 -6.67 -7.49 -43.18
C MET A 714 -5.80 -7.44 -44.43
N CYS A 715 -6.03 -8.35 -45.39
CA CYS A 715 -5.20 -8.43 -46.59
C CYS A 715 -5.85 -7.73 -47.78
N ASN A 716 -6.68 -6.71 -47.52
CA ASN A 716 -7.30 -5.97 -48.61
C ASN A 716 -6.27 -5.17 -49.40
N GLU A 717 -5.14 -4.83 -48.79
CA GLU A 717 -4.10 -4.10 -49.50
C GLU A 717 -3.53 -4.94 -50.65
N PHE A 718 -3.31 -6.22 -50.41
CA PHE A 718 -2.73 -7.11 -51.40
C PHE A 718 -3.72 -7.59 -52.44
N LEU A 719 -5.02 -7.41 -52.21
CA LEU A 719 -6.01 -7.81 -53.19
C LEU A 719 -6.17 -6.74 -54.26
N ILE A 720 -6.64 -7.17 -55.43
CA ILE A 720 -6.73 -6.29 -56.59
C ILE A 720 -7.97 -5.42 -56.48
N GLY A 721 -7.77 -4.11 -56.51
CA GLY A 721 -8.90 -3.18 -56.48
C GLY A 721 -9.73 -3.28 -55.21
N LEU A 722 -9.06 -3.48 -54.07
CA LEU A 722 -9.77 -3.63 -52.80
C LEU A 722 -9.07 -2.87 -51.67
N SER A 723 -8.25 -1.88 -51.99
CA SER A 723 -7.54 -1.12 -50.96
C SER A 723 -8.47 -0.11 -50.30
N LYS A 724 -9.53 -0.60 -49.67
CA LYS A 724 -10.48 0.24 -48.94
C LYS A 724 -10.58 -0.25 -47.51
N SER A 725 -10.82 0.68 -46.58
CA SER A 725 -10.92 0.32 -45.17
C SER A 725 -12.31 -0.22 -44.87
N GLN A 726 -12.75 -1.22 -45.64
CA GLN A 726 -14.05 -1.83 -45.49
C GLN A 726 -14.12 -3.12 -46.29
N GLU A 727 -15.30 -3.71 -46.41
CA GLU A 727 -15.54 -4.87 -47.26
C GLU A 727 -14.66 -6.05 -46.85
N GLU A 728 -14.93 -6.57 -45.66
CA GLU A 728 -14.26 -7.77 -45.20
C GLU A 728 -14.42 -8.91 -46.19
N GLN A 729 -13.32 -9.32 -46.80
CA GLN A 729 -13.34 -10.37 -47.80
C GLN A 729 -13.35 -11.74 -47.14
N LEU A 730 -13.75 -12.75 -47.92
CA LEU A 730 -13.77 -14.12 -47.43
C LEU A 730 -12.39 -14.73 -47.62
N LEU A 731 -11.82 -15.25 -46.54
CA LEU A 731 -10.48 -15.83 -46.55
C LEU A 731 -10.54 -17.24 -45.99
N PHE A 732 -9.90 -18.16 -46.70
CA PHE A 732 -9.81 -19.56 -46.27
C PHE A 732 -8.50 -19.72 -45.50
N THR A 733 -8.59 -19.69 -44.18
CA THR A 733 -7.42 -19.65 -43.32
C THR A 733 -7.04 -21.05 -42.87
N PHE A 734 -5.74 -21.33 -42.85
CA PHE A 734 -5.27 -22.69 -42.48
C PHE A 734 -4.02 -22.59 -41.60
N VAL A 735 -3.90 -23.49 -40.63
CA VAL A 735 -2.68 -23.52 -39.77
C VAL A 735 -1.81 -24.69 -40.25
N THR A 736 -0.57 -24.40 -40.66
CA THR A 736 0.34 -25.45 -41.16
C THR A 736 1.07 -26.11 -39.99
N ALA A 737 1.68 -27.28 -40.21
CA ALA A 737 2.38 -28.01 -39.12
C ALA A 737 3.55 -27.17 -38.61
N ASP A 738 4.09 -26.27 -39.46
CA ASP A 738 5.19 -25.38 -39.02
C ASP A 738 4.58 -24.16 -38.32
N ASN A 739 3.33 -24.26 -37.88
CA ASN A 739 2.68 -23.16 -37.12
C ASN A 739 2.63 -21.90 -38.00
N GLN A 740 2.36 -22.06 -39.29
CA GLN A 740 2.23 -20.89 -40.19
C GLN A 740 0.74 -20.68 -40.51
N ILE A 741 0.25 -19.45 -40.38
CA ILE A 741 -1.14 -19.13 -40.68
C ILE A 741 -1.20 -18.57 -42.09
N ILE A 742 -1.85 -19.34 -42.96
CA ILE A 742 -1.95 -18.93 -44.40
C ILE A 742 -3.42 -18.76 -44.74
N PHE A 743 -3.71 -17.97 -45.78
CA PHE A 743 -5.07 -17.75 -46.23
C PHE A 743 -5.05 -17.29 -47.68
N PHE A 744 -6.20 -17.43 -48.34
CA PHE A 744 -6.36 -16.98 -49.72
C PHE A 744 -7.83 -16.70 -49.95
N THR A 745 -8.12 -15.99 -51.04
CA THR A 745 -9.48 -15.63 -51.39
C THR A 745 -10.09 -16.70 -52.30
N LYS A 746 -11.36 -16.51 -52.65
CA LYS A 746 -12.00 -17.42 -53.60
C LYS A 746 -11.39 -17.27 -54.98
N ASP A 747 -11.24 -16.04 -55.45
CA ASP A 747 -10.53 -15.76 -56.70
C ASP A 747 -9.05 -15.51 -56.40
N HIS A 748 -8.41 -16.56 -55.90
CA HIS A 748 -7.05 -16.47 -55.39
C HIS A 748 -5.99 -16.46 -56.48
N ASN A 749 -6.37 -16.68 -57.74
CA ASN A 749 -5.41 -16.95 -58.81
C ASN A 749 -4.53 -18.12 -58.37
N ASP A 750 -3.31 -17.82 -57.90
CA ASP A 750 -2.48 -18.82 -57.26
C ASP A 750 -1.73 -18.23 -56.08
N ARG A 751 -2.24 -17.13 -55.52
CA ARG A 751 -1.54 -16.38 -54.48
C ARG A 751 -2.05 -16.79 -53.10
N ILE A 752 -1.12 -17.13 -52.22
CA ILE A 752 -1.43 -17.50 -50.84
C ILE A 752 -0.70 -16.53 -49.93
N PHE A 753 -1.42 -15.92 -49.00
CA PHE A 753 -0.84 -14.97 -48.07
C PHE A 753 -0.51 -15.67 -46.75
N GLN A 754 0.13 -14.93 -45.85
CA GLN A 754 0.63 -15.53 -44.63
C GLN A 754 0.83 -14.45 -43.57
N LEU A 755 0.47 -14.78 -42.33
CA LEU A 755 0.80 -13.93 -41.19
C LEU A 755 2.24 -14.19 -40.79
N ASN A 756 3.11 -13.21 -41.01
CA ASN A 756 4.53 -13.38 -40.71
C ASN A 756 4.79 -13.19 -39.23
N GLY A 757 5.63 -14.06 -38.67
CA GLY A 757 6.00 -13.99 -37.28
C GLY A 757 5.13 -14.81 -36.35
N VAL A 758 4.04 -15.39 -36.84
CA VAL A 758 3.17 -16.17 -35.97
C VAL A 758 3.75 -17.55 -35.66
N ASP A 759 4.67 -18.04 -36.49
CA ASP A 759 5.32 -19.31 -36.18
C ASP A 759 6.12 -19.24 -34.89
N GLN A 760 6.82 -18.13 -34.69
CA GLN A 760 7.55 -17.88 -33.45
C GLN A 760 6.76 -17.08 -32.44
N LEU A 761 5.51 -16.73 -32.77
CA LEU A 761 4.65 -15.91 -31.91
C LEU A 761 5.33 -14.58 -31.59
N ASN A 762 5.70 -13.87 -32.65
CA ASN A 762 6.39 -12.60 -32.51
C ASN A 762 5.46 -11.53 -31.95
N GLU A 763 6.07 -10.43 -31.49
CA GLU A 763 5.29 -9.32 -30.97
C GLU A 763 4.42 -8.70 -32.05
N SER A 764 4.95 -8.57 -33.26
CA SER A 764 4.25 -7.94 -34.37
C SER A 764 4.05 -8.93 -35.50
N LEU A 765 2.86 -8.93 -36.08
CA LEU A 765 2.50 -9.77 -37.22
C LEU A 765 2.10 -8.89 -38.38
N TYR A 766 2.32 -9.39 -39.60
CA TYR A 766 1.93 -8.65 -40.79
C TYR A 766 1.65 -9.62 -41.92
N ILE A 767 0.76 -9.21 -42.83
CA ILE A 767 0.38 -10.04 -43.97
C ILE A 767 1.45 -9.92 -45.04
N SER A 768 1.75 -11.04 -45.71
CA SER A 768 2.67 -11.04 -46.84
C SER A 768 2.43 -12.30 -47.64
N THR A 769 2.97 -12.33 -48.86
CA THR A 769 2.83 -13.48 -49.72
C THR A 769 3.57 -14.67 -49.12
N TYR A 770 2.94 -15.85 -49.21
CA TYR A 770 3.53 -17.08 -48.68
C TYR A 770 4.26 -17.81 -49.80
N GLN A 771 5.58 -17.84 -49.72
CA GLN A 771 6.43 -18.53 -50.68
C GLN A 771 7.06 -19.75 -50.01
N LEU A 772 7.14 -20.83 -50.76
CA LEU A 772 7.69 -22.08 -50.24
C LEU A 772 8.56 -22.78 -51.28
N VAL A 777 10.30 -28.71 -41.13
CA VAL A 777 10.37 -28.94 -39.70
C VAL A 777 8.97 -28.93 -39.07
N PRO A 778 8.25 -30.04 -39.19
CA PRO A 778 6.89 -30.09 -38.62
C PRO A 778 6.90 -30.13 -37.10
N ASP A 779 6.55 -29.01 -36.48
CA ASP A 779 6.48 -28.88 -35.03
C ASP A 779 5.13 -28.26 -34.68
N PRO A 780 4.04 -29.02 -34.78
CA PRO A 780 2.72 -28.44 -34.60
C PRO A 780 2.45 -27.98 -33.18
N SER A 781 2.38 -26.67 -32.99
CA SER A 781 2.02 -26.07 -31.71
C SER A 781 0.69 -25.33 -31.75
N ILE A 782 0.45 -24.56 -32.81
CA ILE A 782 -0.82 -23.85 -32.95
C ILE A 782 -1.92 -24.86 -33.25
N LYS A 783 -2.93 -24.91 -32.38
CA LYS A 783 -4.02 -25.86 -32.51
C LYS A 783 -5.23 -25.26 -33.23
N GLN A 784 -5.67 -24.08 -32.81
CA GLN A 784 -6.82 -23.43 -33.41
C GLN A 784 -6.61 -21.92 -33.43
N VAL A 785 -6.97 -21.29 -34.54
CA VAL A 785 -6.97 -19.83 -34.65
C VAL A 785 -8.32 -19.39 -35.17
N MET A 786 -8.65 -18.14 -34.89
CA MET A 786 -9.81 -17.49 -35.49
C MET A 786 -9.65 -15.99 -35.32
N ILE A 787 -10.11 -15.25 -36.32
CA ILE A 787 -10.07 -13.80 -36.33
C ILE A 787 -11.51 -13.29 -36.31
N ASN A 788 -11.85 -12.50 -35.29
CA ASN A 788 -13.22 -12.09 -35.09
C ASN A 788 -13.23 -10.79 -34.30
N LYS A 789 -14.42 -10.23 -34.12
CA LYS A 789 -14.60 -8.97 -33.42
C LYS A 789 -14.87 -9.23 -31.95
N LEU A 790 -14.15 -8.53 -31.09
CA LEU A 790 -14.35 -8.62 -29.65
C LEU A 790 -14.63 -7.23 -29.10
N GLY A 791 -15.52 -7.15 -28.12
CA GLY A 791 -15.87 -5.89 -27.51
C GLY A 791 -17.31 -5.89 -27.07
N HIS A 792 -17.71 -4.78 -26.44
CA HIS A 792 -19.07 -4.62 -25.94
C HIS A 792 -19.93 -3.77 -26.87
N ASP A 793 -19.52 -2.52 -27.11
CA ASP A 793 -20.26 -1.62 -27.99
C ASP A 793 -19.52 -1.31 -29.27
N ASN A 794 -18.21 -1.06 -29.20
CA ASN A 794 -17.37 -0.99 -30.38
C ASN A 794 -16.58 -2.28 -30.48
N LYS A 795 -16.66 -2.94 -31.64
CA LYS A 795 -16.05 -4.24 -31.83
C LYS A 795 -14.69 -4.07 -32.51
N GLU A 796 -13.67 -4.67 -31.92
CA GLU A 796 -12.31 -4.61 -32.44
C GLU A 796 -11.88 -5.99 -32.91
N GLU A 797 -11.22 -6.03 -34.06
CA GLU A 797 -10.81 -7.29 -34.66
C GLU A 797 -9.58 -7.85 -33.96
N TYR A 798 -9.69 -9.08 -33.46
CA TYR A 798 -8.63 -9.72 -32.72
C TYR A 798 -8.33 -11.09 -33.31
N LEU A 799 -7.04 -11.43 -33.39
CA LEU A 799 -6.61 -12.76 -33.79
C LEU A 799 -6.28 -13.55 -32.53
N THR A 800 -7.06 -14.59 -32.27
CA THR A 800 -6.90 -15.42 -31.09
C THR A 800 -6.31 -16.76 -31.51
N ILE A 801 -5.23 -17.17 -30.84
CA ILE A 801 -4.51 -18.39 -31.17
C ILE A 801 -4.59 -19.34 -29.99
N LEU A 802 -5.03 -20.56 -30.24
CA LEU A 802 -5.06 -21.62 -29.24
C LEU A 802 -3.92 -22.59 -29.54
N THR A 803 -3.04 -22.78 -28.59
CA THR A 803 -1.90 -23.68 -28.71
C THR A 803 -2.28 -25.06 -28.17
N PHE A 804 -1.59 -26.09 -28.66
CA PHE A 804 -1.84 -27.44 -28.18
C PHE A 804 -1.58 -27.59 -26.69
N GLY A 805 -0.77 -26.71 -26.11
CA GLY A 805 -0.54 -26.70 -24.67
C GLY A 805 -1.58 -25.98 -23.86
N GLY A 806 -2.61 -25.43 -24.49
CA GLY A 806 -3.68 -24.76 -23.79
C GLY A 806 -3.50 -23.27 -23.61
N GLU A 807 -2.35 -22.71 -24.00
CA GLU A 807 -2.13 -21.28 -23.88
C GLU A 807 -2.84 -20.53 -24.99
N ILE A 808 -3.38 -19.36 -24.65
CA ILE A 808 -4.15 -18.55 -25.58
C ILE A 808 -3.37 -17.26 -25.85
N TYR A 809 -3.13 -16.99 -27.13
CA TYR A 809 -2.43 -15.79 -27.56
C TYR A 809 -3.38 -14.91 -28.35
N GLN A 810 -3.37 -13.62 -28.04
CA GLN A 810 -4.28 -12.65 -28.66
C GLN A 810 -3.47 -11.60 -29.38
N TYR A 811 -3.84 -11.31 -30.63
CA TYR A 811 -3.24 -10.25 -31.41
C TYR A 811 -4.31 -9.25 -31.81
N ARG A 812 -4.00 -7.97 -31.65
CA ARG A 812 -4.93 -6.91 -31.99
C ARG A 812 -4.59 -6.36 -33.37
N LYS A 813 -5.58 -6.36 -34.26
CA LYS A 813 -5.42 -5.75 -35.57
C LYS A 813 -5.48 -4.24 -35.43
N LEU A 814 -4.50 -3.56 -36.00
CA LEU A 814 -4.49 -2.11 -35.97
C LEU A 814 -5.61 -1.56 -36.84
N PRO A 815 -6.51 -0.72 -36.31
CA PRO A 815 -7.58 -0.18 -37.16
C PRO A 815 -7.08 0.59 -38.36
N GLN A 816 -5.98 1.31 -38.22
CA GLN A 816 -5.24 1.87 -39.34
C GLN A 816 -4.05 0.96 -39.62
N ARG A 817 -3.73 0.77 -40.90
CA ARG A 817 -2.75 -0.22 -41.32
C ARG A 817 -3.19 -1.62 -40.86
N ARG A 818 -4.32 -2.03 -41.43
CA ARG A 818 -5.06 -3.22 -40.99
C ARG A 818 -4.36 -4.53 -41.33
N SER A 819 -3.29 -4.50 -42.11
CA SER A 819 -2.57 -5.72 -42.47
C SER A 819 -1.57 -6.14 -41.40
N ARG A 820 -1.61 -5.53 -40.23
CA ARG A 820 -0.65 -5.81 -39.17
C ARG A 820 -1.36 -6.10 -37.86
N PHE A 821 -0.89 -7.12 -37.15
CA PHE A 821 -1.42 -7.50 -35.86
C PHE A 821 -0.34 -7.30 -34.81
N TYR A 822 -0.70 -6.66 -33.69
CA TYR A 822 0.25 -6.33 -32.65
C TYR A 822 -0.20 -6.91 -31.32
N ARG A 823 0.79 -7.29 -30.51
CA ARG A 823 0.55 -7.87 -29.19
C ARG A 823 1.34 -7.06 -28.17
N ASN A 824 0.65 -6.55 -27.15
CA ASN A 824 1.30 -5.79 -26.10
C ASN A 824 1.99 -6.76 -25.13
N VAL A 825 3.31 -6.61 -25.00
CA VAL A 825 4.10 -7.52 -24.17
C VAL A 825 4.40 -6.86 -22.84
N THR A 826 4.49 -5.53 -22.83
CA THR A 826 4.68 -4.81 -21.57
C THR A 826 3.47 -4.99 -20.66
N ARG A 827 2.26 -4.94 -21.23
CA ARG A 827 1.05 -5.13 -20.46
C ARG A 827 0.85 -6.61 -20.14
N ASN A 828 0.70 -6.91 -18.86
CA ASN A 828 0.42 -8.27 -18.41
C ASN A 828 -1.08 -8.47 -18.18
N ASP A 829 -1.84 -8.36 -19.28
CA ASP A 829 -3.28 -8.40 -19.21
C ASP A 829 -3.88 -9.76 -19.56
N LEU A 830 -3.15 -10.59 -20.29
CA LEU A 830 -3.65 -11.88 -20.73
C LEU A 830 -3.19 -12.95 -19.75
N ALA A 831 -4.14 -13.65 -19.14
CA ALA A 831 -3.80 -14.71 -18.18
C ALA A 831 -3.17 -15.91 -18.89
N ILE A 832 -2.31 -16.60 -18.16
CA ILE A 832 -1.66 -17.81 -18.66
C ILE A 832 -2.57 -18.99 -18.40
N THR A 833 -2.86 -19.76 -19.46
CA THR A 833 -3.75 -20.90 -19.36
C THR A 833 -3.09 -22.24 -19.66
N GLY A 834 -1.84 -22.24 -20.13
CA GLY A 834 -1.17 -23.49 -20.45
C GLY A 834 0.30 -23.25 -20.68
N ALA A 835 1.02 -24.33 -20.96
CA ALA A 835 2.44 -24.25 -21.20
C ALA A 835 2.82 -24.96 -22.50
N PRO A 836 3.78 -24.41 -23.25
CA PRO A 836 4.08 -24.95 -24.59
C PRO A 836 4.62 -26.37 -24.61
N ASP A 837 5.74 -26.61 -23.90
CA ASP A 837 6.49 -27.84 -24.09
C ASP A 837 5.90 -29.01 -23.29
N ASN A 838 4.61 -29.27 -23.47
CA ASN A 838 3.87 -30.34 -22.81
C ASN A 838 3.88 -30.21 -21.29
N ALA A 839 4.41 -29.11 -20.76
CA ALA A 839 4.25 -28.83 -19.34
C ALA A 839 2.80 -28.47 -19.06
N TYR A 840 2.33 -28.84 -17.88
CA TYR A 840 0.92 -28.71 -17.51
C TYR A 840 0.03 -29.41 -18.54
N ALA A 841 0.31 -30.69 -18.74
CA ALA A 841 -0.48 -31.49 -19.66
C ALA A 841 -1.88 -31.77 -19.15
N LYS A 842 -2.08 -31.70 -17.83
CA LYS A 842 -3.39 -31.96 -17.26
C LYS A 842 -4.40 -30.87 -17.61
N GLY A 843 -3.94 -29.71 -18.09
CA GLY A 843 -4.86 -28.67 -18.52
C GLY A 843 -5.57 -28.97 -19.82
N VAL A 844 -5.03 -29.91 -20.61
CA VAL A 844 -5.63 -30.29 -21.89
C VAL A 844 -5.80 -31.80 -22.03
N SER A 845 -5.42 -32.57 -21.02
CA SER A 845 -5.45 -34.03 -21.17
C SER A 845 -6.87 -34.59 -21.12
N SER A 846 -7.71 -34.06 -20.22
CA SER A 846 -9.03 -34.64 -20.00
C SER A 846 -10.01 -34.28 -21.11
N ILE A 847 -10.20 -32.98 -21.33
CA ILE A 847 -11.15 -32.48 -22.33
C ILE A 847 -10.40 -31.62 -23.33
N GLU A 848 -10.61 -31.89 -24.61
CA GLU A 848 -9.96 -31.12 -25.66
C GLU A 848 -10.47 -29.69 -25.64
N ARG A 849 -9.55 -28.73 -25.71
CA ARG A 849 -9.90 -27.32 -25.67
C ARG A 849 -10.31 -26.85 -27.05
N ILE A 850 -11.55 -26.38 -27.18
CA ILE A 850 -12.07 -25.81 -28.41
C ILE A 850 -12.47 -24.36 -28.15
N MET A 851 -12.12 -23.47 -29.07
CA MET A 851 -12.45 -22.07 -28.96
C MET A 851 -13.71 -21.79 -29.76
N HIS A 852 -14.75 -21.32 -29.08
CA HIS A 852 -16.04 -20.99 -29.69
C HIS A 852 -16.28 -19.50 -29.60
N TYR A 853 -16.65 -18.89 -30.73
CA TYR A 853 -16.91 -17.46 -30.79
C TYR A 853 -18.40 -17.20 -30.76
N PHE A 854 -18.82 -16.23 -29.95
CA PHE A 854 -20.22 -15.83 -29.84
C PHE A 854 -20.30 -14.31 -29.98
N PRO A 855 -20.78 -13.80 -31.11
CA PRO A 855 -20.82 -12.34 -31.30
C PRO A 855 -21.76 -11.63 -30.33
N ASP A 856 -22.71 -12.34 -29.72
CA ASP A 856 -23.71 -11.72 -28.84
C ASP A 856 -23.96 -12.65 -27.66
N TYR A 857 -23.26 -12.42 -26.55
CA TYR A 857 -23.49 -13.16 -25.32
C TYR A 857 -24.44 -12.44 -24.37
N ASN A 858 -24.15 -11.19 -24.04
CA ASN A 858 -25.13 -10.27 -23.46
C ASN A 858 -24.94 -8.89 -24.04
N GLY A 859 -24.76 -8.81 -25.36
CA GLY A 859 -24.21 -7.63 -25.98
C GLY A 859 -22.71 -7.64 -26.07
N TYR A 860 -22.06 -8.64 -25.51
CA TYR A 860 -20.61 -8.80 -25.57
C TYR A 860 -20.25 -9.85 -26.60
N SER A 861 -19.29 -9.54 -27.46
CA SER A 861 -18.72 -10.52 -28.37
C SER A 861 -17.60 -11.24 -27.64
N VAL A 862 -17.83 -12.51 -27.31
CA VAL A 862 -16.96 -13.25 -26.41
C VAL A 862 -16.43 -14.50 -27.11
N ILE A 863 -15.41 -15.09 -26.51
CA ILE A 863 -14.83 -16.35 -26.98
C ILE A 863 -14.90 -17.34 -25.83
N PHE A 864 -15.47 -18.51 -26.11
CA PHE A 864 -15.56 -19.59 -25.12
C PHE A 864 -14.52 -20.64 -25.41
N VAL A 865 -13.71 -20.97 -24.41
CA VAL A 865 -12.71 -22.03 -24.49
C VAL A 865 -13.15 -23.18 -23.60
N THR A 866 -13.43 -24.33 -24.20
CA THR A 866 -13.88 -25.48 -23.45
C THR A 866 -12.69 -26.19 -22.80
N GLY A 867 -12.99 -27.14 -21.94
CA GLY A 867 -11.99 -27.94 -21.28
C GLY A 867 -12.39 -28.23 -19.85
N SER A 868 -11.47 -28.87 -19.11
CA SER A 868 -11.72 -29.13 -17.70
C SER A 868 -11.83 -27.84 -16.91
N VAL A 869 -11.03 -26.85 -17.26
CA VAL A 869 -11.12 -25.51 -16.71
C VAL A 869 -11.49 -24.56 -17.84
N PRO A 870 -12.77 -24.22 -17.98
CA PRO A 870 -13.19 -23.37 -19.10
C PRO A 870 -12.74 -21.93 -18.93
N TYR A 871 -12.63 -21.23 -20.05
CA TYR A 871 -12.26 -19.83 -20.07
C TYR A 871 -13.23 -19.07 -20.97
N ILE A 872 -13.41 -17.79 -20.66
CA ILE A 872 -14.21 -16.89 -21.49
C ILE A 872 -13.40 -15.64 -21.75
N LEU A 873 -13.42 -15.16 -22.99
CA LEU A 873 -12.70 -13.97 -23.40
C LEU A 873 -13.71 -12.82 -23.50
N ILE A 874 -13.68 -11.91 -22.55
CA ILE A 874 -14.58 -10.77 -22.50
C ILE A 874 -13.75 -9.50 -22.62
N LYS A 875 -14.20 -8.57 -23.45
CA LYS A 875 -13.52 -7.30 -23.65
C LYS A 875 -14.50 -6.17 -23.38
N GLU A 876 -14.27 -5.44 -22.30
CA GLU A 876 -15.00 -4.20 -22.06
C GLU A 876 -14.51 -3.13 -23.03
N ASP A 877 -15.37 -2.14 -23.27
CA ASP A 877 -15.02 -1.07 -24.20
C ASP A 877 -13.83 -0.26 -23.70
N ASP A 878 -13.68 -0.12 -22.38
CA ASP A 878 -12.61 0.66 -21.78
C ASP A 878 -11.44 -0.22 -21.33
N SER A 879 -11.37 -1.46 -21.80
CA SER A 879 -10.33 -2.37 -21.37
C SER A 879 -9.94 -3.30 -22.50
N THR A 880 -8.80 -3.95 -22.33
CA THR A 880 -8.34 -4.99 -23.25
C THR A 880 -9.10 -6.29 -22.99
N PRO A 881 -9.10 -7.21 -23.95
CA PRO A 881 -9.70 -8.53 -23.69
C PRO A 881 -8.99 -9.24 -22.55
N LYS A 882 -9.77 -9.97 -21.76
CA LYS A 882 -9.26 -10.67 -20.59
C LYS A 882 -9.69 -12.13 -20.63
N ILE A 883 -8.80 -13.01 -20.20
CA ILE A 883 -9.13 -14.42 -20.04
C ILE A 883 -9.68 -14.61 -18.63
N PHE A 884 -10.94 -15.02 -18.55
CA PHE A 884 -11.60 -15.22 -17.27
C PHE A 884 -11.97 -16.69 -17.14
N LYS A 885 -11.64 -17.28 -15.98
CA LYS A 885 -12.14 -18.60 -15.66
C LYS A 885 -13.67 -18.58 -15.67
N PHE A 886 -14.27 -19.57 -16.33
CA PHE A 886 -15.72 -19.60 -16.50
C PHE A 886 -16.28 -20.72 -15.62
N GLY A 887 -16.96 -20.34 -14.54
CA GLY A 887 -17.53 -21.32 -13.64
C GLY A 887 -16.47 -22.09 -12.89
N ASN A 888 -16.90 -23.23 -12.33
CA ASN A 888 -15.99 -24.13 -11.63
C ASN A 888 -16.21 -25.58 -12.03
N ILE A 889 -16.84 -25.83 -13.17
CA ILE A 889 -17.06 -27.18 -13.66
C ILE A 889 -16.53 -27.26 -15.09
N PRO A 890 -16.16 -28.46 -15.54
CA PRO A 890 -15.66 -28.60 -16.91
C PRO A 890 -16.73 -28.25 -17.94
N LEU A 891 -16.28 -27.72 -19.07
CA LEU A 891 -17.15 -27.41 -20.20
C LEU A 891 -16.75 -28.30 -21.38
N VAL A 892 -17.73 -29.04 -21.90
CA VAL A 892 -17.50 -29.96 -23.01
C VAL A 892 -17.95 -29.36 -24.33
N SER A 893 -19.15 -28.80 -24.38
CA SER A 893 -19.69 -28.21 -25.60
C SER A 893 -20.51 -26.97 -25.25
N VAL A 894 -20.35 -25.93 -26.06
CA VAL A 894 -21.10 -24.69 -25.89
C VAL A 894 -21.65 -24.26 -27.25
N THR A 895 -22.91 -23.86 -27.27
CA THR A 895 -23.61 -23.48 -28.48
C THR A 895 -24.42 -22.22 -28.22
N PRO A 896 -24.67 -21.41 -29.24
CA PRO A 896 -25.53 -20.24 -29.04
C PRO A 896 -26.96 -20.66 -28.70
N TRP A 897 -27.63 -19.85 -27.90
CA TRP A 897 -28.99 -20.14 -27.45
C TRP A 897 -29.82 -18.87 -27.53
N SER A 898 -30.95 -18.94 -28.22
CA SER A 898 -31.91 -17.85 -28.38
C SER A 898 -31.14 -16.60 -28.82
N GLU A 899 -31.32 -15.47 -28.16
CA GLU A 899 -30.50 -14.28 -28.39
C GLU A 899 -29.83 -13.89 -27.09
N ARG A 900 -28.54 -13.56 -27.18
CA ARG A 900 -27.74 -13.19 -26.02
C ARG A 900 -27.77 -14.28 -24.94
N SER A 901 -27.55 -15.52 -25.35
CA SER A 901 -27.42 -16.62 -24.41
C SER A 901 -26.67 -17.76 -25.08
N VAL A 902 -26.13 -18.65 -24.25
CA VAL A 902 -25.47 -19.87 -24.71
C VAL A 902 -25.96 -21.03 -23.86
N MET A 903 -25.85 -22.23 -24.40
CA MET A 903 -26.09 -23.46 -23.66
C MET A 903 -24.77 -24.21 -23.52
N CYS A 904 -24.44 -24.60 -22.29
CA CYS A 904 -23.19 -25.27 -21.99
C CYS A 904 -23.47 -26.64 -21.40
N VAL A 905 -22.72 -27.63 -21.86
CA VAL A 905 -22.83 -29.00 -21.37
C VAL A 905 -21.52 -29.36 -20.67
N ASP A 906 -21.63 -29.83 -19.44
CA ASP A 906 -20.46 -30.19 -18.65
C ASP A 906 -20.09 -31.66 -18.92
N ASP A 907 -19.19 -32.19 -18.12
CA ASP A 907 -18.70 -33.56 -18.30
C ASP A 907 -19.64 -34.61 -17.73
N ILE A 908 -20.70 -34.22 -17.03
CA ILE A 908 -21.64 -35.17 -16.44
C ILE A 908 -23.00 -35.09 -17.13
N LYS A 909 -23.03 -34.72 -18.41
CA LYS A 909 -24.24 -34.71 -19.23
C LYS A 909 -25.30 -33.75 -18.70
N ASN A 910 -24.88 -32.70 -17.99
CA ASN A 910 -25.78 -31.67 -17.50
C ASN A 910 -25.66 -30.45 -18.41
N ALA A 911 -26.76 -30.06 -19.03
CA ALA A 911 -26.80 -28.90 -19.91
C ALA A 911 -27.58 -27.78 -19.23
N ARG A 912 -27.00 -26.59 -19.20
CA ARG A 912 -27.66 -25.43 -18.62
C ARG A 912 -27.39 -24.20 -19.46
N VAL A 913 -28.40 -23.36 -19.62
CA VAL A 913 -28.31 -22.15 -20.42
C VAL A 913 -27.72 -21.04 -19.57
N TYR A 914 -26.78 -20.28 -20.13
CA TYR A 914 -26.10 -19.21 -19.42
C TYR A 914 -26.38 -17.87 -20.08
N THR A 915 -26.28 -16.81 -19.27
CA THR A 915 -26.30 -15.45 -19.77
C THR A 915 -25.29 -14.64 -18.95
N LEU A 916 -24.57 -13.75 -19.63
CA LEU A 916 -23.58 -12.92 -18.95
C LEU A 916 -24.27 -11.94 -18.01
N THR A 917 -23.87 -11.95 -16.74
CA THR A 917 -24.42 -11.04 -15.76
C THR A 917 -23.78 -9.67 -15.95
N THR A 918 -24.57 -8.69 -16.38
CA THR A 918 -24.11 -7.30 -16.50
C THR A 918 -25.14 -6.42 -15.81
N ASP A 919 -25.03 -6.31 -14.50
CA ASP A 919 -25.79 -5.34 -13.72
C ASP A 919 -24.90 -4.54 -12.78
N ASN A 920 -23.90 -5.18 -12.17
CA ASN A 920 -22.89 -4.51 -11.36
C ASN A 920 -21.52 -5.11 -11.61
N MET A 921 -21.33 -5.79 -12.74
CA MET A 921 -20.10 -6.51 -13.01
C MET A 921 -19.21 -5.70 -13.94
N TYR A 922 -17.91 -5.77 -13.69
CA TYR A 922 -16.91 -5.14 -14.55
C TYR A 922 -15.96 -6.23 -15.02
N TYR A 923 -16.03 -6.57 -16.29
CA TYR A 923 -15.18 -7.64 -16.85
C TYR A 923 -13.89 -7.07 -17.41
N GLY A 924 -13.19 -6.30 -16.57
CA GLY A 924 -11.84 -5.87 -16.85
C GLY A 924 -10.98 -6.14 -15.63
N ASN A 925 -9.80 -5.52 -15.57
CA ASN A 925 -8.95 -5.57 -14.38
C ASN A 925 -8.55 -7.00 -14.01
N LYS A 926 -8.29 -7.83 -15.02
CA LYS A 926 -7.58 -9.09 -14.85
C LYS A 926 -8.38 -10.12 -14.04
N LEU A 927 -9.54 -9.74 -13.55
CA LEU A 927 -10.37 -10.62 -12.75
C LEU A 927 -11.76 -10.01 -12.61
N PRO A 928 -12.83 -10.78 -12.78
CA PRO A 928 -14.18 -10.19 -12.74
C PRO A 928 -14.48 -9.59 -11.38
N LEU A 929 -15.11 -8.41 -11.41
CA LEU A 929 -15.39 -7.64 -10.21
C LEU A 929 -16.89 -7.41 -10.09
N LYS A 930 -17.46 -7.75 -8.94
CA LYS A 930 -18.87 -7.55 -8.67
C LYS A 930 -19.04 -6.48 -7.60
N GLN A 931 -19.81 -5.45 -7.92
CA GLN A 931 -20.10 -4.37 -7.00
C GLN A 931 -21.33 -4.71 -6.19
N ILE A 932 -21.20 -4.77 -4.87
CA ILE A 932 -22.31 -5.08 -3.97
C ILE A 932 -22.63 -3.80 -3.20
N LYS A 933 -23.79 -3.22 -3.50
CA LYS A 933 -24.23 -2.00 -2.82
C LYS A 933 -24.90 -2.39 -1.50
N ILE A 934 -24.19 -2.17 -0.40
CA ILE A 934 -24.77 -2.46 0.91
C ILE A 934 -25.67 -1.30 1.35
N SER A 935 -25.20 -0.08 1.20
CA SER A 935 -26.00 1.10 1.52
C SER A 935 -27.03 1.34 0.42
N ASN A 936 -28.28 1.51 0.82
CA ASN A 936 -29.36 1.80 -0.10
C ASN A 936 -29.87 3.22 0.14
N VAL A 937 -30.96 3.58 -0.55
CA VAL A 937 -31.50 4.93 -0.43
C VAL A 937 -32.04 5.16 0.98
N LEU A 938 -32.43 4.11 1.69
CA LEU A 938 -32.97 4.28 3.03
C LEU A 938 -31.87 4.43 4.07
N ASP A 939 -31.03 3.41 4.22
CA ASP A 939 -29.93 3.42 5.18
C ASP A 939 -28.64 3.66 4.44
N ASP A 940 -28.07 4.86 4.59
CA ASP A 940 -26.81 5.22 3.94
C ASP A 940 -25.68 5.03 4.94
N TYR A 941 -25.25 3.79 5.09
CA TYR A 941 -24.02 3.52 5.83
C TYR A 941 -22.83 4.14 5.09
N LYS A 942 -21.96 4.79 5.85
CA LYS A 942 -20.77 5.40 5.26
C LYS A 942 -19.72 4.33 5.02
N THR A 943 -18.47 4.74 4.77
CA THR A 943 -17.38 3.84 4.43
C THR A 943 -17.41 2.57 5.27
N LEU A 944 -17.40 1.43 4.58
CA LEU A 944 -17.39 0.12 5.21
C LEU A 944 -15.97 -0.38 5.33
N GLN A 945 -15.68 -1.12 6.40
CA GLN A 945 -14.34 -1.58 6.67
C GLN A 945 -14.39 -2.79 7.58
N LYS A 946 -13.26 -3.49 7.66
CA LYS A 946 -13.10 -4.66 8.53
C LYS A 946 -14.16 -5.71 8.21
N LEU A 947 -14.17 -6.14 6.96
CA LEU A 947 -15.13 -7.13 6.51
C LEU A 947 -14.63 -8.53 6.84
N VAL A 948 -15.48 -9.33 7.47
CA VAL A 948 -15.15 -10.70 7.83
C VAL A 948 -16.26 -11.61 7.34
N TYR A 949 -15.94 -12.90 7.24
CA TYR A 949 -16.89 -13.93 6.84
C TYR A 949 -17.02 -14.96 7.94
N HIS A 950 -18.26 -15.20 8.37
CA HIS A 950 -18.54 -16.20 9.39
C HIS A 950 -18.77 -17.54 8.70
N GLU A 951 -17.80 -18.46 8.83
CA GLU A 951 -17.84 -19.69 8.06
C GLU A 951 -19.02 -20.57 8.44
N ARG A 952 -19.32 -20.67 9.74
CA ARG A 952 -20.38 -21.57 10.18
C ARG A 952 -21.74 -21.09 9.72
N ALA A 953 -22.04 -19.80 9.90
CA ALA A 953 -23.32 -19.24 9.51
C ALA A 953 -23.37 -18.79 8.07
N GLN A 954 -22.24 -18.78 7.36
CA GLN A 954 -22.17 -18.36 5.96
C GLN A 954 -22.71 -16.93 5.79
N LEU A 955 -22.24 -16.04 6.65
CA LEU A 955 -22.65 -14.64 6.61
C LEU A 955 -21.41 -13.74 6.62
N PHE A 956 -21.57 -12.55 6.06
CA PHE A 956 -20.53 -11.55 6.03
C PHE A 956 -20.83 -10.47 7.08
N LEU A 957 -19.83 -10.09 7.84
CA LEU A 957 -19.94 -9.01 8.80
C LEU A 957 -19.00 -7.89 8.40
N VAL A 958 -19.52 -6.67 8.34
CA VAL A 958 -18.74 -5.49 8.01
C VAL A 958 -19.07 -4.40 9.02
N SER A 959 -18.15 -3.48 9.18
CA SER A 959 -18.31 -2.34 10.08
C SER A 959 -18.40 -1.07 9.27
N TYR A 960 -19.46 -0.29 9.49
CA TYR A 960 -19.57 1.02 8.88
C TYR A 960 -18.88 2.05 9.76
N CYS A 961 -18.54 3.18 9.15
CA CYS A 961 -17.81 4.24 9.84
C CYS A 961 -18.36 5.58 9.35
N LYS A 962 -19.34 6.11 10.07
CA LYS A 962 -19.91 7.41 9.74
C LYS A 962 -19.02 8.50 10.33
N ARG A 963 -18.69 9.50 9.51
CA ARG A 963 -17.89 10.63 9.95
C ARG A 963 -18.83 11.70 10.50
N VAL A 964 -18.84 11.86 11.82
CA VAL A 964 -19.70 12.82 12.50
C VAL A 964 -18.83 13.96 12.99
N PRO A 965 -19.37 15.17 13.18
CA PRO A 965 -18.56 16.25 13.76
C PRO A 965 -18.05 15.87 15.13
N TYR A 966 -16.80 16.25 15.41
CA TYR A 966 -16.13 15.88 16.65
C TYR A 966 -16.27 17.00 17.67
N GLU A 967 -16.70 16.64 18.87
CA GLU A 967 -16.72 17.55 20.00
C GLU A 967 -15.67 17.11 21.01
N ALA A 968 -14.72 17.99 21.30
CA ALA A 968 -13.63 17.67 22.21
C ALA A 968 -14.11 17.86 23.64
N LEU A 969 -14.28 16.74 24.36
CA LEU A 969 -14.69 16.76 25.74
C LEU A 969 -13.52 16.35 26.62
N GLY A 970 -13.43 16.96 27.80
CA GLY A 970 -12.45 16.56 28.80
C GLY A 970 -12.83 15.23 29.42
N GLU A 971 -12.01 14.82 30.39
CA GLU A 971 -12.32 13.61 31.13
C GLU A 971 -13.65 13.73 31.85
N ASP A 972 -13.90 14.87 32.48
CA ASP A 972 -15.22 15.22 32.96
C ASP A 972 -16.10 15.56 31.77
N GLY A 973 -17.42 15.43 31.94
CA GLY A 973 -18.36 15.65 30.87
C GLY A 973 -18.26 17.01 30.20
N GLU A 974 -17.71 18.00 30.90
CA GLU A 974 -17.60 19.35 30.38
C GLU A 974 -16.73 19.41 29.13
N LYS A 975 -17.07 20.31 28.21
CA LYS A 975 -16.36 20.42 26.95
C LYS A 975 -15.03 21.13 27.13
N VAL A 976 -14.11 20.88 26.19
CA VAL A 976 -12.80 21.52 26.25
C VAL A 976 -12.94 23.00 25.92
N ILE A 977 -12.08 23.82 26.52
CA ILE A 977 -12.35 25.25 26.68
C ILE A 977 -12.50 25.95 25.33
N GLY A 978 -11.61 25.67 24.40
CA GLY A 978 -11.57 26.45 23.17
C GLY A 978 -12.56 26.03 22.09
N TYR A 979 -13.80 25.73 22.47
CA TYR A 979 -14.80 25.25 21.53
C TYR A 979 -15.57 26.41 20.93
N ASP A 980 -15.82 26.34 19.62
CA ASP A 980 -16.67 27.29 18.92
C ASP A 980 -17.81 26.51 18.26
N GLU A 981 -19.04 26.93 18.53
CA GLU A 981 -20.21 26.19 18.07
C GLU A 981 -20.69 26.63 16.69
N ASN A 982 -20.59 27.92 16.39
CA ASN A 982 -21.01 28.44 15.08
C ASN A 982 -19.87 28.43 14.07
N VAL A 983 -19.26 27.27 13.88
CA VAL A 983 -18.09 27.14 13.02
C VAL A 983 -18.02 25.69 12.55
N PRO A 984 -17.51 25.41 11.35
CA PRO A 984 -17.35 24.02 10.93
C PRO A 984 -16.38 23.27 11.85
N HIS A 985 -16.70 22.02 12.14
CA HIS A 985 -15.94 21.21 13.06
C HIS A 985 -15.23 20.08 12.32
N ALA A 986 -14.13 19.62 12.91
CA ALA A 986 -13.46 18.43 12.40
C ALA A 986 -14.33 17.20 12.61
N GLU A 987 -14.15 16.22 11.72
CA GLU A 987 -15.00 15.05 11.72
C GLU A 987 -14.48 14.00 12.70
N GLY A 988 -15.36 13.54 13.58
CA GLY A 988 -15.08 12.43 14.47
C GLY A 988 -15.44 11.11 13.83
N PHE A 989 -15.73 10.12 14.68
CA PHE A 989 -16.05 8.79 14.20
C PHE A 989 -17.27 8.24 14.94
N GLN A 990 -17.99 7.35 14.25
CA GLN A 990 -19.09 6.60 14.85
C GLN A 990 -19.28 5.34 14.03
N SER A 991 -19.18 4.18 14.67
CA SER A 991 -19.13 2.93 13.95
C SER A 991 -20.15 1.95 14.51
N GLY A 992 -20.31 0.85 13.79
CA GLY A 992 -21.19 -0.22 14.20
C GLY A 992 -20.83 -1.47 13.42
N ILE A 993 -21.64 -2.50 13.59
CA ILE A 993 -21.45 -3.78 12.92
C ILE A 993 -22.69 -4.10 12.10
N LEU A 994 -22.50 -4.49 10.85
CA LEU A 994 -23.58 -4.90 9.97
C LEU A 994 -23.46 -6.39 9.69
N LEU A 995 -24.54 -7.12 9.93
CA LEU A 995 -24.61 -8.53 9.58
C LEU A 995 -25.27 -8.64 8.20
N ILE A 996 -24.53 -9.16 7.23
CA ILE A 996 -24.97 -9.20 5.84
C ILE A 996 -25.14 -10.66 5.43
N ASN A 997 -26.30 -10.97 4.87
CA ASN A 997 -26.55 -12.30 4.34
C ASN A 997 -26.17 -12.33 2.86
N PRO A 998 -25.16 -13.10 2.46
CA PRO A 998 -24.75 -13.12 1.04
C PRO A 998 -25.80 -13.70 0.12
N LYS A 999 -26.82 -14.38 0.63
CA LYS A 999 -27.90 -14.88 -0.22
C LYS A 999 -28.63 -13.73 -0.90
N SER A 1000 -28.91 -12.66 -0.16
CA SER A 1000 -29.59 -11.49 -0.71
C SER A 1000 -28.75 -10.22 -0.65
N TRP A 1001 -27.59 -10.27 -0.01
CA TRP A 1001 -26.71 -9.10 0.15
C TRP A 1001 -27.46 -7.96 0.85
N LYS A 1002 -28.29 -8.32 1.82
CA LYS A 1002 -29.05 -7.36 2.61
C LYS A 1002 -28.57 -7.39 4.06
N VAL A 1003 -28.58 -6.23 4.70
CA VAL A 1003 -28.22 -6.17 6.12
C VAL A 1003 -29.37 -6.76 6.94
N ILE A 1004 -29.10 -7.89 7.59
CA ILE A 1004 -30.13 -8.57 8.37
C ILE A 1004 -30.02 -8.27 9.86
N ASP A 1005 -28.97 -7.59 10.30
CA ASP A 1005 -28.82 -7.22 11.69
C ASP A 1005 -27.82 -6.07 11.79
N LYS A 1006 -28.06 -5.17 12.73
CA LYS A 1006 -27.20 -4.02 12.94
C LYS A 1006 -27.13 -3.71 14.42
N ILE A 1007 -25.93 -3.36 14.88
CA ILE A 1007 -25.69 -2.88 16.24
C ILE A 1007 -24.80 -1.66 16.14
N ASP A 1008 -25.08 -0.65 16.96
CA ASP A 1008 -24.39 0.64 16.89
C ASP A 1008 -23.54 0.84 18.13
N PHE A 1009 -22.33 1.33 17.93
CA PHE A 1009 -21.40 1.75 18.95
C PHE A 1009 -21.50 3.26 19.17
N PRO A 1010 -21.19 3.76 20.37
CA PRO A 1010 -21.44 5.18 20.68
C PRO A 1010 -20.55 6.16 19.91
N LYS A 1011 -20.73 7.45 20.22
CA LYS A 1011 -19.94 8.50 19.57
C LYS A 1011 -18.45 8.31 19.86
N ASN A 1012 -17.63 8.71 18.90
CA ASN A 1012 -16.18 8.61 18.98
C ASN A 1012 -15.74 7.15 19.17
N SER A 1013 -16.18 6.31 18.25
CA SER A 1013 -15.86 4.89 18.27
C SER A 1013 -15.60 4.42 16.86
N VAL A 1014 -14.40 3.90 16.60
CA VAL A 1014 -14.05 3.33 15.31
C VAL A 1014 -13.62 1.87 15.54
N VAL A 1015 -14.25 0.96 14.79
CA VAL A 1015 -13.91 -0.46 14.88
C VAL A 1015 -12.59 -0.65 14.13
N ASN A 1016 -11.48 -0.71 14.87
CA ASN A 1016 -10.18 -0.78 14.24
C ASN A 1016 -9.81 -2.19 13.82
N GLU A 1017 -10.52 -3.21 14.28
CA GLU A 1017 -10.24 -4.57 13.87
C GLU A 1017 -11.45 -5.45 14.19
N MET A 1018 -11.77 -6.34 13.24
CA MET A 1018 -12.81 -7.34 13.43
C MET A 1018 -12.32 -8.66 12.85
N ARG A 1019 -12.59 -9.75 13.57
CA ARG A 1019 -12.17 -11.08 13.15
C ARG A 1019 -13.31 -12.06 13.34
N SER A 1020 -13.23 -13.17 12.61
CA SER A 1020 -14.22 -14.24 12.68
C SER A 1020 -13.57 -15.47 13.28
N SER A 1021 -12.80 -15.25 14.34
CA SER A 1021 -11.87 -16.23 14.87
C SER A 1021 -12.58 -17.44 15.48
N MET A 1022 -11.87 -18.56 15.46
CA MET A 1022 -12.29 -19.78 16.14
C MET A 1022 -11.73 -19.78 17.55
N ILE A 1023 -12.61 -19.73 18.54
CA ILE A 1023 -12.22 -19.56 19.94
C ILE A 1023 -12.47 -20.86 20.70
N GLN A 1024 -11.46 -21.31 21.43
CA GLN A 1024 -11.59 -22.50 22.27
C GLN A 1024 -12.32 -22.13 23.55
N ILE A 1025 -13.53 -22.66 23.71
CA ILE A 1025 -14.35 -22.35 24.87
C ILE A 1025 -14.25 -23.41 25.95
N ASN A 1026 -13.38 -24.41 25.78
CA ASN A 1026 -13.17 -25.44 26.78
C ASN A 1026 -11.77 -26.02 26.57
N SER A 1027 -10.90 -25.86 27.57
CA SER A 1027 -9.53 -26.33 27.43
C SER A 1027 -9.45 -27.86 27.53
N LYS A 1028 -10.36 -28.49 28.26
CA LYS A 1028 -10.31 -29.93 28.45
C LYS A 1028 -10.87 -30.66 27.22
N THR A 1029 -12.14 -30.41 26.90
CA THR A 1029 -12.77 -31.09 25.78
C THR A 1029 -12.33 -30.51 24.44
N LYS A 1030 -11.59 -29.41 24.44
CA LYS A 1030 -11.06 -28.77 23.24
C LYS A 1030 -12.15 -28.28 22.29
N ARG A 1031 -13.33 -27.94 22.82
CA ARG A 1031 -14.41 -27.44 21.97
C ARG A 1031 -14.07 -26.04 21.47
N LYS A 1032 -14.33 -25.80 20.19
CA LYS A 1032 -14.07 -24.52 19.55
C LYS A 1032 -15.36 -23.98 18.95
N ARG A 1033 -15.53 -22.66 19.05
CA ARG A 1033 -16.67 -21.97 18.48
C ARG A 1033 -16.20 -20.74 17.71
N GLU A 1034 -16.87 -20.45 16.59
CA GLU A 1034 -16.52 -19.30 15.76
C GLU A 1034 -17.25 -18.08 16.30
N TYR A 1035 -16.51 -17.19 16.94
CA TYR A 1035 -17.04 -15.95 17.46
C TYR A 1035 -16.55 -14.78 16.62
N ILE A 1036 -17.34 -13.71 16.59
CA ILE A 1036 -16.95 -12.47 15.95
C ILE A 1036 -16.48 -11.53 17.04
N ILE A 1037 -15.20 -11.18 17.00
CA ILE A 1037 -14.59 -10.31 18.01
C ILE A 1037 -14.24 -8.99 17.33
N ALA A 1038 -14.85 -7.91 17.82
CA ALA A 1038 -14.67 -6.58 17.26
C ALA A 1038 -13.88 -5.73 18.23
N GLY A 1039 -12.82 -5.10 17.75
CA GLY A 1039 -12.02 -4.22 18.57
C GLY A 1039 -12.36 -2.77 18.33
N VAL A 1040 -12.95 -2.12 19.32
CA VAL A 1040 -13.43 -0.75 19.19
C VAL A 1040 -12.42 0.17 19.88
N ALA A 1041 -11.92 1.14 19.14
CA ALA A 1041 -11.02 2.16 19.68
C ALA A 1041 -11.74 3.49 19.66
N ASN A 1042 -11.65 4.22 20.77
CA ASN A 1042 -12.30 5.53 20.87
C ASN A 1042 -11.39 6.56 20.22
N ALA A 1043 -11.75 6.97 19.01
CA ALA A 1043 -10.94 7.93 18.24
C ALA A 1043 -11.21 9.32 18.80
N THR A 1044 -10.27 9.82 19.59
CA THR A 1044 -10.40 11.11 20.26
C THR A 1044 -9.05 11.82 20.17
N THR A 1045 -8.90 12.88 20.97
CA THR A 1045 -7.69 13.69 20.92
C THR A 1045 -6.57 13.05 21.73
N GLU A 1046 -5.37 13.62 21.59
CA GLU A 1046 -4.21 13.13 22.34
C GLU A 1046 -4.33 13.42 23.82
N ASP A 1047 -5.05 14.49 24.19
CA ASP A 1047 -5.07 14.94 25.59
C ASP A 1047 -5.95 14.05 26.44
N THR A 1048 -7.03 13.51 25.88
CA THR A 1048 -7.90 12.64 26.65
C THR A 1048 -7.26 11.27 26.82
N PRO A 1049 -7.47 10.60 27.95
CA PRO A 1049 -6.93 9.26 28.15
C PRO A 1049 -7.49 8.29 27.14
N PRO A 1050 -6.65 7.41 26.59
CA PRO A 1050 -7.15 6.44 25.60
C PRO A 1050 -8.10 5.44 26.22
N THR A 1051 -9.17 5.15 25.50
CA THR A 1051 -10.16 4.18 25.93
C THR A 1051 -10.60 3.36 24.73
N GLY A 1052 -11.18 2.20 25.02
CA GLY A 1052 -11.66 1.34 23.97
C GLY A 1052 -12.51 0.22 24.55
N ALA A 1053 -13.00 -0.63 23.66
CA ALA A 1053 -13.81 -1.76 24.07
C ALA A 1053 -13.65 -2.88 23.06
N PHE A 1054 -13.91 -4.10 23.51
CA PHE A 1054 -13.95 -5.26 22.63
C PHE A 1054 -15.26 -6.01 22.87
N HIS A 1055 -15.89 -6.45 21.79
CA HIS A 1055 -17.16 -7.14 21.85
C HIS A 1055 -17.02 -8.49 21.17
N ILE A 1056 -17.56 -9.52 21.81
CA ILE A 1056 -17.56 -10.88 21.27
C ILE A 1056 -18.98 -11.24 20.91
N TYR A 1057 -19.22 -11.54 19.65
CA TYR A 1057 -20.56 -11.81 19.13
C TYR A 1057 -20.66 -13.25 18.66
N ASP A 1058 -21.78 -13.87 18.97
CA ASP A 1058 -22.11 -15.20 18.49
C ASP A 1058 -23.29 -15.10 17.54
N VAL A 1059 -23.13 -15.65 16.34
CA VAL A 1059 -24.21 -15.64 15.36
C VAL A 1059 -25.15 -16.79 15.67
N ILE A 1060 -26.41 -16.48 15.94
CA ILE A 1060 -27.40 -17.45 16.38
C ILE A 1060 -28.54 -17.50 15.37
N GLU A 1061 -29.00 -18.71 15.06
CA GLU A 1061 -30.12 -18.87 14.16
C GLU A 1061 -31.42 -18.52 14.88
N VAL A 1062 -32.24 -17.70 14.24
CA VAL A 1062 -33.50 -17.24 14.81
C VAL A 1062 -34.62 -17.48 13.80
N VAL A 1063 -35.85 -17.34 14.27
CA VAL A 1063 -37.01 -17.47 13.38
C VAL A 1063 -37.04 -16.30 12.42
N PRO A 1064 -37.06 -16.53 11.10
CA PRO A 1064 -37.03 -15.41 10.17
C PRO A 1064 -38.30 -14.58 10.23
N GLU A 1065 -38.16 -13.27 10.03
CA GLU A 1065 -39.32 -12.41 9.92
C GLU A 1065 -40.08 -12.73 8.63
N PRO A 1066 -41.41 -12.85 8.70
CA PRO A 1066 -42.18 -13.19 7.50
C PRO A 1066 -41.93 -12.20 6.37
N GLY A 1067 -41.80 -12.72 5.16
CA GLY A 1067 -41.52 -11.90 4.00
C GLY A 1067 -40.05 -11.94 3.61
N LYS A 1068 -39.16 -11.93 4.59
CA LYS A 1068 -37.72 -11.99 4.37
C LYS A 1068 -37.16 -13.28 4.94
N PRO A 1069 -36.92 -14.30 4.12
CA PRO A 1069 -36.42 -15.58 4.66
C PRO A 1069 -34.95 -15.54 5.05
N ASP A 1070 -34.18 -14.57 4.58
CA ASP A 1070 -32.75 -14.51 4.89
C ASP A 1070 -32.47 -13.93 6.26
N THR A 1071 -33.46 -13.33 6.92
CA THR A 1071 -33.27 -12.79 8.26
C THR A 1071 -33.49 -13.86 9.32
N ASN A 1072 -32.81 -14.99 9.16
CA ASN A 1072 -32.89 -16.09 10.12
C ASN A 1072 -31.68 -16.13 11.04
N TYR A 1073 -30.83 -15.12 11.02
CA TYR A 1073 -29.67 -15.03 11.89
C TYR A 1073 -29.62 -13.67 12.55
N LYS A 1074 -29.12 -13.65 13.78
CA LYS A 1074 -28.97 -12.41 14.53
C LYS A 1074 -27.63 -12.43 15.24
N LEU A 1075 -27.19 -11.26 15.68
CA LEU A 1075 -25.96 -11.12 16.46
C LEU A 1075 -26.32 -11.14 17.93
N LYS A 1076 -25.73 -12.07 18.67
CA LYS A 1076 -25.87 -12.14 20.12
C LYS A 1076 -24.53 -11.80 20.76
N GLU A 1077 -24.53 -10.79 21.61
CA GLU A 1077 -23.31 -10.37 22.29
C GLU A 1077 -23.11 -11.24 23.52
N ILE A 1078 -22.15 -12.16 23.46
CA ILE A 1078 -21.88 -13.02 24.60
C ILE A 1078 -20.99 -12.34 25.63
N PHE A 1079 -20.21 -11.34 25.22
CA PHE A 1079 -19.37 -10.60 26.15
C PHE A 1079 -18.95 -9.28 25.53
N GLN A 1080 -18.86 -8.26 26.37
CA GLN A 1080 -18.30 -6.97 25.98
C GLN A 1080 -17.65 -6.36 27.21
N GLU A 1081 -16.66 -5.50 26.97
CA GLU A 1081 -15.95 -4.87 28.06
C GLU A 1081 -15.28 -3.61 27.57
N GLU A 1082 -15.47 -2.51 28.31
CA GLU A 1082 -14.75 -1.27 28.08
C GLU A 1082 -13.42 -1.34 28.80
N VAL A 1083 -12.33 -1.06 28.09
CA VAL A 1083 -10.99 -1.22 28.63
C VAL A 1083 -10.22 0.08 28.44
N SER A 1084 -9.22 0.29 29.29
CA SER A 1084 -8.36 1.46 29.18
C SER A 1084 -7.38 1.26 28.03
N GLY A 1085 -7.27 2.29 27.20
CA GLY A 1085 -6.40 2.22 26.03
C GLY A 1085 -7.16 1.82 24.78
N THR A 1086 -6.78 2.40 23.64
CA THR A 1086 -7.47 2.11 22.40
C THR A 1086 -7.22 0.67 21.96
N VAL A 1087 -8.28 0.01 21.50
CA VAL A 1087 -8.18 -1.35 20.98
C VAL A 1087 -7.93 -1.23 19.48
N SER A 1088 -6.67 -1.32 19.09
CA SER A 1088 -6.29 -1.12 17.69
C SER A 1088 -6.25 -2.39 16.87
N THR A 1089 -6.16 -3.55 17.51
CA THR A 1089 -6.11 -4.81 16.77
C THR A 1089 -6.74 -5.90 17.59
N VAL A 1090 -7.18 -6.95 16.90
CA VAL A 1090 -7.75 -8.15 17.51
C VAL A 1090 -7.19 -9.35 16.77
N CYS A 1091 -6.72 -10.35 17.50
CA CYS A 1091 -6.19 -11.55 16.89
C CYS A 1091 -6.43 -12.73 17.81
N GLU A 1092 -6.63 -13.90 17.21
CA GLU A 1092 -6.83 -15.15 17.93
C GLU A 1092 -5.56 -15.97 17.88
N VAL A 1093 -5.14 -16.49 19.04
CA VAL A 1093 -3.97 -17.35 19.14
C VAL A 1093 -4.36 -18.64 19.86
N SER A 1094 -4.24 -19.76 19.15
CA SER A 1094 -4.44 -21.09 19.73
C SER A 1094 -5.75 -21.19 20.50
N GLY A 1095 -6.83 -20.70 19.88
CA GLY A 1095 -8.14 -20.76 20.49
C GLY A 1095 -8.44 -19.66 21.49
N ARG A 1096 -7.48 -18.78 21.77
CA ARG A 1096 -7.67 -17.64 22.63
C ARG A 1096 -7.39 -16.37 21.84
N PHE A 1097 -8.04 -15.28 22.20
CA PHE A 1097 -7.96 -14.05 21.44
C PHE A 1097 -7.12 -13.02 22.19
N MET A 1098 -6.30 -12.29 21.45
CA MET A 1098 -5.47 -11.24 22.00
C MET A 1098 -5.86 -9.91 21.37
N ILE A 1099 -6.08 -8.91 22.20
CA ILE A 1099 -6.37 -7.56 21.73
C ILE A 1099 -5.26 -6.64 22.21
N SER A 1100 -5.08 -5.54 21.50
CA SER A 1100 -4.06 -4.55 21.82
C SER A 1100 -4.69 -3.36 22.53
N GLN A 1101 -4.16 -3.03 23.69
CA GLN A 1101 -4.50 -1.79 24.37
C GLN A 1101 -3.34 -0.82 24.22
N SER A 1102 -3.46 0.35 24.85
CA SER A 1102 -2.43 1.37 24.70
C SER A 1102 -1.08 0.87 25.20
N GLN A 1103 -0.16 0.61 24.26
CA GLN A 1103 1.16 0.07 24.58
C GLN A 1103 1.05 -1.22 25.40
N LYS A 1104 0.12 -2.08 25.00
CA LYS A 1104 -0.16 -3.29 25.75
C LYS A 1104 -0.95 -4.24 24.86
N VAL A 1105 -0.67 -5.53 24.98
CA VAL A 1105 -1.48 -6.58 24.37
C VAL A 1105 -1.88 -7.57 25.46
N LEU A 1106 -3.17 -7.87 25.53
CA LEU A 1106 -3.71 -8.78 26.52
C LEU A 1106 -4.33 -9.98 25.82
N VAL A 1107 -3.98 -11.18 26.28
CA VAL A 1107 -4.57 -12.42 25.79
C VAL A 1107 -5.62 -12.87 26.78
N ARG A 1108 -6.83 -13.12 26.28
CA ARG A 1108 -7.93 -13.59 27.10
C ARG A 1108 -8.48 -14.89 26.54
N ASP A 1109 -9.18 -15.63 27.38
CA ASP A 1109 -9.84 -16.86 26.97
C ASP A 1109 -11.29 -16.85 27.45
N ILE A 1110 -12.14 -17.56 26.70
CA ILE A 1110 -13.57 -17.63 26.98
C ILE A 1110 -13.87 -19.03 27.49
N GLN A 1111 -14.62 -19.11 28.59
CA GLN A 1111 -15.09 -20.39 29.11
C GLN A 1111 -16.47 -20.70 28.54
N GLU A 1112 -17.04 -21.81 28.99
CA GLU A 1112 -18.36 -22.20 28.50
C GLU A 1112 -19.44 -21.22 28.98
N ASP A 1113 -19.26 -20.66 30.17
CA ASP A 1113 -20.23 -19.74 30.74
C ASP A 1113 -20.03 -18.31 30.24
N ASN A 1114 -19.32 -18.16 29.12
CA ASN A 1114 -19.11 -16.87 28.47
C ASN A 1114 -18.38 -15.89 29.40
N SER A 1115 -17.48 -16.41 30.22
CA SER A 1115 -16.64 -15.58 31.08
C SER A 1115 -15.29 -15.39 30.41
N VAL A 1116 -14.84 -14.13 30.34
CA VAL A 1116 -13.61 -13.77 29.65
C VAL A 1116 -12.64 -13.20 30.68
N ILE A 1117 -11.47 -13.80 30.77
CA ILE A 1117 -10.45 -13.37 31.74
C ILE A 1117 -9.10 -13.28 31.02
N PRO A 1118 -8.32 -12.24 31.27
CA PRO A 1118 -6.97 -12.19 30.69
C PRO A 1118 -6.07 -13.25 31.31
N VAL A 1119 -5.19 -13.82 30.48
CA VAL A 1119 -4.33 -14.91 30.94
C VAL A 1119 -2.86 -14.57 30.66
N ALA A 1120 -2.62 -13.71 29.68
CA ALA A 1120 -1.26 -13.35 29.30
C ALA A 1120 -1.16 -11.83 29.17
N PHE A 1121 0.06 -11.36 28.95
CA PHE A 1121 0.38 -9.94 29.01
C PHE A 1121 1.73 -9.67 28.37
N LEU A 1122 1.80 -8.67 27.50
CA LEU A 1122 3.06 -8.26 26.90
C LEU A 1122 2.99 -6.77 26.58
N ASP A 1123 4.12 -6.09 26.74
CA ASP A 1123 4.20 -4.65 26.53
C ASP A 1123 4.54 -4.33 25.09
N ILE A 1124 4.01 -3.21 24.60
CA ILE A 1124 4.14 -2.80 23.20
C ILE A 1124 4.92 -1.48 23.15
N PRO A 1125 5.85 -1.30 22.21
CA PRO A 1125 6.64 -0.06 22.18
C PRO A 1125 5.82 1.21 22.04
N VAL A 1126 5.07 1.35 20.95
CA VAL A 1126 4.34 2.60 20.70
C VAL A 1126 2.87 2.34 20.45
N PHE A 1127 2.55 1.61 19.39
CA PHE A 1127 1.17 1.46 18.94
C PHE A 1127 1.09 0.26 18.02
N VAL A 1128 0.10 -0.60 18.26
CA VAL A 1128 -0.07 -1.81 17.46
C VAL A 1128 -0.83 -1.47 16.19
N THR A 1129 -0.21 -1.70 15.04
CA THR A 1129 -0.83 -1.45 13.74
C THR A 1129 -1.50 -2.69 13.15
N ASP A 1130 -0.88 -3.85 13.32
CA ASP A 1130 -1.45 -5.10 12.84
C ASP A 1130 -0.94 -6.23 13.71
N SER A 1131 -1.65 -7.34 13.69
CA SER A 1131 -1.27 -8.51 14.47
C SER A 1131 -1.84 -9.76 13.82
N LYS A 1132 -0.99 -10.78 13.65
CA LYS A 1132 -1.39 -12.04 13.07
C LYS A 1132 -0.85 -13.18 13.94
N SER A 1133 -1.49 -14.34 13.82
CA SER A 1133 -1.09 -15.51 14.57
C SER A 1133 -1.00 -16.71 13.65
N PHE A 1134 0.00 -17.57 13.90
CA PHE A 1134 0.20 -18.81 13.14
C PHE A 1134 0.25 -19.95 14.15
N GLY A 1135 -0.92 -20.45 14.52
CA GLY A 1135 -1.02 -21.53 15.49
C GLY A 1135 -0.89 -21.03 16.91
N ASN A 1136 0.34 -20.74 17.33
CA ASN A 1136 0.57 -20.06 18.61
C ASN A 1136 1.72 -19.08 18.53
N LEU A 1137 2.03 -18.56 17.34
CA LEU A 1137 3.13 -17.62 17.15
C LEU A 1137 2.53 -16.29 16.70
N LEU A 1138 2.85 -15.23 17.42
CA LEU A 1138 2.32 -13.90 17.15
C LEU A 1138 3.34 -13.03 16.44
N ILE A 1139 2.86 -12.14 15.60
CA ILE A 1139 3.64 -11.02 15.10
C ILE A 1139 2.84 -9.76 15.36
N ILE A 1140 3.43 -8.82 16.09
CA ILE A 1140 2.76 -7.58 16.50
C ILE A 1140 3.47 -6.43 15.81
N GLY A 1141 2.75 -5.72 14.95
CA GLY A 1141 3.32 -4.57 14.29
C GLY A 1141 3.33 -3.35 15.19
N ASP A 1142 4.32 -2.50 14.99
CA ASP A 1142 4.47 -1.29 15.77
C ASP A 1142 4.51 -0.08 14.85
N ALA A 1143 3.91 1.02 15.30
CA ALA A 1143 3.82 2.22 14.49
C ALA A 1143 5.16 2.92 14.30
N MET A 1144 6.18 2.56 15.08
CA MET A 1144 7.50 3.17 14.96
C MET A 1144 8.65 2.19 14.97
N GLN A 1145 8.49 0.98 15.51
CA GLN A 1145 9.62 0.09 15.74
C GLN A 1145 9.46 -1.25 15.03
N GLY A 1146 9.03 -1.22 13.78
CA GLY A 1146 8.88 -2.46 13.02
C GLY A 1146 7.88 -3.38 13.67
N PHE A 1147 8.26 -4.65 13.81
CA PHE A 1147 7.38 -5.64 14.42
C PHE A 1147 8.21 -6.64 15.19
N GLN A 1148 7.55 -7.38 16.08
CA GLN A 1148 8.21 -8.37 16.91
C GLN A 1148 7.49 -9.70 16.78
N PHE A 1149 8.21 -10.76 17.15
CA PHE A 1149 7.75 -12.14 17.00
C PHE A 1149 7.55 -12.73 18.38
N ILE A 1150 6.35 -13.22 18.66
CA ILE A 1150 5.97 -13.68 19.99
C ILE A 1150 5.41 -15.10 19.89
N GLY A 1151 5.86 -15.96 20.79
CA GLY A 1151 5.26 -17.27 20.97
C GLY A 1151 4.35 -17.27 22.19
N PHE A 1152 3.23 -17.97 22.08
CA PHE A 1152 2.24 -18.03 23.14
C PHE A 1152 2.16 -19.44 23.71
N ASP A 1153 2.20 -19.55 25.04
CA ASP A 1153 2.09 -20.87 25.72
C ASP A 1153 0.83 -20.86 26.59
N ALA A 1154 0.40 -22.02 27.11
CA ALA A 1154 -0.88 -22.07 27.84
C ALA A 1154 -0.70 -22.37 29.34
N GLU A 1155 -0.74 -23.64 29.75
CA GLU A 1155 -0.70 -23.98 31.21
C GLU A 1155 -0.01 -22.84 31.97
N PRO A 1156 1.31 -22.63 31.87
CA PRO A 1156 1.95 -21.47 32.48
C PRO A 1156 1.86 -20.39 31.40
N TYR A 1157 0.76 -19.65 31.35
CA TYR A 1157 0.55 -18.66 30.26
C TYR A 1157 1.79 -17.77 30.10
N ARG A 1158 2.38 -17.77 28.90
CA ARG A 1158 3.56 -16.97 28.62
C ARG A 1158 3.40 -16.25 27.29
N MET A 1159 4.06 -15.11 27.19
CA MET A 1159 4.22 -14.38 25.93
C MET A 1159 5.72 -14.27 25.70
N ILE A 1160 6.30 -15.30 25.08
CA ILE A 1160 7.74 -15.37 24.89
C ILE A 1160 8.14 -14.46 23.74
N SER A 1161 9.12 -13.60 23.99
CA SER A 1161 9.63 -12.69 22.96
C SER A 1161 10.66 -13.45 22.13
N LEU A 1162 10.19 -14.04 21.02
CA LEU A 1162 11.06 -14.86 20.20
C LEU A 1162 12.01 -14.01 19.37
N GLY A 1163 11.60 -12.81 18.98
CA GLY A 1163 12.46 -11.95 18.19
C GLY A 1163 11.71 -10.73 17.74
N ARG A 1164 12.46 -9.81 17.12
CA ARG A 1164 11.88 -8.58 16.60
C ARG A 1164 12.73 -8.09 15.44
N SER A 1165 12.12 -7.26 14.59
CA SER A 1165 12.83 -6.71 13.45
C SER A 1165 13.96 -5.80 13.91
N MET A 1166 15.11 -5.92 13.26
CA MET A 1166 16.26 -5.10 13.64
C MET A 1166 16.10 -3.66 13.19
N SER A 1167 15.37 -3.43 12.10
CA SER A 1167 15.13 -2.09 11.59
C SER A 1167 13.77 -1.60 12.08
N LYS A 1168 13.73 -0.35 12.53
CA LYS A 1168 12.50 0.25 13.03
C LYS A 1168 11.80 0.97 11.89
N PHE A 1169 10.61 0.48 11.51
CA PHE A 1169 9.81 1.10 10.47
C PHE A 1169 8.36 1.12 10.93
N GLN A 1170 7.60 2.06 10.37
CA GLN A 1170 6.16 2.17 10.66
C GLN A 1170 5.42 1.16 9.79
N THR A 1171 5.25 -0.05 10.31
CA THR A 1171 4.61 -1.10 9.55
C THR A 1171 3.12 -0.83 9.40
N MET A 1172 2.57 -1.23 8.26
CA MET A 1172 1.14 -1.11 7.98
C MET A 1172 0.41 -2.42 8.22
N SER A 1173 0.84 -3.50 7.59
CA SER A 1173 0.22 -4.80 7.75
C SER A 1173 1.29 -5.88 7.93
N LEU A 1174 0.89 -6.98 8.55
CA LEU A 1174 1.77 -8.10 8.82
C LEU A 1174 1.13 -9.39 8.31
N GLU A 1175 1.98 -10.35 7.95
CA GLU A 1175 1.49 -11.68 7.58
C GLU A 1175 2.67 -12.65 7.63
N PHE A 1176 2.33 -13.93 7.68
CA PHE A 1176 3.32 -15.00 7.72
C PHE A 1176 3.59 -15.53 6.31
N LEU A 1177 4.87 -15.64 5.96
CA LEU A 1177 5.30 -16.25 4.71
C LEU A 1177 6.08 -17.51 5.07
N VAL A 1178 5.36 -18.61 5.25
CA VAL A 1178 5.95 -19.78 5.90
C VAL A 1178 7.09 -20.35 5.07
N ASN A 1179 6.84 -20.61 3.78
CA ASN A 1179 7.85 -21.09 2.84
C ASN A 1179 8.55 -22.35 3.36
N GLY A 1180 7.74 -23.39 3.52
CA GLY A 1180 8.25 -24.69 3.92
C GLY A 1180 8.55 -24.79 5.40
N GLY A 1181 9.66 -25.47 5.75
CA GLY A 1181 9.97 -25.69 7.14
C GLY A 1181 10.42 -24.43 7.86
N ASP A 1182 10.94 -23.45 7.12
CA ASP A 1182 11.39 -22.19 7.72
C ASP A 1182 10.16 -21.32 8.02
N MET A 1183 10.42 -20.09 8.47
CA MET A 1183 9.33 -19.17 8.78
C MET A 1183 9.79 -17.76 8.41
N TYR A 1184 9.02 -17.11 7.54
CA TYR A 1184 9.28 -15.73 7.14
C TYR A 1184 8.05 -14.88 7.45
N PHE A 1185 8.28 -13.57 7.51
CA PHE A 1185 7.21 -12.62 7.77
C PHE A 1185 7.20 -11.55 6.69
N ALA A 1186 6.00 -11.15 6.29
CA ALA A 1186 5.80 -10.04 5.37
C ALA A 1186 5.34 -8.82 6.14
N ALA A 1187 6.05 -7.71 5.98
CA ALA A 1187 5.76 -6.47 6.70
C ALA A 1187 5.71 -5.32 5.71
N THR A 1188 4.55 -4.70 5.57
CA THR A 1188 4.38 -3.56 4.69
C THR A 1188 4.71 -2.28 5.45
N ASP A 1189 5.49 -1.41 4.81
CA ASP A 1189 5.93 -0.16 5.40
C ASP A 1189 4.98 0.98 5.03
N ALA A 1190 5.12 2.11 5.73
CA ALA A 1190 4.39 3.30 5.37
C ALA A 1190 4.96 3.96 4.13
N ASP A 1191 6.20 3.62 3.75
CA ASP A 1191 6.81 4.08 2.51
C ASP A 1191 6.49 3.16 1.35
N ARG A 1192 5.41 2.38 1.45
CA ARG A 1192 4.96 1.46 0.40
C ARG A 1192 5.95 0.32 0.16
N ASN A 1193 6.82 0.05 1.13
CA ASN A 1193 7.74 -1.08 1.05
C ASN A 1193 7.13 -2.28 1.75
N VAL A 1194 7.31 -3.47 1.18
CA VAL A 1194 6.99 -4.72 1.85
C VAL A 1194 8.30 -5.43 2.14
N HIS A 1195 8.52 -5.76 3.42
CA HIS A 1195 9.75 -6.38 3.86
C HIS A 1195 9.50 -7.84 4.19
N VAL A 1196 10.46 -8.70 3.84
CA VAL A 1196 10.44 -10.10 4.22
C VAL A 1196 11.54 -10.31 5.24
N LEU A 1197 11.16 -10.83 6.40
CA LEU A 1197 12.10 -11.14 7.47
C LEU A 1197 11.86 -12.58 7.91
N LYS A 1198 12.91 -13.23 8.36
CA LYS A 1198 12.83 -14.64 8.74
C LYS A 1198 13.32 -14.83 10.17
N TYR A 1199 12.71 -15.79 10.85
CA TYR A 1199 13.17 -16.23 12.16
C TYR A 1199 14.27 -17.27 11.95
N ALA A 1200 15.51 -16.89 12.23
CA ALA A 1200 16.68 -17.73 11.99
C ALA A 1200 17.47 -17.87 13.27
N PRO A 1201 16.98 -18.68 14.22
CA PRO A 1201 17.74 -18.87 15.46
C PRO A 1201 19.08 -19.55 15.25
N ASP A 1202 19.24 -20.31 14.17
CA ASP A 1202 20.50 -21.01 13.90
C ASP A 1202 21.53 -20.15 13.22
N GLU A 1203 21.16 -18.96 12.72
CA GLU A 1203 22.14 -18.07 12.14
C GLU A 1203 23.07 -17.51 13.22
N PRO A 1204 24.32 -17.20 12.87
CA PRO A 1204 25.28 -16.78 13.89
C PRO A 1204 24.91 -15.47 14.59
N ASN A 1205 24.73 -14.40 13.82
CA ASN A 1205 24.45 -13.09 14.41
C ASN A 1205 22.95 -12.81 14.50
N SER A 1206 22.21 -13.73 15.12
CA SER A 1206 20.78 -13.54 15.34
C SER A 1206 20.42 -13.49 16.81
N LEU A 1207 21.38 -13.70 17.72
CA LEU A 1207 21.15 -13.72 19.16
C LEU A 1207 20.04 -14.72 19.50
N SER A 1208 20.26 -15.97 19.08
CA SER A 1208 19.29 -17.05 19.25
C SER A 1208 17.93 -16.67 18.65
N GLY A 1209 17.96 -16.03 17.50
CA GLY A 1209 16.75 -15.63 16.81
C GLY A 1209 16.11 -14.34 17.29
N GLN A 1210 16.69 -13.68 18.29
CA GLN A 1210 16.10 -12.43 18.77
C GLN A 1210 16.18 -11.33 17.72
N ARG A 1211 17.15 -11.39 16.83
CA ARG A 1211 17.28 -10.43 15.73
C ARG A 1211 16.74 -11.10 14.47
N LEU A 1212 15.60 -10.61 13.98
CA LEU A 1212 15.06 -11.15 12.74
C LEU A 1212 15.93 -10.75 11.56
N VAL A 1213 16.14 -11.70 10.65
CA VAL A 1213 17.02 -11.49 9.51
C VAL A 1213 16.23 -10.81 8.40
N HIS A 1214 16.71 -9.65 7.96
CA HIS A 1214 16.06 -8.91 6.89
C HIS A 1214 16.39 -9.57 5.55
N CYS A 1215 15.40 -10.24 4.96
CA CYS A 1215 15.65 -11.00 3.73
C CYS A 1215 15.62 -10.11 2.51
N SER A 1216 14.52 -9.37 2.32
CA SER A 1216 14.40 -8.55 1.12
C SER A 1216 13.50 -7.36 1.40
N SER A 1217 13.65 -6.33 0.57
CA SER A 1217 12.77 -5.16 0.56
C SER A 1217 12.22 -4.98 -0.84
N PHE A 1218 10.95 -4.61 -0.92
CA PHE A 1218 10.24 -4.55 -2.19
C PHE A 1218 9.28 -3.35 -2.15
N THR A 1219 9.54 -2.36 -2.99
CA THR A 1219 8.74 -1.13 -2.96
C THR A 1219 7.47 -1.33 -3.77
N LEU A 1220 6.34 -1.43 -3.08
CA LEU A 1220 5.06 -1.48 -3.76
C LEU A 1220 4.70 -0.12 -4.33
N HIS A 1221 3.82 -0.12 -5.32
CA HIS A 1221 3.47 1.12 -6.01
C HIS A 1221 2.36 1.90 -5.32
N SER A 1222 1.74 1.33 -4.28
CA SER A 1222 0.77 2.06 -3.49
C SER A 1222 0.80 1.53 -2.06
N THR A 1223 0.32 2.35 -1.13
CA THR A 1223 0.32 1.96 0.27
C THR A 1223 -0.63 0.80 0.51
N ASN A 1224 -0.20 -0.14 1.34
CA ASN A 1224 -0.95 -1.36 1.60
C ASN A 1224 -1.89 -1.14 2.79
N SER A 1225 -3.16 -1.50 2.60
CA SER A 1225 -4.17 -1.27 3.66
C SER A 1225 -4.40 -2.57 4.44
N CYS A 1226 -4.21 -3.73 3.80
CA CYS A 1226 -4.54 -5.00 4.51
C CYS A 1226 -3.80 -6.20 3.92
N MET A 1227 -3.53 -7.20 4.74
CA MET A 1227 -2.93 -8.44 4.27
C MET A 1227 -3.66 -9.60 4.92
N MET A 1228 -3.72 -10.73 4.20
CA MET A 1228 -4.38 -11.92 4.70
C MET A 1228 -3.60 -13.15 4.27
N LEU A 1229 -3.74 -14.22 5.05
CA LEU A 1229 -3.10 -15.49 4.76
C LEU A 1229 -4.07 -16.40 4.03
N LEU A 1230 -3.64 -16.94 2.89
CA LEU A 1230 -4.49 -17.77 2.07
C LEU A 1230 -3.77 -19.06 1.71
N PRO A 1231 -4.46 -20.20 1.74
CA PRO A 1231 -3.86 -21.43 1.26
C PRO A 1231 -3.45 -21.32 -0.20
N ARG A 1232 -2.34 -21.95 -0.54
CA ARG A 1232 -1.78 -21.86 -1.88
C ARG A 1232 -2.10 -23.13 -2.65
N ASN A 1233 -2.59 -22.97 -3.88
CA ASN A 1233 -2.90 -24.10 -4.75
C ASN A 1233 -1.62 -24.62 -5.37
N GLU A 1234 -1.42 -25.94 -5.28
CA GLU A 1234 -0.28 -26.60 -5.89
C GLU A 1234 -0.77 -27.45 -7.05
N GLU A 1235 -0.33 -27.10 -8.27
CA GLU A 1235 -0.79 -27.83 -9.45
C GLU A 1235 -0.12 -29.18 -9.59
N PHE A 1236 1.11 -29.32 -9.10
CA PHE A 1236 1.87 -30.55 -9.27
C PHE A 1236 2.23 -31.22 -7.97
N GLY A 1237 2.70 -30.47 -6.97
CA GLY A 1237 3.07 -31.03 -5.69
C GLY A 1237 1.91 -31.19 -4.74
N VAL A 1241 2.57 -31.40 3.33
CA VAL A 1241 2.63 -30.20 4.15
C VAL A 1241 1.88 -29.05 3.46
N PRO A 1242 0.94 -28.43 4.17
CA PRO A 1242 0.18 -27.33 3.57
C PRO A 1242 1.07 -26.13 3.27
N SER A 1243 0.68 -25.38 2.24
CA SER A 1243 1.40 -24.18 1.82
C SER A 1243 0.45 -23.00 1.83
N PHE A 1244 1.02 -21.80 1.99
CA PHE A 1244 0.22 -20.60 2.16
C PHE A 1244 0.79 -19.48 1.30
N GLN A 1245 -0.05 -18.46 1.10
CA GLN A 1245 0.36 -17.25 0.39
C GLN A 1245 -0.25 -16.05 1.09
N ASN A 1246 0.27 -14.87 0.76
CA ASN A 1246 -0.21 -13.62 1.33
C ASN A 1246 -0.96 -12.86 0.25
N VAL A 1247 -2.14 -12.35 0.59
CA VAL A 1247 -2.94 -11.52 -0.31
C VAL A 1247 -3.12 -10.16 0.33
N GLY A 1248 -2.76 -9.11 -0.39
CA GLY A 1248 -2.79 -7.77 0.16
C GLY A 1248 -3.59 -6.76 -0.64
N GLY A 1249 -4.46 -6.01 0.05
CA GLY A 1249 -5.25 -4.96 -0.62
C GLY A 1249 -4.51 -3.64 -0.63
N GLN A 1250 -4.57 -2.92 -1.75
CA GLN A 1250 -3.85 -1.63 -1.88
C GLN A 1250 -4.85 -0.47 -1.89
N VAL A 1251 -4.38 0.74 -1.60
CA VAL A 1251 -5.28 1.94 -1.56
C VAL A 1251 -5.67 2.31 -2.99
N ASP A 1252 -4.78 2.11 -3.96
CA ASP A 1252 -5.08 2.47 -5.35
C ASP A 1252 -6.10 1.53 -5.99
N GLY A 1253 -6.56 0.52 -5.26
CA GLY A 1253 -7.58 -0.40 -5.79
C GLY A 1253 -6.98 -1.66 -6.36
N SER A 1254 -5.69 -1.89 -6.14
CA SER A 1254 -5.02 -3.08 -6.69
C SER A 1254 -4.89 -4.17 -5.62
N VAL A 1255 -4.92 -5.44 -6.03
CA VAL A 1255 -4.71 -6.55 -5.06
C VAL A 1255 -3.43 -7.28 -5.49
N PHE A 1256 -2.52 -7.53 -4.55
CA PHE A 1256 -1.28 -8.22 -4.83
C PHE A 1256 -1.21 -9.51 -4.04
N LYS A 1257 -0.21 -10.33 -4.37
CA LYS A 1257 0.04 -11.55 -3.63
C LYS A 1257 1.52 -11.85 -3.63
N ILE A 1258 2.00 -12.40 -2.52
CA ILE A 1258 3.36 -12.91 -2.41
C ILE A 1258 3.26 -14.43 -2.30
N VAL A 1259 3.93 -15.13 -3.22
CA VAL A 1259 3.95 -16.58 -3.26
C VAL A 1259 5.34 -17.05 -2.86
N PRO A 1260 5.49 -17.75 -1.74
CA PRO A 1260 6.80 -18.28 -1.37
C PRO A 1260 7.26 -19.34 -2.37
N LEU A 1261 8.57 -19.41 -2.57
CA LEU A 1261 9.16 -20.34 -3.52
C LEU A 1261 10.23 -21.18 -2.84
N SER A 1262 10.44 -22.38 -3.36
CA SER A 1262 11.55 -23.21 -2.92
C SER A 1262 12.86 -22.67 -3.50
N GLU A 1263 13.98 -23.23 -3.01
CA GLU A 1263 15.29 -22.72 -3.40
C GLU A 1263 15.52 -22.88 -4.90
N GLU A 1264 15.20 -24.05 -5.44
CA GLU A 1264 15.46 -24.30 -6.87
C GLU A 1264 14.54 -23.47 -7.76
N LYS A 1265 13.25 -23.41 -7.40
CA LYS A 1265 12.32 -22.57 -8.14
C LYS A 1265 12.74 -21.12 -8.11
N TYR A 1266 13.16 -20.64 -6.93
CA TYR A 1266 13.63 -19.27 -6.81
C TYR A 1266 14.87 -19.02 -7.66
N ARG A 1267 15.80 -19.98 -7.68
CA ARG A 1267 17.00 -19.81 -8.49
C ARG A 1267 16.64 -19.71 -9.97
N ARG A 1268 15.78 -20.61 -10.45
CA ARG A 1268 15.38 -20.59 -11.86
C ARG A 1268 14.69 -19.27 -12.21
N LEU A 1269 13.73 -18.85 -11.38
CA LEU A 1269 12.96 -17.66 -11.69
C LEU A 1269 13.80 -16.40 -11.55
N TYR A 1270 14.74 -16.37 -10.60
CA TYR A 1270 15.66 -15.24 -10.48
C TYR A 1270 16.55 -15.13 -11.71
N VAL A 1271 17.07 -16.26 -12.19
CA VAL A 1271 17.89 -16.23 -13.41
C VAL A 1271 17.07 -15.72 -14.58
N ILE A 1272 15.83 -16.19 -14.72
CA ILE A 1272 14.99 -15.76 -15.83
C ILE A 1272 14.67 -14.27 -15.73
N GLN A 1273 14.33 -13.80 -14.52
CA GLN A 1273 14.03 -12.38 -14.34
C GLN A 1273 15.24 -11.50 -14.64
N GLN A 1274 16.42 -11.92 -14.19
CA GLN A 1274 17.63 -11.15 -14.48
C GLN A 1274 17.92 -11.14 -15.97
N GLN A 1275 17.70 -12.27 -16.65
CA GLN A 1275 17.87 -12.32 -18.10
C GLN A 1275 16.92 -11.37 -18.80
N ILE A 1276 15.66 -11.34 -18.37
CA ILE A 1276 14.69 -10.44 -18.98
C ILE A 1276 15.09 -8.99 -18.76
N ILE A 1277 15.51 -8.66 -17.53
CA ILE A 1277 15.89 -7.28 -17.23
C ILE A 1277 17.10 -6.86 -18.06
N ASP A 1278 18.10 -7.74 -18.17
CA ASP A 1278 19.33 -7.37 -18.84
C ASP A 1278 19.21 -7.35 -20.36
N ARG A 1279 18.40 -8.24 -20.93
CA ARG A 1279 18.35 -8.38 -22.38
C ARG A 1279 17.16 -7.67 -23.03
N GLU A 1280 15.98 -7.78 -22.42
CA GLU A 1280 14.80 -7.13 -23.00
C GLU A 1280 14.84 -5.62 -22.76
N LEU A 1281 14.16 -4.89 -23.64
CA LEU A 1281 14.08 -3.44 -23.54
C LEU A 1281 12.88 -3.06 -22.69
N GLN A 1282 13.11 -2.34 -21.61
CA GLN A 1282 12.02 -1.96 -20.72
C GLN A 1282 11.25 -0.77 -21.28
N LEU A 1283 10.00 -0.65 -20.83
CA LEU A 1283 9.06 0.30 -21.43
C LEU A 1283 9.56 1.74 -21.30
N GLY A 1284 9.63 2.23 -20.07
CA GLY A 1284 10.04 3.61 -19.84
C GLY A 1284 11.52 3.74 -19.55
N GLY A 1285 12.29 2.71 -19.91
CA GLY A 1285 13.69 2.69 -19.54
C GLY A 1285 13.94 2.40 -18.08
N LEU A 1286 12.90 1.99 -17.34
CA LEU A 1286 13.00 1.74 -15.92
C LEU A 1286 13.49 0.33 -15.65
N ASN A 1287 14.54 0.20 -14.86
CA ASN A 1287 15.03 -1.11 -14.46
C ASN A 1287 14.09 -1.68 -13.40
N PRO A 1288 13.43 -2.81 -13.64
CA PRO A 1288 12.52 -3.36 -12.63
C PRO A 1288 13.22 -3.69 -11.32
N ARG A 1289 14.47 -4.11 -11.38
CA ARG A 1289 15.22 -4.40 -10.16
C ARG A 1289 15.41 -3.15 -9.31
N MET A 1290 15.75 -2.03 -9.95
CA MET A 1290 16.01 -0.80 -9.20
C MET A 1290 14.73 -0.11 -8.75
N GLU A 1291 13.62 -0.28 -9.49
CA GLU A 1291 12.38 0.37 -9.11
C GLU A 1291 11.84 -0.18 -7.79
N ARG A 1292 12.05 -1.45 -7.52
CA ARG A 1292 11.56 -2.09 -6.31
C ARG A 1292 12.54 -2.03 -5.15
N LEU A 1293 13.67 -1.33 -5.33
CA LEU A 1293 14.67 -1.23 -4.27
C LEU A 1293 14.88 0.23 -3.87
N ALA A 1294 13.79 0.98 -3.72
CA ALA A 1294 13.88 2.38 -3.34
C ALA A 1294 14.32 2.52 -1.88
N ARG A 1305 19.06 -11.26 -2.09
CA ARG A 1305 17.98 -12.08 -2.62
C ARG A 1305 16.69 -11.29 -2.69
N PRO A 1306 16.48 -10.60 -3.80
CA PRO A 1306 15.27 -9.76 -3.93
C PRO A 1306 14.01 -10.59 -4.09
N MET A 1307 12.90 -9.98 -3.72
CA MET A 1307 11.60 -10.56 -4.05
C MET A 1307 11.35 -10.44 -5.55
N LEU A 1308 10.94 -11.54 -6.16
CA LEU A 1308 10.79 -11.57 -7.60
C LEU A 1308 9.47 -10.94 -8.02
N ASP A 1309 9.53 -10.13 -9.07
CA ASP A 1309 8.35 -9.48 -9.64
C ASP A 1309 7.80 -10.38 -10.73
N PHE A 1310 6.61 -10.96 -10.49
CA PHE A 1310 6.01 -11.84 -11.48
C PHE A 1310 5.62 -11.10 -12.76
N ASN A 1311 5.51 -9.77 -12.70
CA ASN A 1311 5.26 -9.01 -13.92
C ASN A 1311 6.45 -9.11 -14.89
N VAL A 1312 7.67 -9.13 -14.35
CA VAL A 1312 8.84 -9.30 -15.20
C VAL A 1312 8.92 -10.73 -15.72
N ILE A 1313 8.63 -11.71 -14.86
CA ILE A 1313 8.67 -13.11 -15.28
C ILE A 1313 7.59 -13.41 -16.31
N ARG A 1314 6.48 -12.65 -16.28
CA ARG A 1314 5.43 -12.84 -17.27
C ARG A 1314 5.90 -12.45 -18.67
N ARG A 1315 6.88 -11.55 -18.76
CA ARG A 1315 7.44 -11.22 -20.06
C ARG A 1315 8.15 -12.40 -20.69
N PHE A 1316 8.63 -13.33 -19.87
CA PHE A 1316 9.17 -14.58 -20.40
C PHE A 1316 8.11 -15.35 -21.16
N CYS A 1317 6.88 -15.41 -20.62
CA CYS A 1317 5.80 -16.10 -21.31
C CYS A 1317 5.43 -15.42 -22.61
N GLY A 1318 5.65 -14.11 -22.71
CA GLY A 1318 5.32 -13.35 -23.90
C GLY A 1318 6.43 -13.19 -24.90
N LEU A 1319 7.57 -13.86 -24.71
CA LEU A 1319 8.66 -13.77 -25.66
C LEU A 1319 8.43 -14.73 -26.82
N ALA A 1320 9.28 -14.61 -27.84
CA ALA A 1320 9.26 -15.56 -28.94
C ALA A 1320 9.72 -16.94 -28.46
N ILE A 1321 9.34 -17.96 -29.22
CA ILE A 1321 9.63 -19.34 -28.82
C ILE A 1321 11.13 -19.56 -28.72
N ASP A 1322 11.87 -19.19 -29.77
CA ASP A 1322 13.32 -19.33 -29.75
C ASP A 1322 13.93 -18.43 -28.69
N ARG A 1323 13.41 -17.22 -28.53
CA ARG A 1323 13.87 -16.33 -27.48
C ARG A 1323 13.59 -16.92 -26.10
N ARG A 1324 12.42 -17.55 -25.94
CA ARG A 1324 12.11 -18.22 -24.68
C ARG A 1324 13.12 -19.31 -24.36
N LYS A 1325 13.44 -20.15 -25.36
CA LYS A 1325 14.41 -21.21 -25.14
C LYS A 1325 15.78 -20.66 -24.82
N SER A 1326 16.20 -19.61 -25.53
CA SER A 1326 17.50 -19.00 -25.27
C SER A 1326 17.57 -18.41 -23.86
N ILE A 1327 16.51 -17.75 -23.42
CA ILE A 1327 16.50 -17.18 -22.08
C ILE A 1327 16.52 -18.28 -21.02
N ALA A 1328 15.73 -19.35 -21.23
CA ALA A 1328 15.69 -20.42 -20.25
C ALA A 1328 17.00 -21.19 -20.21
N GLN A 1329 17.75 -21.23 -21.31
CA GLN A 1329 19.03 -21.93 -21.35
C GLN A 1329 20.09 -21.29 -20.45
N LYS A 1330 19.85 -20.07 -19.97
CA LYS A 1330 20.89 -19.35 -19.23
C LYS A 1330 21.31 -20.10 -17.98
N ALA A 1331 20.39 -20.85 -17.37
CA ALA A 1331 20.74 -21.66 -16.19
C ALA A 1331 19.76 -22.82 -16.11
N GLY A 1332 20.20 -24.00 -16.55
CA GLY A 1332 19.38 -25.19 -16.48
C GLY A 1332 19.11 -25.81 -17.84
N ARG A 1333 19.52 -27.06 -18.04
CA ARG A 1333 19.23 -27.74 -19.28
C ARG A 1333 17.73 -27.94 -19.47
N HIS A 1334 17.04 -28.34 -18.39
CA HIS A 1334 15.58 -28.48 -18.40
C HIS A 1334 14.89 -27.27 -17.78
N ALA A 1335 15.53 -26.09 -17.85
CA ALA A 1335 15.00 -24.92 -17.17
C ALA A 1335 13.74 -24.40 -17.85
N HIS A 1336 13.58 -24.65 -19.15
CA HIS A 1336 12.36 -24.21 -19.83
C HIS A 1336 11.13 -24.93 -19.28
N PHE A 1337 11.23 -26.26 -19.17
CA PHE A 1337 10.09 -27.05 -18.70
C PHE A 1337 9.73 -26.71 -17.27
N GLU A 1338 10.71 -26.74 -16.37
CA GLU A 1338 10.44 -26.46 -14.96
C GLU A 1338 10.05 -24.99 -14.74
N ALA A 1339 10.61 -24.09 -15.55
CA ALA A 1339 10.23 -22.68 -15.47
C ALA A 1339 8.77 -22.50 -15.86
N TRP A 1340 8.32 -23.16 -16.92
CA TRP A 1340 6.92 -23.08 -17.27
C TRP A 1340 6.05 -23.71 -16.18
N ARG A 1341 6.52 -24.81 -15.59
CA ARG A 1341 5.74 -25.47 -14.54
C ARG A 1341 5.56 -24.55 -13.33
N ASP A 1342 6.63 -23.89 -12.88
CA ASP A 1342 6.48 -23.06 -11.68
C ASP A 1342 5.84 -21.72 -12.00
N ILE A 1343 5.94 -21.25 -13.24
CA ILE A 1343 5.15 -20.09 -13.66
C ILE A 1343 3.67 -20.42 -13.61
N ILE A 1344 3.30 -21.61 -14.09
CA ILE A 1344 1.92 -22.07 -13.98
C ILE A 1344 1.51 -22.18 -12.53
N ASN A 1345 2.40 -22.70 -11.68
CA ASN A 1345 2.09 -22.84 -10.26
C ASN A 1345 1.82 -21.49 -9.60
N ILE A 1346 2.63 -20.48 -9.94
CA ILE A 1346 2.39 -19.13 -9.41
C ILE A 1346 1.09 -18.55 -9.95
N GLU A 1347 0.86 -18.70 -11.26
CA GLU A 1347 -0.32 -18.12 -11.87
C GLU A 1347 -1.60 -18.75 -11.33
N PHE A 1348 -1.57 -20.03 -11.03
CA PHE A 1348 -2.73 -20.75 -10.51
C PHE A 1348 -2.72 -20.87 -8.99
N SER A 1349 -1.81 -20.16 -8.31
CA SER A 1349 -1.70 -20.27 -6.86
C SER A 1349 -2.96 -19.79 -6.16
N MET A 1350 -3.74 -18.93 -6.81
CA MET A 1350 -4.96 -18.40 -6.22
C MET A 1350 -6.16 -19.31 -6.42
N ARG A 1351 -6.00 -20.45 -7.09
CA ARG A 1351 -7.10 -21.34 -7.38
C ARG A 1351 -7.42 -22.31 -6.25
N SER A 1352 -6.82 -22.12 -5.07
CA SER A 1352 -7.27 -22.82 -3.89
C SER A 1352 -8.68 -22.41 -3.50
N LEU A 1353 -9.13 -21.23 -3.94
CA LEU A 1353 -10.51 -20.81 -3.72
C LEU A 1353 -11.49 -21.62 -4.57
N CYS A 1354 -11.02 -22.25 -5.65
CA CYS A 1354 -11.89 -23.03 -6.51
C CYS A 1354 -12.25 -24.38 -5.90
N GLN A 1355 -11.54 -24.82 -4.88
CA GLN A 1355 -11.83 -26.07 -4.19
C GLN A 1355 -11.84 -25.82 -2.69
N GLY A 1356 -13.02 -25.89 -2.09
CA GLY A 1356 -13.14 -25.67 -0.66
C GLY A 1356 -14.43 -26.21 -0.07
N LYS A 1357 -14.32 -26.94 1.04
CA LYS A 1357 -15.45 -27.54 1.73
C LYS A 1357 -16.31 -28.38 0.79
N SER B 2 -9.94 -25.86 5.44
CA SER B 2 -10.77 -24.66 5.46
C SER B 2 -9.99 -23.44 4.97
N LEU B 3 -10.55 -22.75 3.97
CA LEU B 3 -9.91 -21.54 3.46
C LEU B 3 -10.10 -20.36 4.40
N ILE B 4 -11.22 -20.32 5.13
CA ILE B 4 -11.48 -19.20 6.03
C ILE B 4 -10.54 -19.25 7.23
N HIS B 5 -10.36 -20.43 7.81
CA HIS B 5 -9.48 -20.63 8.97
C HIS B 5 -8.49 -21.73 8.63
N PRO B 6 -7.42 -21.40 7.92
CA PRO B 6 -6.43 -22.42 7.56
C PRO B 6 -5.79 -23.04 8.81
N ASP B 7 -5.55 -24.35 8.73
CA ASP B 7 -4.99 -25.10 9.86
C ASP B 7 -3.51 -24.78 9.97
N THR B 8 -3.17 -23.81 10.81
CA THR B 8 -1.79 -23.42 11.03
C THR B 8 -1.26 -23.88 12.39
N ALA B 9 -2.01 -24.76 13.08
CA ALA B 9 -1.62 -25.14 14.43
C ALA B 9 -0.41 -26.06 14.44
N LYS B 10 -0.54 -27.25 13.84
CA LYS B 10 0.52 -28.24 13.85
C LYS B 10 1.32 -28.13 12.56
N TYR B 11 2.18 -27.13 12.50
CA TYR B 11 3.01 -26.96 11.31
C TYR B 11 4.41 -27.44 11.60
N PRO B 12 5.03 -28.22 10.70
CA PRO B 12 6.40 -28.68 10.91
C PRO B 12 7.40 -27.57 10.69
N PHE B 13 7.99 -27.07 11.77
CA PHE B 13 8.98 -26.00 11.72
C PHE B 13 10.36 -26.55 12.06
N LYS B 14 11.38 -26.03 11.38
CA LYS B 14 12.74 -26.48 11.61
C LYS B 14 13.31 -26.00 12.95
N PHE B 15 12.77 -24.93 13.51
CA PHE B 15 13.26 -24.37 14.76
C PHE B 15 12.51 -24.91 15.98
N GLU B 16 11.59 -25.85 15.78
CA GLU B 16 10.85 -26.41 16.91
C GLU B 16 11.76 -27.06 17.95
N PRO B 17 12.76 -27.87 17.60
CA PRO B 17 13.70 -28.34 18.64
C PRO B 17 14.42 -27.21 19.35
N PHE B 18 14.75 -26.13 18.64
CA PHE B 18 15.34 -24.98 19.31
C PHE B 18 14.36 -24.36 20.30
N LEU B 19 13.09 -24.26 19.91
CA LEU B 19 12.07 -23.74 20.83
C LEU B 19 11.88 -24.67 22.02
N ARG B 20 12.17 -25.96 21.86
CA ARG B 20 12.15 -26.85 23.01
C ARG B 20 13.35 -26.60 23.92
N GLN B 21 14.54 -26.46 23.32
CA GLN B 21 15.75 -26.23 24.12
C GLN B 21 15.71 -24.88 24.82
N GLU B 22 15.43 -23.82 24.07
CA GLU B 22 15.36 -22.47 24.59
C GLU B 22 13.90 -22.10 24.82
N TYR B 23 13.63 -21.45 25.96
CA TYR B 23 12.30 -20.98 26.35
C TYR B 23 11.41 -22.13 26.82
N SER B 24 11.87 -23.37 26.66
CA SER B 24 11.06 -24.55 26.98
C SER B 24 9.70 -24.48 26.28
N PHE B 25 9.71 -24.07 25.02
CA PHE B 25 8.51 -23.75 24.26
C PHE B 25 8.24 -24.84 23.23
N SER B 26 7.02 -24.84 22.70
CA SER B 26 6.65 -25.73 21.61
C SER B 26 5.53 -25.08 20.81
N LEU B 27 5.04 -25.81 19.81
CA LEU B 27 3.95 -25.32 18.97
C LEU B 27 2.59 -25.86 19.40
N ASP B 28 2.51 -26.58 20.51
CA ASP B 28 1.26 -27.09 21.05
C ASP B 28 1.05 -26.47 22.43
N PRO B 29 0.33 -25.36 22.54
CA PRO B 29 0.15 -24.73 23.86
C PRO B 29 -0.51 -25.63 24.88
N ASP B 30 -1.49 -26.42 24.46
CA ASP B 30 -2.18 -27.34 25.37
C ASP B 30 -1.56 -28.73 25.32
N ARG B 31 -0.25 -28.80 25.51
CA ARG B 31 0.35 -30.12 25.56
C ARG B 31 0.34 -30.65 26.99
N PRO B 32 0.25 -31.97 27.17
CA PRO B 32 0.17 -32.53 28.52
C PRO B 32 1.43 -32.24 29.32
N ILE B 33 1.26 -32.13 30.64
CA ILE B 33 2.38 -31.87 31.52
C ILE B 33 3.29 -33.09 31.57
N CYS B 34 4.57 -32.86 31.86
CA CYS B 34 5.52 -33.96 31.93
C CYS B 34 5.30 -34.77 33.20
N GLU B 35 5.23 -36.09 33.06
CA GLU B 35 5.04 -36.97 34.19
C GLU B 35 6.34 -37.27 34.93
N PHE B 36 7.49 -36.90 34.36
CA PHE B 36 8.78 -37.15 34.97
C PHE B 36 9.48 -35.88 35.43
N TYR B 37 9.29 -34.76 34.73
CA TYR B 37 10.00 -33.54 35.07
C TYR B 37 9.57 -33.01 36.43
N ASN B 38 10.54 -32.52 37.19
CA ASN B 38 10.29 -31.88 38.47
C ASN B 38 11.02 -30.54 38.46
N SER B 39 10.30 -29.47 38.74
CA SER B 39 10.87 -28.13 38.61
C SER B 39 12.02 -27.92 39.58
N ARG B 40 11.87 -28.36 40.83
CA ARG B 40 12.91 -28.23 41.82
C ARG B 40 14.14 -29.07 41.53
N GLU B 41 13.96 -30.29 40.98
CA GLU B 41 15.10 -31.15 40.70
C GLU B 41 15.95 -30.58 39.57
N GLY B 42 15.32 -29.97 38.56
CA GLY B 42 16.04 -29.39 37.46
C GLY B 42 15.77 -30.12 36.15
N PRO B 43 16.39 -29.66 35.07
CA PRO B 43 16.18 -30.30 33.76
C PRO B 43 16.65 -31.74 33.72
N LYS B 44 17.58 -32.15 34.58
CA LYS B 44 18.10 -33.52 34.56
C LYS B 44 17.08 -34.54 35.05
N SER B 45 15.98 -34.09 35.67
CA SER B 45 15.00 -35.04 36.19
C SER B 45 14.24 -35.74 35.07
N CYS B 46 14.06 -35.06 33.94
CA CYS B 46 13.35 -35.66 32.81
C CYS B 46 14.31 -36.53 32.01
N PRO B 47 14.02 -37.83 31.83
CA PRO B 47 14.92 -38.66 31.01
C PRO B 47 15.06 -38.20 29.57
N ARG B 48 13.99 -37.67 28.99
CA ARG B 48 14.02 -37.23 27.60
C ARG B 48 14.82 -35.95 27.40
N GLY B 49 15.22 -35.28 28.48
CA GLY B 49 16.00 -34.07 28.38
C GLY B 49 15.17 -32.88 27.91
N PRO B 50 15.86 -31.81 27.49
CA PRO B 50 15.13 -30.63 26.99
C PRO B 50 14.27 -30.92 25.77
N LEU B 51 14.58 -31.97 25.02
CA LEU B 51 13.78 -32.31 23.84
C LEU B 51 12.60 -33.20 24.22
N CYS B 52 11.82 -32.77 25.20
CA CYS B 52 10.67 -33.56 25.62
C CYS B 52 9.40 -32.99 25.02
N PRO B 53 8.55 -33.82 24.42
CA PRO B 53 7.29 -33.31 23.85
C PRO B 53 6.34 -32.74 24.90
N LYS B 54 6.51 -33.12 26.17
CA LYS B 54 5.63 -32.67 27.23
C LYS B 54 6.04 -31.25 27.67
N LYS B 55 5.39 -30.78 28.74
CA LYS B 55 5.64 -29.40 29.22
C LYS B 55 6.54 -29.42 30.45
N HIS B 56 7.63 -28.67 30.41
CA HIS B 56 8.56 -28.54 31.53
C HIS B 56 8.34 -27.16 32.15
N VAL B 57 7.50 -27.11 33.18
CA VAL B 57 7.17 -25.84 33.82
C VAL B 57 8.36 -25.36 34.63
N LEU B 58 8.76 -24.11 34.38
CA LEU B 58 9.83 -23.51 35.16
C LEU B 58 9.37 -23.28 36.59
N PRO B 59 10.29 -23.26 37.56
CA PRO B 59 9.90 -23.01 38.95
C PRO B 59 9.30 -21.64 39.18
N ILE B 60 9.53 -20.68 38.27
CA ILE B 60 8.97 -19.35 38.41
C ILE B 60 7.44 -19.37 38.40
N PHE B 61 6.84 -20.37 37.74
CA PHE B 61 5.40 -20.45 37.61
C PHE B 61 4.73 -21.26 38.71
N GLN B 62 5.51 -21.81 39.65
CA GLN B 62 4.95 -22.44 40.84
C GLN B 62 4.72 -21.46 41.98
N ASN B 63 5.13 -20.20 41.81
CA ASN B 63 4.98 -19.22 42.86
C ASN B 63 3.51 -18.83 43.01
N LYS B 64 3.15 -18.36 44.21
CA LYS B 64 1.76 -18.16 44.57
C LYS B 64 1.22 -16.78 44.24
N ILE B 65 2.04 -15.73 44.32
CA ILE B 65 1.58 -14.35 44.17
C ILE B 65 2.27 -13.71 42.99
N VAL B 66 1.50 -12.98 42.17
CA VAL B 66 2.04 -12.33 41.00
C VAL B 66 3.04 -11.26 41.42
N CYS B 67 4.19 -11.21 40.74
CA CYS B 67 5.21 -10.23 41.04
C CYS B 67 4.74 -8.84 40.63
N ARG B 68 4.72 -7.92 41.60
CA ARG B 68 4.27 -6.57 41.32
C ARG B 68 5.23 -5.83 40.39
N HIS B 69 6.52 -6.14 40.46
CA HIS B 69 7.49 -5.50 39.58
C HIS B 69 7.45 -6.07 38.17
N TRP B 70 7.08 -7.34 38.03
CA TRP B 70 6.93 -7.93 36.71
C TRP B 70 5.79 -7.28 35.93
N LEU B 71 4.70 -6.94 36.62
CA LEU B 71 3.57 -6.32 35.95
C LEU B 71 3.94 -4.96 35.37
N ARG B 72 4.87 -4.26 36.00
CA ARG B 72 5.37 -2.98 35.48
C ARG B 72 6.55 -3.16 34.55
N GLY B 73 6.95 -4.40 34.27
CA GLY B 73 8.13 -4.65 33.46
C GLY B 73 9.42 -4.21 34.13
N LEU B 74 9.50 -4.34 35.45
CA LEU B 74 10.65 -3.86 36.21
C LEU B 74 11.07 -4.89 37.25
N CYS B 75 11.03 -6.17 36.89
CA CYS B 75 11.45 -7.24 37.79
C CYS B 75 12.94 -7.48 37.57
N LYS B 76 13.74 -7.28 38.62
CA LYS B 76 15.18 -7.44 38.53
C LYS B 76 15.64 -8.88 38.70
N LYS B 77 14.76 -9.78 39.14
CA LYS B 77 15.15 -11.15 39.40
C LYS B 77 14.88 -12.10 38.24
N ASN B 78 14.00 -11.72 37.31
CA ASN B 78 13.71 -12.51 36.10
C ASN B 78 13.21 -13.88 36.53
N ASP B 79 13.69 -14.98 35.95
CA ASP B 79 13.20 -16.30 36.29
C ASP B 79 13.58 -16.75 37.70
N GLN B 80 14.50 -16.06 38.36
CA GLN B 80 14.87 -16.39 39.73
C GLN B 80 13.96 -15.74 40.76
N CYS B 81 12.95 -14.99 40.33
CA CYS B 81 12.06 -14.33 41.26
C CYS B 81 11.26 -15.35 42.05
N GLU B 82 10.96 -15.01 43.31
CA GLU B 82 10.16 -15.87 44.17
C GLU B 82 8.67 -15.61 44.04
N TYR B 83 8.27 -14.69 43.17
CA TYR B 83 6.88 -14.36 42.93
C TYR B 83 6.49 -14.73 41.50
N LEU B 84 5.19 -14.90 41.30
CA LEU B 84 4.70 -15.42 40.02
C LEU B 84 4.88 -14.41 38.91
N HIS B 85 5.48 -14.85 37.80
CA HIS B 85 5.63 -14.05 36.59
C HIS B 85 4.60 -14.41 35.54
N GLU B 86 3.40 -14.76 36.02
CA GLU B 86 2.30 -15.13 35.09
C GLU B 86 1.12 -14.19 35.37
N TYR B 87 0.44 -13.73 34.33
CA TYR B 87 -0.70 -12.84 34.47
C TYR B 87 -1.91 -13.63 34.96
N ASN B 88 -1.81 -14.10 36.20
CA ASN B 88 -2.89 -14.82 36.86
C ASN B 88 -3.65 -13.85 37.75
N LEU B 89 -4.93 -13.63 37.44
CA LEU B 89 -5.68 -12.57 38.09
C LEU B 89 -6.06 -12.95 39.52
N ARG B 90 -6.39 -14.21 39.76
CA ARG B 90 -6.76 -14.63 41.11
C ARG B 90 -5.58 -14.68 42.04
N LYS B 91 -4.35 -14.71 41.50
CA LYS B 91 -3.14 -14.79 42.32
C LYS B 91 -2.47 -13.43 42.53
N MET B 92 -3.09 -12.35 42.07
CA MET B 92 -2.53 -11.03 42.30
C MET B 92 -2.64 -10.64 43.77
N PRO B 93 -1.71 -9.84 44.27
CA PRO B 93 -1.82 -9.32 45.65
C PRO B 93 -2.77 -8.13 45.73
N GLU B 94 -4.04 -8.41 45.51
CA GLU B 94 -5.10 -7.39 45.50
C GLU B 94 -4.81 -6.31 44.46
N THR C 28 -9.01 9.27 40.40
CA THR C 28 -8.35 10.56 40.24
C THR C 28 -8.19 10.88 38.76
N GLN C 29 -8.36 12.16 38.41
CA GLN C 29 -8.33 12.61 37.03
C GLN C 29 -7.13 13.53 36.83
N ARG C 30 -6.37 13.29 35.77
CA ARG C 30 -5.08 13.93 35.60
C ARG C 30 -4.76 14.13 34.13
N ARG C 31 -3.77 15.00 33.87
CA ARG C 31 -3.31 15.32 32.53
C ARG C 31 -2.56 14.16 31.90
N SER C 32 -3.17 13.54 30.89
CA SER C 32 -2.53 12.42 30.18
C SER C 32 -2.20 12.82 28.75
N VAL C 33 -1.03 12.40 28.30
CA VAL C 33 -0.59 12.65 26.92
C VAL C 33 -0.30 11.27 26.31
N ASP C 34 -1.27 10.73 25.58
CA ASP C 34 -1.13 9.44 24.91
C ASP C 34 -1.35 9.64 23.43
N VAL C 35 -0.51 8.99 22.62
CA VAL C 35 -0.51 9.18 21.17
C VAL C 35 -1.29 8.05 20.51
N SER C 36 -1.97 7.24 21.31
CA SER C 36 -2.68 6.07 20.78
C SER C 36 -3.81 6.48 19.84
N SER C 37 -4.70 7.35 20.30
CA SER C 37 -5.79 7.81 19.45
C SER C 37 -5.32 8.59 18.22
N PRO C 38 -4.35 9.50 18.30
CA PRO C 38 -3.81 10.09 17.07
C PRO C 38 -3.27 9.05 16.10
N TYR C 39 -2.67 7.97 16.62
CA TYR C 39 -2.19 6.92 15.72
C TYR C 39 -3.36 6.16 15.10
N ILE C 40 -4.45 5.96 15.86
CA ILE C 40 -5.65 5.37 15.29
C ILE C 40 -6.14 6.21 14.12
N ASN C 41 -6.23 7.53 14.32
CA ASN C 41 -6.70 8.40 13.25
C ASN C 41 -5.74 8.38 12.06
N LEU C 42 -4.44 8.43 12.33
CA LEU C 42 -3.45 8.45 11.24
C LEU C 42 -3.52 7.17 10.42
N TYR C 43 -3.62 6.02 11.08
CA TYR C 43 -3.65 4.77 10.34
C TYR C 43 -4.97 4.57 9.64
N TYR C 44 -6.07 5.10 10.19
CA TYR C 44 -7.32 5.11 9.45
C TYR C 44 -7.18 5.93 8.17
N ASN C 45 -6.53 7.09 8.26
CA ASN C 45 -6.33 7.90 7.06
C ASN C 45 -5.44 7.20 6.05
N ARG C 46 -4.35 6.58 6.51
CA ARG C 46 -3.39 5.97 5.58
C ARG C 46 -3.97 4.72 4.93
N ARG C 47 -4.72 3.92 5.69
CA ARG C 47 -5.30 2.71 5.12
C ARG C 47 -6.48 3.01 4.19
N HIS C 48 -7.09 4.18 4.30
CA HIS C 48 -8.19 4.57 3.45
C HIS C 48 -7.78 5.52 2.35
N GLY C 49 -6.50 5.85 2.25
CA GLY C 49 -6.05 6.79 1.24
C GLY C 49 -6.41 8.23 1.50
N LEU C 50 -6.91 8.54 2.69
CA LEU C 50 -7.32 9.90 3.01
C LEU C 50 -6.11 10.74 3.42
N PRO C 51 -5.96 11.95 2.88
CA PRO C 51 -4.86 12.81 3.31
C PRO C 51 -5.09 13.33 4.73
N ASN C 52 -3.98 13.70 5.36
CA ASN C 52 -4.04 14.33 6.68
C ASN C 52 -4.54 15.75 6.52
N LEU C 53 -5.77 16.01 6.97
CA LEU C 53 -6.42 17.29 6.73
C LEU C 53 -5.78 18.40 7.54
N VAL C 54 -5.75 19.60 6.95
CA VAL C 54 -5.15 20.74 7.62
C VAL C 54 -5.92 21.06 8.89
N VAL C 55 -5.19 21.27 9.97
CA VAL C 55 -5.79 21.61 11.26
C VAL C 55 -6.15 23.08 11.27
N GLU C 56 -7.39 23.39 11.69
CA GLU C 56 -7.88 24.75 11.78
C GLU C 56 -7.79 25.26 13.22
N PRO C 57 -7.68 26.57 13.43
CA PRO C 57 -7.54 27.09 14.79
C PRO C 57 -8.82 26.95 15.60
N GLU C 58 -9.16 25.72 15.96
CA GLU C 58 -10.33 25.43 16.76
C GLU C 58 -10.12 24.09 17.46
N THR C 59 -10.71 23.95 18.64
CA THR C 59 -10.36 22.83 19.52
C THR C 59 -10.79 21.48 18.93
N SER C 60 -11.94 21.45 18.24
CA SER C 60 -12.40 20.19 17.66
C SER C 60 -11.43 19.64 16.63
N TYR C 61 -10.53 20.47 16.11
CA TYR C 61 -9.54 20.04 15.13
C TYR C 61 -8.30 19.44 15.78
N THR C 62 -8.27 19.35 17.12
CA THR C 62 -7.17 18.65 17.77
C THR C 62 -7.17 17.17 17.43
N ILE C 63 -8.33 16.62 17.07
CA ILE C 63 -8.40 15.24 16.61
C ILE C 63 -7.67 15.05 15.29
N ASP C 64 -7.48 16.12 14.52
CA ASP C 64 -6.77 16.06 13.26
C ASP C 64 -5.28 16.26 13.41
N ILE C 65 -4.78 16.43 14.64
CA ILE C 65 -3.35 16.51 14.88
C ILE C 65 -2.79 15.10 14.95
N MET C 66 -1.89 14.78 14.04
CA MET C 66 -1.35 13.44 13.89
C MET C 66 -0.16 13.23 14.82
N PRO C 67 0.23 11.97 15.04
CA PRO C 67 1.44 11.72 15.84
C PRO C 67 2.64 12.36 15.19
N PRO C 68 3.64 12.73 15.98
CA PRO C 68 4.79 13.48 15.42
C PRO C 68 5.51 12.76 14.30
N ASN C 69 5.52 11.42 14.31
CA ASN C 69 6.20 10.68 13.25
C ASN C 69 5.54 10.86 11.89
N ALA C 70 4.30 11.35 11.85
CA ALA C 70 3.56 11.50 10.62
C ALA C 70 3.80 12.82 9.91
N TYR C 71 4.59 13.72 10.50
CA TYR C 71 4.75 15.08 9.98
C TYR C 71 6.15 15.25 9.41
N ARG C 72 6.22 15.60 8.13
CA ARG C 72 7.48 15.89 7.45
C ARG C 72 7.30 17.14 6.59
N GLY C 73 8.43 17.75 6.24
CA GLY C 73 8.37 18.92 5.38
C GLY C 73 7.81 20.12 6.12
N ARG C 74 6.89 20.82 5.48
CA ARG C 74 6.32 22.02 6.07
C ARG C 74 5.46 21.72 7.30
N ASP C 75 5.07 20.46 7.49
CA ASP C 75 4.28 20.07 8.65
C ASP C 75 5.13 19.81 9.89
N ARG C 76 6.46 19.92 9.78
CA ARG C 76 7.32 19.70 10.93
C ARG C 76 7.16 20.78 11.99
N VAL C 77 6.58 21.93 11.65
CA VAL C 77 6.36 22.98 12.64
C VAL C 77 5.37 22.53 13.69
N ILE C 78 4.49 21.59 13.34
CA ILE C 78 3.54 21.06 14.31
C ILE C 78 4.27 20.31 15.42
N ASN C 79 5.41 19.71 15.11
CA ASN C 79 6.19 18.97 16.10
C ASN C 79 7.17 19.88 16.83
N LEU C 80 6.67 21.00 17.35
CA LEU C 80 7.45 21.90 18.17
C LEU C 80 6.94 21.83 19.60
N PRO C 81 7.75 21.39 20.56
CA PRO C 81 7.27 21.42 21.95
C PRO C 81 7.28 22.84 22.50
N SER C 82 6.10 23.42 22.62
CA SER C 82 5.96 24.81 23.06
C SER C 82 4.99 24.99 24.21
N LYS C 83 4.19 24.00 24.54
CA LYS C 83 3.19 24.10 25.59
C LYS C 83 3.72 23.40 26.84
N PHE C 84 3.97 24.17 27.89
CA PHE C 84 4.35 23.58 29.17
C PHE C 84 3.21 22.73 29.68
N THR C 85 3.49 21.46 29.94
CA THR C 85 2.46 20.48 30.26
C THR C 85 2.51 20.01 31.70
N HIS C 86 3.70 19.73 32.24
CA HIS C 86 3.81 19.18 33.58
C HIS C 86 5.13 19.61 34.19
N LEU C 87 5.17 19.57 35.52
CA LEU C 87 6.37 19.87 36.29
C LEU C 87 6.51 18.81 37.37
N SER C 88 7.58 18.03 37.29
CA SER C 88 7.83 16.95 38.23
C SER C 88 9.06 17.25 39.07
N SER C 89 9.12 16.62 40.24
CA SER C 89 10.22 16.81 41.17
C SER C 89 10.28 15.63 42.12
N ASN C 90 11.50 15.22 42.47
CA ASN C 90 11.68 14.13 43.40
C ASN C 90 11.35 14.58 44.83
N LYS C 91 11.15 13.61 45.72
CA LYS C 91 10.92 13.93 47.12
C LYS C 91 12.12 14.67 47.71
N VAL C 92 13.33 14.21 47.41
CA VAL C 92 14.56 14.89 47.81
C VAL C 92 15.06 15.68 46.62
N LYS C 93 15.17 16.99 46.78
CA LYS C 93 15.59 17.87 45.69
C LYS C 93 17.08 17.64 45.42
N HIS C 94 17.38 16.84 44.41
CA HIS C 94 18.73 16.51 44.03
C HIS C 94 19.06 17.07 42.65
N VAL C 95 20.33 17.42 42.46
CA VAL C 95 20.77 17.86 41.14
C VAL C 95 20.57 16.73 40.14
N ILE C 96 20.09 17.08 38.95
CA ILE C 96 19.79 16.09 37.92
C ILE C 96 20.80 16.24 36.79
N PRO C 97 21.82 15.39 36.72
CA PRO C 97 22.84 15.55 35.68
C PRO C 97 22.38 15.09 34.30
N ALA C 98 21.50 14.09 34.26
CA ALA C 98 21.07 13.54 32.99
C ALA C 98 19.67 12.95 33.12
N ILE C 99 18.90 13.07 32.05
CA ILE C 99 17.62 12.40 31.91
C ILE C 99 17.63 11.64 30.59
N GLN C 100 16.88 10.54 30.55
CA GLN C 100 16.89 9.68 29.37
C GLN C 100 15.55 8.97 29.27
N TRP C 101 14.89 9.12 28.13
CA TRP C 101 13.67 8.36 27.87
C TRP C 101 14.03 6.92 27.57
N THR C 102 13.14 6.01 27.96
CA THR C 102 13.27 4.63 27.55
C THR C 102 13.12 4.54 26.03
N PRO C 103 13.77 3.57 25.39
CA PRO C 103 13.83 3.56 23.91
C PRO C 103 12.47 3.54 23.24
N GLU C 104 11.44 3.01 23.90
CA GLU C 104 10.08 3.06 23.39
C GLU C 104 9.33 4.29 23.88
N GLY C 105 9.94 5.11 24.74
CA GLY C 105 9.29 6.29 25.25
C GLY C 105 8.28 6.06 26.34
N ARG C 106 8.22 4.85 26.89
CA ARG C 106 7.24 4.56 27.94
C ARG C 106 7.55 5.33 29.22
N ARG C 107 8.82 5.41 29.58
CA ARG C 107 9.23 6.04 30.84
C ARG C 107 10.41 6.95 30.59
N LEU C 108 10.59 7.89 31.51
CA LEU C 108 11.74 8.78 31.53
C LEU C 108 12.62 8.42 32.72
N VAL C 109 13.89 8.13 32.47
CA VAL C 109 14.84 7.81 33.52
C VAL C 109 15.54 9.09 33.94
N VAL C 110 15.39 9.45 35.21
CA VAL C 110 15.96 10.68 35.75
C VAL C 110 17.08 10.28 36.71
N ALA C 111 18.33 10.46 36.26
CA ALA C 111 19.47 10.21 37.11
C ALA C 111 19.70 11.41 38.03
N THR C 112 20.03 11.13 39.28
CA THR C 112 20.26 12.16 40.28
C THR C 112 21.73 12.24 40.66
N TYR C 113 22.09 13.34 41.31
CA TYR C 113 23.46 13.52 41.76
C TYR C 113 23.82 12.53 42.87
N SER C 114 22.84 11.93 43.53
CA SER C 114 23.07 10.92 44.54
C SER C 114 23.19 9.52 43.96
N GLY C 115 23.38 9.40 42.65
CA GLY C 115 23.51 8.10 42.02
C GLY C 115 22.26 7.24 42.08
N GLU C 116 21.11 7.84 41.82
CA GLU C 116 19.84 7.12 41.86
C GLU C 116 19.14 7.22 40.52
N PHE C 117 18.29 6.22 40.24
CA PHE C 117 17.44 6.22 39.06
C PHE C 117 16.00 6.39 39.52
N SER C 118 15.34 7.43 39.01
CA SER C 118 13.92 7.65 39.22
C SER C 118 13.22 7.55 37.89
N LEU C 119 12.24 6.64 37.81
CA LEU C 119 11.45 6.48 36.60
C LEU C 119 10.21 7.36 36.65
N TRP C 120 9.73 7.76 35.48
CA TRP C 120 8.54 8.59 35.37
C TRP C 120 7.75 8.14 34.15
N ASN C 121 6.51 7.69 34.37
CA ASN C 121 5.70 7.20 33.26
C ASN C 121 5.33 8.35 32.33
N ALA C 122 5.53 8.13 31.03
CA ALA C 122 5.18 9.16 30.04
C ALA C 122 3.69 9.38 29.95
N SER C 123 2.87 8.36 30.25
CA SER C 123 1.43 8.50 30.12
C SER C 123 0.88 9.56 31.07
N SER C 124 1.41 9.62 32.28
CA SER C 124 0.84 10.49 33.30
C SER C 124 1.85 11.34 34.06
N PHE C 125 3.15 11.25 33.74
CA PHE C 125 4.19 11.96 34.46
C PHE C 125 4.14 11.68 35.96
N THR C 126 3.93 10.41 36.31
CA THR C 126 3.72 10.00 37.69
C THR C 126 4.55 8.76 38.01
N PHE C 127 5.50 8.91 38.93
CA PHE C 127 6.17 7.80 39.60
C PHE C 127 7.12 8.36 40.63
N GLU C 128 7.44 7.56 41.65
CA GLU C 128 8.32 8.03 42.72
C GLU C 128 9.40 7.05 43.14
N THR C 129 9.24 5.74 42.94
CA THR C 129 10.15 4.77 43.56
C THR C 129 11.54 4.85 42.92
N LEU C 130 12.56 4.93 43.77
CA LEU C 130 13.94 5.13 43.37
C LEU C 130 14.62 3.78 43.11
N MET C 131 15.89 3.85 42.69
CA MET C 131 16.65 2.64 42.38
C MET C 131 18.05 2.59 42.99
N GLN C 132 18.69 3.72 43.24
CA GLN C 132 20.08 3.77 43.72
C GLN C 132 21.00 3.01 42.77
N ALA C 133 21.12 3.56 41.56
CA ALA C 133 21.89 2.91 40.51
C ALA C 133 23.37 2.85 40.87
N HIS C 134 24.00 4.00 41.07
CA HIS C 134 25.43 4.09 41.29
C HIS C 134 25.71 4.55 42.72
N ASP C 135 27.00 4.72 43.02
CA ASP C 135 27.42 5.27 44.30
C ASP C 135 27.78 6.75 44.22
N SER C 136 28.28 7.21 43.08
CA SER C 136 28.54 8.62 42.83
C SER C 136 27.50 9.16 41.85
N ALA C 137 27.66 10.43 41.50
CA ALA C 137 26.69 11.11 40.65
C ALA C 137 26.68 10.49 39.27
N VAL C 138 25.51 10.03 38.83
CA VAL C 138 25.36 9.47 37.48
C VAL C 138 25.44 10.62 36.49
N THR C 139 26.50 10.65 35.69
CA THR C 139 26.74 11.76 34.78
C THR C 139 26.14 11.54 33.39
N THR C 140 25.92 10.30 32.98
CA THR C 140 25.40 10.03 31.65
C THR C 140 24.69 8.69 31.62
N MET C 141 23.65 8.62 30.81
CA MET C 141 22.97 7.38 30.50
C MET C 141 22.75 7.31 28.99
N LYS C 142 22.66 6.07 28.48
CA LYS C 142 22.46 5.87 27.02
C LYS C 142 21.86 4.48 26.80
N TYR C 143 20.74 4.40 26.09
CA TYR C 143 20.13 3.09 25.76
C TYR C 143 20.70 2.58 24.45
N SER C 144 20.67 1.25 24.25
CA SER C 144 21.18 0.64 23.00
C SER C 144 20.17 0.92 21.87
N HIS C 145 20.65 1.01 20.62
CA HIS C 145 19.73 1.21 19.47
C HIS C 145 18.76 0.04 19.40
N ASP C 146 19.19 -1.17 19.77
CA ASP C 146 18.31 -2.37 19.76
C ASP C 146 17.30 -2.26 20.91
N SER C 147 17.51 -1.31 21.83
CA SER C 147 16.56 -1.09 22.96
C SER C 147 16.69 -2.23 23.98
N ASP C 148 17.81 -2.94 23.98
CA ASP C 148 17.97 -4.11 24.88
C ASP C 148 18.99 -3.83 25.98
N TRP C 149 19.75 -2.74 25.85
CA TRP C 149 20.85 -2.50 26.83
C TRP C 149 21.02 -1.02 27.14
N MET C 150 21.06 -0.67 28.42
CA MET C 150 21.37 0.70 28.82
C MET C 150 22.69 0.71 29.59
N ILE C 151 23.58 1.61 29.21
CA ILE C 151 24.83 1.83 29.91
C ILE C 151 24.74 3.15 30.65
N SER C 152 25.22 3.17 31.89
CA SER C 152 25.26 4.39 32.68
C SER C 152 26.65 4.59 33.25
N GLY C 153 27.12 5.85 33.23
CA GLY C 153 28.38 6.19 33.84
C GLY C 153 28.19 7.11 35.03
N ASP C 154 29.14 7.12 35.95
CA ASP C 154 29.03 7.92 37.16
C ASP C 154 30.27 8.80 37.32
N ALA C 155 30.34 9.49 38.46
CA ALA C 155 31.42 10.43 38.74
C ALA C 155 32.72 9.74 39.11
N ASP C 156 32.70 8.44 39.40
CA ASP C 156 33.90 7.71 39.80
C ASP C 156 34.51 6.91 38.66
N GLY C 157 34.00 7.09 37.44
CA GLY C 157 34.50 6.35 36.30
C GLY C 157 33.91 4.98 36.09
N MET C 158 33.05 4.52 36.99
CA MET C 158 32.43 3.21 36.85
C MET C 158 31.37 3.25 35.75
N ILE C 159 31.29 2.16 34.98
CA ILE C 159 30.30 2.00 33.93
C ILE C 159 29.47 0.76 34.26
N LYS C 160 28.16 0.94 34.32
CA LYS C 160 27.23 -0.14 34.62
C LYS C 160 26.37 -0.43 33.39
N ILE C 161 26.19 -1.71 33.10
CA ILE C 161 25.37 -2.16 31.97
C ILE C 161 24.06 -2.67 32.54
N TRP C 162 22.95 -2.12 32.05
CA TRP C 162 21.63 -2.40 32.59
C TRP C 162 20.77 -3.08 31.53
N GLN C 163 20.02 -4.10 31.97
CA GLN C 163 18.96 -4.65 31.15
C GLN C 163 17.77 -3.70 31.16
N PRO C 164 16.85 -3.82 30.19
CA PRO C 164 15.71 -2.89 30.15
C PRO C 164 14.83 -2.95 31.39
N ASN C 165 14.85 -4.05 32.14
CA ASN C 165 14.17 -4.11 33.42
C ASN C 165 15.01 -3.55 34.56
N PHE C 166 16.09 -2.86 34.23
CA PHE C 166 17.00 -2.24 35.21
C PHE C 166 17.61 -3.29 36.14
N SER C 167 18.16 -4.35 35.52
CA SER C 167 18.90 -5.36 36.32
C SER C 167 20.38 -5.24 35.97
N MET C 168 21.17 -4.57 36.82
CA MET C 168 22.61 -4.35 36.50
C MET C 168 23.24 -5.72 36.21
N VAL C 169 23.88 -5.88 35.05
CA VAL C 169 24.42 -7.21 34.65
C VAL C 169 25.94 -7.19 34.54
N LYS C 170 26.55 -6.01 34.48
CA LYS C 170 27.99 -5.93 34.28
C LYS C 170 28.50 -4.58 34.74
N GLU C 171 29.57 -4.61 35.53
CA GLU C 171 30.26 -3.41 36.00
C GLU C 171 31.65 -3.34 35.40
N ILE C 172 32.06 -2.14 35.01
CA ILE C 172 33.43 -1.85 34.66
C ILE C 172 33.91 -0.83 35.69
N ASP C 173 34.62 -1.30 36.72
CA ASP C 173 34.88 -0.46 37.89
C ASP C 173 35.75 0.74 37.54
N ALA C 174 36.76 0.54 36.70
CA ALA C 174 37.70 1.62 36.39
C ALA C 174 37.76 1.87 34.90
N ALA C 175 36.60 2.00 34.27
CA ALA C 175 36.55 2.29 32.84
C ALA C 175 37.37 3.53 32.49
N HIS C 176 37.26 4.56 33.31
CA HIS C 176 38.08 5.75 33.16
C HIS C 176 38.62 6.16 34.52
N THR C 177 39.78 6.83 34.51
CA THR C 177 40.35 7.31 35.76
C THR C 177 39.47 8.37 36.40
N GLU C 178 38.92 9.27 35.59
CA GLU C 178 38.09 10.36 36.07
C GLU C 178 36.61 10.06 35.82
N SER C 179 35.75 11.05 36.05
CA SER C 179 34.32 10.88 35.89
C SER C 179 33.95 10.69 34.42
N ILE C 180 33.06 9.74 34.16
CA ILE C 180 32.57 9.51 32.80
C ILE C 180 31.77 10.73 32.35
N ARG C 181 32.04 11.19 31.13
CA ARG C 181 31.36 12.37 30.62
C ARG C 181 30.24 12.02 29.64
N ASP C 182 30.53 11.18 28.63
CA ASP C 182 29.52 10.82 27.66
C ASP C 182 29.84 9.44 27.10
N MET C 183 28.79 8.72 26.73
CA MET C 183 28.90 7.37 26.19
C MET C 183 27.87 7.21 25.08
N ALA C 184 28.29 6.56 23.99
CA ALA C 184 27.45 6.41 22.81
C ALA C 184 27.68 5.05 22.18
N PHE C 185 26.57 4.38 21.86
CA PHE C 185 26.66 3.03 21.24
C PHE C 185 26.88 3.13 19.75
N SER C 186 27.48 2.10 19.16
CA SER C 186 27.66 2.01 17.72
C SER C 186 26.32 1.72 17.04
N SER C 187 26.34 1.65 15.71
CA SER C 187 25.10 1.43 14.97
C SER C 187 24.48 0.09 15.32
N ASN C 188 25.29 -0.97 15.40
CA ASN C 188 24.81 -2.30 15.74
C ASN C 188 24.90 -2.61 17.23
N ASP C 189 25.35 -1.63 18.02
CA ASP C 189 25.37 -1.79 19.50
C ASP C 189 26.42 -2.81 19.95
N SER C 190 27.28 -3.28 19.05
CA SER C 190 28.36 -4.19 19.46
C SER C 190 29.47 -3.45 20.19
N LYS C 191 29.68 -2.19 19.86
CA LYS C 191 30.68 -1.36 20.52
C LYS C 191 30.02 -0.11 21.09
N PHE C 192 30.74 0.54 22.01
CA PHE C 192 30.32 1.84 22.50
C PHE C 192 31.55 2.61 22.96
N VAL C 193 31.55 3.91 22.69
CA VAL C 193 32.66 4.80 23.01
C VAL C 193 32.32 5.60 24.25
N THR C 194 33.32 5.86 25.08
CA THR C 194 33.16 6.63 26.30
C THR C 194 34.25 7.69 26.39
N CYS C 195 33.95 8.77 27.10
CA CYS C 195 34.90 9.85 27.35
C CYS C 195 34.79 10.29 28.79
N SER C 196 35.87 10.89 29.29
CA SER C 196 35.93 11.30 30.70
C SER C 196 36.77 12.56 30.78
N ASP C 197 37.05 12.99 32.02
CA ASP C 197 37.93 14.13 32.23
C ASP C 197 39.37 13.84 31.82
N ASP C 198 39.72 12.58 31.59
CA ASP C 198 40.99 12.27 30.97
C ASP C 198 40.95 12.71 29.50
N ASN C 199 42.14 12.82 28.90
CA ASN C 199 42.27 13.34 27.56
C ASN C 199 42.16 12.28 26.48
N ILE C 200 41.51 11.14 26.77
CA ILE C 200 41.41 10.05 25.81
C ILE C 200 39.97 9.54 25.75
N LEU C 201 39.64 8.95 24.61
CA LEU C 201 38.41 8.20 24.42
C LEU C 201 38.77 6.75 24.16
N LYS C 202 37.98 5.83 24.71
CA LYS C 202 38.24 4.42 24.55
C LYS C 202 36.98 3.71 24.09
N ILE C 203 37.14 2.86 23.06
CA ILE C 203 36.04 2.09 22.50
C ILE C 203 35.97 0.75 23.22
N TRP C 204 34.77 0.36 23.63
CA TRP C 204 34.55 -0.85 24.38
C TRP C 204 33.79 -1.88 23.55
N ASN C 205 34.19 -3.14 23.66
CA ASN C 205 33.43 -4.23 23.06
C ASN C 205 32.32 -4.62 24.02
N PHE C 206 31.06 -4.43 23.61
CA PHE C 206 29.95 -4.63 24.52
C PHE C 206 29.76 -6.10 24.87
N SER C 207 30.07 -7.01 23.94
CA SER C 207 29.78 -8.42 24.16
C SER C 207 30.52 -8.96 25.38
N ASN C 208 31.79 -8.60 25.54
CA ASN C 208 32.59 -9.06 26.66
C ASN C 208 32.88 -7.98 27.68
N GLY C 209 32.52 -6.73 27.40
CA GLY C 209 32.84 -5.64 28.31
C GLY C 209 34.32 -5.30 28.37
N LYS C 210 35.08 -5.67 27.35
CA LYS C 210 36.51 -5.44 27.32
C LYS C 210 36.84 -4.24 26.44
N GLN C 211 37.77 -3.42 26.91
CA GLN C 211 38.20 -2.24 26.15
C GLN C 211 38.90 -2.68 24.88
N GLU C 212 38.54 -2.04 23.76
CA GLU C 212 39.07 -2.42 22.46
C GLU C 212 40.28 -1.57 22.08
N ARG C 213 40.12 -0.25 22.02
CA ARG C 213 41.20 0.63 21.63
C ARG C 213 41.03 1.98 22.32
N VAL C 214 42.07 2.79 22.24
CA VAL C 214 42.08 4.13 22.83
C VAL C 214 42.21 5.15 21.72
N LEU C 215 41.31 6.12 21.69
CA LEU C 215 41.35 7.21 20.72
C LEU C 215 42.26 8.29 21.29
N SER C 216 43.52 8.27 20.87
CA SER C 216 44.54 9.14 21.45
C SER C 216 44.58 10.47 20.71
N GLY C 217 44.82 11.54 21.48
CA GLY C 217 44.79 12.90 20.98
C GLY C 217 44.09 13.78 21.98
N HIS C 218 43.47 14.87 21.52
CA HIS C 218 42.58 15.68 22.35
C HIS C 218 43.26 16.13 23.65
N HIS C 219 44.24 17.01 23.49
CA HIS C 219 44.95 17.58 24.63
C HIS C 219 43.97 18.14 25.66
N TRP C 220 44.44 18.30 26.90
CA TRP C 220 43.63 18.77 28.01
C TRP C 220 42.54 17.77 28.39
N ASP C 221 41.31 18.00 27.94
CA ASP C 221 40.17 17.25 28.43
C ASP C 221 39.10 17.14 27.35
N VAL C 222 38.51 15.96 27.23
CA VAL C 222 37.42 15.70 26.28
C VAL C 222 36.11 15.69 27.04
N LYS C 223 35.14 16.46 26.54
CA LYS C 223 33.89 16.70 27.26
C LYS C 223 32.71 15.88 26.78
N SER C 224 32.68 15.47 25.51
CA SER C 224 31.55 14.72 25.00
C SER C 224 31.98 13.91 23.79
N CYS C 225 31.19 12.88 23.48
CA CYS C 225 31.45 12.01 22.35
C CYS C 225 30.13 11.55 21.76
N ASP C 226 30.19 11.13 20.49
CA ASP C 226 29.00 10.60 19.83
C ASP C 226 29.42 9.70 18.68
N TRP C 227 28.64 8.65 18.46
CA TRP C 227 28.84 7.72 17.36
C TRP C 227 27.87 8.06 16.23
N HIS C 228 28.36 7.97 15.00
CA HIS C 228 27.50 8.20 13.85
C HIS C 228 26.40 7.15 13.82
N PRO C 229 25.15 7.54 13.54
CA PRO C 229 24.04 6.57 13.60
C PRO C 229 24.17 5.41 12.62
N GLU C 230 24.74 5.64 11.44
CA GLU C 230 24.75 4.63 10.39
C GLU C 230 26.12 3.99 10.19
N MET C 231 27.15 4.79 9.93
CA MET C 231 28.47 4.26 9.63
C MET C 231 29.38 4.40 10.84
N GLY C 232 30.63 3.97 10.68
CA GLY C 232 31.61 4.06 11.74
C GLY C 232 32.32 5.40 11.76
N LEU C 233 31.89 6.29 12.65
CA LEU C 233 32.48 7.61 12.76
C LEU C 233 32.24 8.12 14.16
N ILE C 234 33.29 8.65 14.79
CA ILE C 234 33.24 9.13 16.17
C ILE C 234 33.52 10.63 16.16
N ALA C 235 32.66 11.40 16.82
CA ALA C 235 32.87 12.82 17.02
C ALA C 235 33.09 13.07 18.51
N SER C 236 34.13 13.83 18.83
CA SER C 236 34.48 14.11 20.21
C SER C 236 34.68 15.60 20.41
N ALA C 237 34.15 16.12 21.51
CA ALA C 237 34.30 17.51 21.89
C ALA C 237 35.19 17.60 23.11
N SER C 238 36.14 18.53 23.08
CA SER C 238 37.19 18.56 24.09
C SER C 238 37.46 19.99 24.54
N LYS C 239 38.10 20.10 25.70
CA LYS C 239 38.48 21.39 26.28
C LYS C 239 39.53 22.11 25.47
N ASP C 240 40.19 21.45 24.52
CA ASP C 240 41.23 22.08 23.73
C ASP C 240 40.68 22.80 22.50
N ASN C 241 39.42 23.22 22.55
CA ASN C 241 38.76 23.98 21.49
C ASN C 241 38.60 23.17 20.22
N LEU C 242 38.57 21.84 20.32
CA LEU C 242 38.64 20.97 19.15
C LEU C 242 37.44 20.03 19.09
N VAL C 243 36.99 19.76 17.87
CA VAL C 243 36.07 18.67 17.59
C VAL C 243 36.76 17.76 16.59
N LYS C 244 36.99 16.50 16.99
CA LYS C 244 37.75 15.56 16.19
C LYS C 244 36.84 14.44 15.68
N LEU C 245 37.15 13.96 14.48
CA LEU C 245 36.44 12.85 13.87
C LEU C 245 37.35 11.64 13.84
N TRP C 246 36.89 10.53 14.41
CA TRP C 246 37.71 9.33 14.58
C TRP C 246 37.19 8.20 13.70
N ASP C 247 38.10 7.29 13.39
CA ASP C 247 37.73 6.06 12.70
C ASP C 247 37.68 4.93 13.71
N PRO C 248 36.50 4.40 14.03
CA PRO C 248 36.44 3.33 15.04
C PRO C 248 37.23 2.08 14.67
N ARG C 249 37.32 1.75 13.39
CA ARG C 249 38.05 0.55 12.97
C ARG C 249 39.53 0.65 13.30
N SER C 250 40.14 1.81 13.03
CA SER C 250 41.56 2.01 13.27
C SER C 250 41.86 2.75 14.55
N GLY C 251 41.02 3.70 14.95
CA GLY C 251 41.24 4.47 16.15
C GLY C 251 42.08 5.72 15.98
N ASN C 252 42.26 6.21 14.76
CA ASN C 252 43.03 7.40 14.50
C ASN C 252 42.13 8.52 14.03
N CYS C 253 42.43 9.75 14.45
CA CYS C 253 41.65 10.91 14.03
C CYS C 253 41.79 11.11 12.53
N ILE C 254 40.66 11.35 11.88
CA ILE C 254 40.63 11.53 10.43
C ILE C 254 40.42 12.99 10.02
N SER C 255 39.85 13.82 10.88
CA SER C 255 39.69 15.23 10.59
C SER C 255 39.46 15.98 11.90
N SER C 256 39.83 17.25 11.90
CA SER C 256 39.70 18.11 13.07
C SER C 256 38.96 19.38 12.69
N ILE C 257 38.15 19.89 13.62
CA ILE C 257 37.41 21.13 13.43
C ILE C 257 38.04 22.19 14.33
N LEU C 258 38.49 23.28 13.73
CA LEU C 258 39.23 24.31 14.42
C LEU C 258 38.39 25.57 14.67
N LYS C 259 37.08 25.48 14.50
CA LYS C 259 36.23 26.66 14.44
C LYS C 259 35.70 27.12 15.78
N PHE C 260 36.06 26.44 16.88
CA PHE C 260 35.60 26.81 18.21
C PHE C 260 36.72 27.50 18.97
N LYS C 261 36.41 28.65 19.56
CA LYS C 261 37.40 29.47 20.23
C LYS C 261 37.52 29.19 21.73
N HIS C 262 36.76 28.23 22.26
CA HIS C 262 36.92 27.83 23.64
C HIS C 262 36.50 26.36 23.76
N THR C 263 36.42 25.87 24.99
CA THR C 263 36.11 24.46 25.21
C THR C 263 34.76 24.10 24.60
N VAL C 264 34.71 22.95 23.92
CA VAL C 264 33.51 22.51 23.22
C VAL C 264 32.73 21.58 24.13
N LEU C 265 31.48 21.96 24.42
CA LEU C 265 30.57 21.15 25.22
C LEU C 265 29.92 20.08 24.37
N LYS C 266 28.83 19.51 24.87
CA LYS C 266 28.11 18.41 24.24
C LYS C 266 28.04 18.55 22.72
N THR C 267 28.30 17.44 22.03
CA THR C 267 28.21 17.36 20.57
C THR C 267 27.42 16.12 20.18
N ARG C 268 26.60 16.25 19.15
CA ARG C 268 25.76 15.16 18.67
C ARG C 268 25.69 15.20 17.15
N PHE C 269 25.54 14.03 16.54
CA PHE C 269 25.48 13.98 15.08
C PHE C 269 24.09 14.32 14.57
N GLN C 270 23.15 13.40 14.76
CA GLN C 270 21.73 13.51 14.44
C GLN C 270 21.16 12.15 14.85
N PRO C 271 19.87 12.05 15.20
CA PRO C 271 19.37 10.72 15.60
C PRO C 271 19.20 9.76 14.45
N THR C 272 18.69 10.23 13.30
CA THR C 272 18.24 9.35 12.23
C THR C 272 19.27 9.16 11.13
N LYS C 273 19.67 10.26 10.47
CA LYS C 273 20.55 10.16 9.30
C LYS C 273 22.01 10.39 9.63
N GLY C 274 22.32 11.39 10.46
CA GLY C 274 23.69 11.70 10.79
C GLY C 274 24.44 12.52 9.77
N ASN C 275 23.75 13.03 8.74
CA ASN C 275 24.42 13.86 7.74
C ASN C 275 24.95 15.15 8.35
N LEU C 276 24.32 15.64 9.41
CA LEU C 276 24.75 16.84 10.11
C LEU C 276 25.48 16.47 11.39
N LEU C 277 26.19 17.44 11.95
CA LEU C 277 26.86 17.28 13.23
C LEU C 277 26.86 18.63 13.93
N MET C 278 26.32 18.66 15.15
CA MET C 278 26.20 19.88 15.91
C MET C 278 27.04 19.81 17.18
N ALA C 279 27.74 20.90 17.48
CA ALA C 279 28.55 21.00 18.67
C ALA C 279 28.37 22.39 19.27
N ILE C 280 28.14 22.45 20.57
CA ILE C 280 28.05 23.72 21.29
C ILE C 280 29.31 23.90 22.11
N SER C 281 29.69 25.15 22.31
CA SER C 281 30.85 25.50 23.12
C SER C 281 30.48 26.62 24.07
N LYS C 282 31.23 26.72 25.16
CA LYS C 282 30.96 27.77 26.15
C LYS C 282 31.49 29.13 25.72
N ASP C 283 32.03 29.24 24.50
CA ASP C 283 32.31 30.54 23.90
C ASP C 283 31.07 31.18 23.32
N LYS C 284 29.89 30.66 23.67
CA LYS C 284 28.60 31.20 23.25
C LYS C 284 28.44 31.15 21.74
N SER C 285 28.52 29.92 21.21
CA SER C 285 28.34 29.67 19.79
C SER C 285 27.93 28.22 19.59
N CYS C 286 26.95 28.01 18.71
CA CYS C 286 26.53 26.67 18.32
C CYS C 286 26.73 26.52 16.82
N ARG C 287 27.41 25.46 16.42
CA ARG C 287 27.77 25.25 15.02
C ARG C 287 27.25 23.91 14.54
N VAL C 288 26.73 23.89 13.32
CA VAL C 288 26.23 22.70 12.66
C VAL C 288 27.07 22.46 11.43
N PHE C 289 27.60 21.24 11.28
CA PHE C 289 28.52 20.90 10.21
C PHE C 289 27.91 19.82 9.32
N ASP C 290 28.12 19.95 8.02
CA ASP C 290 27.71 18.94 7.05
C ASP C 290 28.88 17.97 6.87
N ILE C 291 28.73 16.76 7.43
CA ILE C 291 29.83 15.80 7.37
C ILE C 291 30.06 15.29 5.95
N ARG C 292 29.08 15.44 5.06
CA ARG C 292 29.20 14.96 3.70
C ARG C 292 30.04 15.87 2.82
N TYR C 293 30.39 17.06 3.28
CA TYR C 293 31.07 18.06 2.46
C TYR C 293 32.25 18.67 3.23
N SER C 294 33.06 17.79 3.82
CA SER C 294 34.28 18.20 4.52
C SER C 294 33.99 19.16 5.67
N MET C 295 33.05 18.74 6.53
CA MET C 295 32.68 19.50 7.73
C MET C 295 32.26 20.92 7.37
N LYS C 296 31.46 21.05 6.32
CA LYS C 296 31.02 22.36 5.88
C LYS C 296 30.14 23.02 6.93
N GLU C 297 30.47 24.26 7.27
CA GLU C 297 29.69 25.01 8.25
C GLU C 297 28.35 25.39 7.65
N LEU C 298 27.27 25.11 8.39
CA LEU C 298 25.92 25.45 7.96
C LEU C 298 25.32 26.54 8.84
N MET C 299 25.32 26.33 10.16
CA MET C 299 24.76 27.28 11.10
C MET C 299 25.82 27.70 12.10
N CYS C 300 25.90 29.00 12.37
CA CYS C 300 26.77 29.54 13.42
C CYS C 300 25.93 30.56 14.18
N VAL C 301 25.22 30.09 15.20
CA VAL C 301 24.32 30.93 15.99
C VAL C 301 25.01 31.23 17.32
N ARG C 302 25.02 32.51 17.69
CA ARG C 302 25.63 32.98 18.93
C ARG C 302 24.57 33.56 19.84
N ASP C 303 24.79 33.40 21.14
CA ASP C 303 23.85 33.85 22.16
C ASP C 303 24.58 34.67 23.21
N GLU C 304 23.86 35.62 23.82
CA GLU C 304 24.42 36.38 24.92
C GLU C 304 24.64 35.53 26.16
N THR C 305 23.91 34.43 26.29
CA THR C 305 24.04 33.51 27.41
C THR C 305 24.67 32.20 26.94
N ASP C 306 25.20 31.45 27.91
CA ASP C 306 25.93 30.23 27.60
C ASP C 306 24.97 29.09 27.29
N TYR C 307 25.21 28.42 26.16
CA TYR C 307 24.55 27.14 25.89
C TYR C 307 25.13 26.08 26.82
N MET C 308 24.29 25.13 27.22
CA MET C 308 24.76 24.10 28.14
C MET C 308 24.51 22.70 27.62
N THR C 309 23.44 22.51 26.86
CA THR C 309 23.15 21.21 26.28
C THR C 309 22.30 21.40 25.03
N LEU C 310 22.22 20.33 24.24
CA LEU C 310 21.48 20.34 22.98
C LEU C 310 20.72 19.03 22.84
N GLU C 311 19.77 19.01 21.92
CA GLU C 311 18.99 17.81 21.67
C GLU C 311 18.38 17.91 20.27
N TRP C 312 18.85 17.08 19.35
CA TRP C 312 18.24 16.96 18.04
C TRP C 312 16.82 16.40 18.17
N HIS C 313 15.94 16.84 17.28
CA HIS C 313 14.60 16.27 17.24
C HIS C 313 14.66 14.83 16.76
N PRO C 314 13.96 13.90 17.42
CA PRO C 314 14.12 12.48 17.05
C PRO C 314 13.49 12.12 15.73
N ILE C 315 12.55 12.92 15.22
CA ILE C 315 11.82 12.61 14.00
C ILE C 315 12.21 13.58 12.88
N ASN C 316 12.07 14.87 13.12
CA ASN C 316 12.29 15.88 12.10
C ASN C 316 13.76 16.27 12.08
N GLU C 317 14.46 15.96 11.00
CA GLU C 317 15.81 16.47 10.81
C GLU C 317 15.76 17.99 10.68
N SER C 318 16.93 18.61 10.83
CA SER C 318 17.12 20.05 10.76
C SER C 318 16.50 20.80 11.92
N MET C 319 15.82 20.10 12.84
CA MET C 319 15.21 20.72 14.01
C MET C 319 15.95 20.26 15.26
N PHE C 320 16.36 21.21 16.09
CA PHE C 320 17.03 20.89 17.34
C PHE C 320 16.71 21.95 18.37
N THR C 321 16.98 21.63 19.63
CA THR C 321 16.72 22.52 20.75
C THR C 321 18.01 22.80 21.49
N LEU C 322 18.23 24.07 21.84
CA LEU C 322 19.37 24.49 22.64
C LEU C 322 18.89 24.98 23.99
N ALA C 323 19.56 24.53 25.05
CA ALA C 323 19.26 24.96 26.42
C ALA C 323 20.38 25.84 26.91
N CYS C 324 20.02 26.96 27.54
CA CYS C 324 20.97 27.97 27.95
C CYS C 324 21.09 28.03 29.46
N TYR C 325 22.06 28.84 29.91
CA TYR C 325 22.36 28.95 31.33
C TYR C 325 21.27 29.67 32.12
N ASP C 326 20.45 30.49 31.45
CA ASP C 326 19.36 31.20 32.09
C ASP C 326 18.01 30.54 31.81
N GLY C 327 18.00 29.24 31.59
CA GLY C 327 16.81 28.58 31.08
C GLY C 327 16.75 28.78 29.58
N SER C 328 15.64 29.36 29.09
CA SER C 328 15.54 29.85 27.72
C SER C 328 15.79 28.74 26.71
N LEU C 329 14.88 27.77 26.72
CA LEU C 329 14.85 26.78 25.64
C LEU C 329 14.73 27.50 24.31
N LYS C 330 15.59 27.12 23.37
CA LYS C 330 15.64 27.76 22.05
C LYS C 330 15.56 26.68 20.99
N HIS C 331 14.40 26.57 20.35
CA HIS C 331 14.18 25.60 19.30
C HIS C 331 14.59 26.21 17.96
N PHE C 332 15.39 25.48 17.20
CA PHE C 332 15.94 25.95 15.94
C PHE C 332 15.44 25.10 14.79
N ASP C 333 15.67 25.61 13.58
CA ASP C 333 15.34 24.88 12.36
C ASP C 333 16.33 25.29 11.29
N LEU C 334 17.07 24.32 10.74
CA LEU C 334 18.06 24.63 9.71
C LEU C 334 17.39 25.24 8.48
N LEU C 335 16.22 24.73 8.10
CA LEU C 335 15.54 25.17 6.89
C LEU C 335 14.74 26.45 7.09
N GLN C 336 14.46 26.84 8.32
CA GLN C 336 13.68 28.05 8.59
C GLN C 336 14.55 29.28 8.87
N ASN C 337 15.52 29.14 9.76
CA ASN C 337 16.35 30.27 10.16
C ASN C 337 17.73 29.76 10.56
N LEU C 338 18.76 30.24 9.88
CA LEU C 338 20.13 29.86 10.17
C LEU C 338 20.81 30.80 11.16
N ASN C 339 20.13 31.82 11.64
CA ASN C 339 20.73 32.80 12.53
C ASN C 339 20.03 32.94 13.88
N GLU C 340 18.72 32.76 13.93
CA GLU C 340 17.97 32.91 15.16
C GLU C 340 17.06 31.71 15.38
N PRO C 341 16.73 31.39 16.63
CA PRO C 341 15.78 30.30 16.87
C PRO C 341 14.41 30.62 16.34
N ILE C 342 13.71 29.58 15.86
CA ILE C 342 12.34 29.76 15.39
C ILE C 342 11.37 29.93 16.54
N LEU C 343 11.76 29.57 17.77
CA LEU C 343 10.90 29.68 18.92
C LEU C 343 11.77 29.71 20.18
N THR C 344 11.58 30.73 21.01
CA THR C 344 12.30 30.86 22.26
C THR C 344 11.31 30.79 23.42
N ILE C 345 11.59 29.93 24.39
CA ILE C 345 10.83 29.88 25.63
C ILE C 345 11.73 30.47 26.72
N PRO C 346 11.73 31.79 26.91
CA PRO C 346 12.80 32.43 27.69
C PRO C 346 12.90 31.95 29.13
N TYR C 347 11.79 31.94 29.86
CA TYR C 347 11.79 31.45 31.23
C TYR C 347 11.30 30.02 31.32
N ALA C 348 11.91 29.12 30.54
CA ALA C 348 11.51 27.72 30.56
C ALA C 348 11.85 27.07 31.90
N HIS C 349 13.01 27.39 32.46
CA HIS C 349 13.42 26.90 33.76
C HIS C 349 13.92 28.07 34.60
N ASP C 350 13.80 27.91 35.92
CA ASP C 350 14.23 28.97 36.82
C ASP C 350 15.73 29.08 36.93
N LYS C 351 16.47 28.03 36.59
CA LYS C 351 17.92 28.02 36.71
C LYS C 351 18.50 27.39 35.44
N CYS C 352 19.79 27.09 35.49
CA CYS C 352 20.48 26.55 34.33
C CYS C 352 19.94 25.17 33.97
N ILE C 353 19.61 24.99 32.68
CA ILE C 353 19.09 23.72 32.20
C ILE C 353 20.25 22.78 31.93
N THR C 354 20.18 21.57 32.49
CA THR C 354 21.26 20.61 32.42
C THR C 354 21.08 19.57 31.33
N SER C 355 19.89 18.98 31.21
CA SER C 355 19.67 17.89 30.28
C SER C 355 18.35 18.05 29.54
N LEU C 356 18.36 17.74 28.25
CA LEU C 356 17.17 17.68 27.42
C LEU C 356 16.98 16.26 26.92
N SER C 357 15.72 15.88 26.71
CA SER C 357 15.43 14.53 26.23
C SER C 357 14.08 14.54 25.51
N TYR C 358 14.10 14.45 24.19
CA TYR C 358 12.89 14.21 23.43
C TYR C 358 12.41 12.78 23.62
N ASN C 359 11.10 12.61 23.75
CA ASN C 359 10.53 11.28 23.72
C ASN C 359 10.79 10.66 22.36
N PRO C 360 11.11 9.35 22.29
CA PRO C 360 11.28 8.71 20.98
C PRO C 360 10.05 8.83 20.09
N VAL C 361 8.85 8.77 20.67
CA VAL C 361 7.63 9.00 19.91
C VAL C 361 7.58 10.45 19.41
N GLY C 362 8.25 11.36 20.10
CA GLY C 362 8.36 12.74 19.67
C GLY C 362 7.28 13.67 20.14
N HIS C 363 6.36 13.21 20.98
CA HIS C 363 5.24 14.04 21.43
C HIS C 363 5.47 14.71 22.77
N ILE C 364 6.47 14.27 23.54
CA ILE C 364 6.80 14.86 24.82
C ILE C 364 8.28 15.26 24.82
N PHE C 365 8.55 16.45 25.30
CA PHE C 365 9.92 16.94 25.47
C PHE C 365 10.17 17.14 26.96
N ALA C 366 11.21 16.51 27.48
CA ALA C 366 11.54 16.57 28.89
C ALA C 366 12.81 17.39 29.08
N THR C 367 12.77 18.31 30.05
CA THR C 367 13.90 19.17 30.37
C THR C 367 14.17 19.11 31.86
N ALA C 368 15.45 19.13 32.22
CA ALA C 368 15.88 19.13 33.61
C ALA C 368 16.86 20.26 33.82
N ALA C 369 16.74 20.94 34.96
CA ALA C 369 17.57 22.09 35.28
C ALA C 369 18.09 21.97 36.70
N LYS C 370 18.84 23.00 37.12
CA LYS C 370 19.38 23.05 38.46
C LYS C 370 18.35 23.51 39.49
N ASP C 371 17.15 23.90 39.05
CA ASP C 371 16.05 24.16 39.96
C ASP C 371 15.41 22.89 40.48
N ARG C 372 16.02 21.73 40.22
CA ARG C 372 15.60 20.44 40.77
C ARG C 372 14.21 20.03 40.29
N THR C 373 13.83 20.43 39.08
CA THR C 373 12.52 20.14 38.54
C THR C 373 12.64 19.52 37.15
N ILE C 374 11.77 18.55 36.88
CA ILE C 374 11.57 18.00 35.53
C ILE C 374 10.33 18.66 34.94
N ARG C 375 10.49 19.28 33.78
CA ARG C 375 9.40 19.96 33.11
C ARG C 375 9.16 19.29 31.76
N PHE C 376 7.91 18.94 31.50
CA PHE C 376 7.53 18.22 30.29
C PHE C 376 6.80 19.17 29.35
N TRP C 377 7.16 19.11 28.07
CA TRP C 377 6.60 19.99 27.05
C TRP C 377 5.96 19.14 25.96
N THR C 378 4.74 19.50 25.58
CA THR C 378 4.03 18.84 24.50
C THR C 378 3.82 19.82 23.35
N ARG C 379 3.22 19.33 22.27
CA ARG C 379 3.02 20.15 21.10
C ARG C 379 1.88 21.14 21.33
N ALA C 380 1.90 22.21 20.55
CA ALA C 380 0.89 23.26 20.68
C ALA C 380 -0.48 22.76 20.22
N ARG C 381 -1.52 23.36 20.78
CA ARG C 381 -2.90 23.04 20.44
C ARG C 381 -3.40 24.01 19.38
N PRO C 382 -4.41 23.61 18.60
CA PRO C 382 -4.89 24.50 17.52
C PRO C 382 -5.33 25.87 18.02
N ILE C 383 -5.99 25.91 19.17
CA ILE C 383 -6.36 27.17 19.82
C ILE C 383 -6.06 27.03 21.31
N ASP C 384 -5.42 28.05 21.87
CA ASP C 384 -5.01 28.00 23.27
C ASP C 384 -4.92 29.43 23.81
N PRO C 385 -5.78 29.79 24.77
CA PRO C 385 -5.72 31.17 25.31
C PRO C 385 -4.39 31.50 25.97
N ASN C 386 -3.74 30.53 26.60
CA ASN C 386 -2.47 30.76 27.27
C ASN C 386 -1.26 30.38 26.44
N ALA C 387 -1.45 30.12 25.14
CA ALA C 387 -0.33 29.73 24.28
C ALA C 387 0.67 30.87 24.17
N TYR C 388 1.94 30.54 24.38
CA TYR C 388 3.04 31.50 24.32
C TYR C 388 2.85 32.67 25.29
N ASP C 389 2.04 32.46 26.34
CA ASP C 389 1.86 33.43 27.41
C ASP C 389 1.94 32.77 28.77
N ASP C 390 2.51 31.57 28.84
CA ASP C 390 2.67 30.87 30.11
C ASP C 390 3.75 31.59 30.92
N PRO C 391 3.82 31.37 32.24
CA PRO C 391 4.95 31.89 33.01
C PRO C 391 6.30 31.44 32.48
N THR C 392 6.31 30.41 31.63
CA THR C 392 7.53 30.03 30.93
C THR C 392 7.87 30.97 29.78
N TYR C 393 6.91 31.79 29.34
CA TYR C 393 7.17 32.79 28.31
C TYR C 393 7.24 34.21 28.84
N ASN C 394 6.58 34.49 29.96
CA ASN C 394 6.70 35.75 30.66
C ASN C 394 7.08 35.47 32.11
N ASN C 395 8.10 36.17 32.61
CA ASN C 395 8.66 35.86 33.92
C ASN C 395 7.70 36.37 35.00
N LYS C 396 6.58 35.65 35.14
CA LYS C 396 5.55 35.94 36.12
C LYS C 396 5.25 34.72 36.97
N LYS C 397 6.31 34.05 37.43
CA LYS C 397 6.19 32.83 38.21
C LYS C 397 5.91 33.21 39.66
N ILE C 398 4.65 33.18 40.05
CA ILE C 398 4.20 33.64 41.36
C ILE C 398 3.87 32.42 42.22
N ASN C 399 4.64 32.26 43.31
CA ASN C 399 4.48 31.12 44.22
C ASN C 399 4.39 29.81 43.45
N GLY C 400 3.27 29.10 43.59
CA GLY C 400 3.04 27.94 42.76
C GLY C 400 2.25 28.31 41.51
N TRP C 401 2.96 28.52 40.40
CA TRP C 401 2.35 28.88 39.14
C TRP C 401 2.01 27.68 38.28
N PHE C 402 2.45 26.48 38.67
CA PHE C 402 2.22 25.27 37.92
C PHE C 402 1.19 24.35 38.57
N PHE C 403 0.65 24.73 39.72
CA PHE C 403 -0.33 23.88 40.39
C PHE C 403 -1.56 23.66 39.51
N GLY C 404 -2.04 24.73 38.88
CA GLY C 404 -3.13 24.61 37.93
C GLY C 404 -2.74 24.12 36.56
N ILE C 405 -1.44 24.14 36.24
CA ILE C 405 -0.95 23.60 34.97
C ILE C 405 -0.48 22.16 35.10
N ASN C 406 -0.38 21.62 36.31
CA ASN C 406 -0.01 20.23 36.53
C ASN C 406 -1.16 19.38 37.05
N ASN C 407 -2.15 19.98 37.69
CA ASN C 407 -3.32 19.27 38.19
C ASN C 407 -4.53 19.39 37.29
N ASP C 408 -4.39 20.05 36.14
CA ASP C 408 -5.50 20.23 35.22
C ASP C 408 -5.70 18.95 34.41
N ILE C 409 -6.90 18.38 34.48
CA ILE C 409 -7.19 17.17 33.71
C ILE C 409 -7.13 17.47 32.22
N ASN C 410 -7.68 18.60 31.79
CA ASN C 410 -7.70 18.98 30.38
C ASN C 410 -6.35 19.60 30.02
N ALA C 411 -6.23 20.16 28.82
CA ALA C 411 -4.96 20.69 28.35
C ALA C 411 -5.04 22.18 28.05
N VAL C 412 -6.08 22.60 27.32
CA VAL C 412 -6.13 23.97 26.82
C VAL C 412 -6.24 24.96 27.97
N ARG C 413 -7.19 24.74 28.89
CA ARG C 413 -7.37 25.55 30.09
C ARG C 413 -7.85 26.96 29.77
N GLU C 414 -8.68 27.53 30.65
CA GLU C 414 -9.15 28.89 30.47
C GLU C 414 -8.07 29.90 30.83
N LYS C 415 -8.10 31.04 30.16
CA LYS C 415 -7.12 32.10 30.41
C LYS C 415 -7.30 32.70 31.79
N GLY C 419 -0.96 32.77 31.97
CA GLY C 419 -0.82 31.59 32.79
C GLY C 419 -0.59 31.90 34.25
N ALA C 420 -1.28 31.18 35.12
CA ALA C 420 -1.17 31.37 36.56
C ALA C 420 -1.75 30.16 37.27
N ALA C 421 -1.67 30.17 38.59
CA ALA C 421 -2.14 29.06 39.41
C ALA C 421 -2.08 29.50 40.88
N PRO C 422 -2.86 28.85 41.75
CA PRO C 422 -2.79 29.12 43.19
C PRO C 422 -1.54 28.53 43.83
N ARG E 207 26.48 11.43 52.13
CA ARG E 207 27.72 10.92 51.57
C ARG E 207 27.70 9.40 51.50
N ILE E 208 26.77 8.79 52.24
CA ILE E 208 26.61 7.34 52.27
C ILE E 208 25.22 7.00 51.75
N ARG E 209 25.16 6.09 50.79
CA ARG E 209 23.92 5.77 50.10
C ARG E 209 23.15 4.66 50.81
N ARG E 210 21.91 4.46 50.39
CA ARG E 210 21.04 3.41 50.91
C ARG E 210 20.57 2.53 49.76
N THR E 211 20.40 1.24 50.04
CA THR E 211 19.96 0.30 49.02
C THR E 211 18.47 0.48 48.75
N THR E 212 18.13 1.39 47.83
CA THR E 212 16.72 1.74 47.63
C THR E 212 16.02 0.71 46.74
N GLY E 213 16.45 0.59 45.49
CA GLY E 213 15.82 -0.31 44.56
C GLY E 213 16.45 -1.67 44.43
N ILE E 214 17.49 -1.96 45.21
CA ILE E 214 18.25 -3.19 45.02
C ILE E 214 17.56 -4.32 45.79
N PRO E 215 17.19 -5.42 45.12
CA PRO E 215 16.33 -6.41 45.80
C PRO E 215 17.07 -7.41 46.66
N LYS E 216 18.03 -6.95 47.46
CA LYS E 216 18.53 -7.66 48.63
C LYS E 216 19.24 -8.97 48.29
N LYS E 217 19.15 -9.40 47.03
CA LYS E 217 19.84 -10.60 46.59
C LYS E 217 21.08 -10.29 45.76
N PHE E 218 21.23 -9.01 45.37
CA PHE E 218 22.44 -8.56 44.64
C PHE E 218 23.30 -7.78 45.63
N LEU E 219 22.99 -7.88 46.92
CA LEU E 219 23.76 -7.24 47.99
C LEU E 219 24.42 -8.30 48.85
N LYS E 220 25.73 -8.21 49.02
CA LYS E 220 26.48 -9.08 49.91
C LYS E 220 27.08 -8.23 51.03
N SER E 221 27.11 -8.78 52.24
CA SER E 221 27.68 -8.08 53.37
C SER E 221 29.19 -7.98 53.20
N ILE E 222 29.70 -6.74 53.17
CA ILE E 222 31.13 -6.53 52.98
C ILE E 222 31.92 -7.10 54.15
N GLU E 223 31.44 -6.88 55.38
CA GLU E 223 32.08 -7.38 56.59
C GLU E 223 33.53 -6.94 56.69
N MET E 240 29.87 2.69 52.69
CA MET E 240 29.68 3.33 51.39
C MET E 240 28.24 3.11 50.87
N ILE E 241 27.61 2.03 51.30
CA ILE E 241 26.17 1.85 51.10
C ILE E 241 25.68 0.83 52.11
N THR E 242 24.57 1.16 52.78
CA THR E 242 23.98 0.30 53.79
C THR E 242 22.47 0.39 53.69
N ASP E 243 21.79 -0.70 54.05
CA ASP E 243 20.33 -0.72 54.01
C ASP E 243 19.70 -0.52 55.37
N GLU E 244 19.89 -1.47 56.29
CA GLU E 244 19.39 -1.39 57.67
C GLU E 244 20.54 -1.85 58.57
N GLY E 245 21.37 -0.91 59.00
CA GLY E 245 22.46 -1.27 59.89
C GLY E 245 23.69 -1.76 59.17
N LYS E 246 23.80 -3.08 59.04
CA LYS E 246 24.98 -3.69 58.44
C LYS E 246 25.18 -3.21 57.00
N PHE E 247 26.44 -2.99 56.64
CA PHE E 247 26.79 -2.50 55.32
C PHE E 247 26.78 -3.64 54.30
N VAL E 248 26.45 -3.29 53.06
CA VAL E 248 26.43 -4.22 51.95
C VAL E 248 27.05 -3.54 50.73
N VAL E 249 27.11 -4.28 49.62
CA VAL E 249 27.58 -3.75 48.35
C VAL E 249 26.81 -4.44 47.23
N GLN E 250 26.55 -3.68 46.16
CA GLN E 250 25.85 -4.24 45.02
C GLN E 250 26.79 -5.08 44.17
N VAL E 251 26.29 -6.23 43.72
CA VAL E 251 27.10 -7.13 42.84
C VAL E 251 26.36 -7.29 41.52
N GLU E 252 27.09 -7.38 40.40
CA GLU E 252 26.44 -7.60 39.08
C GLU E 252 25.71 -8.94 39.11
N ASP E 253 24.54 -9.03 38.45
CA ASP E 253 23.87 -10.35 38.36
C ASP E 253 24.62 -11.15 37.28
N LYS E 254 25.76 -11.75 37.66
CA LYS E 254 26.59 -12.48 36.66
C LYS E 254 25.85 -13.74 36.21
N GLN E 255 24.55 -13.62 35.92
CA GLN E 255 23.77 -14.76 35.38
C GLN E 255 23.04 -14.25 34.13
N SER E 256 22.42 -13.07 34.24
CA SER E 256 21.75 -12.47 33.06
C SER E 256 22.81 -12.17 31.99
N TRP E 257 23.97 -11.65 32.40
CA TRP E 257 25.06 -11.37 31.44
C TRP E 257 25.53 -12.68 30.81
N GLU E 258 25.65 -13.73 31.62
CA GLU E 258 26.08 -15.06 31.11
C GLU E 258 25.05 -15.58 30.11
N ASP E 259 23.76 -15.50 30.46
CA ASP E 259 22.69 -15.93 29.52
C ASP E 259 22.84 -15.15 28.21
N TYR E 260 23.09 -13.84 28.31
CA TYR E 260 23.31 -13.00 27.11
C TYR E 260 24.48 -13.59 26.33
N GLN E 261 25.53 -14.00 27.04
CA GLN E 261 26.70 -14.62 26.38
C GLN E 261 26.25 -15.94 25.73
N ARG E 262 25.53 -16.77 26.49
CA ARG E 262 25.05 -18.03 25.92
C ARG E 262 24.19 -17.79 24.69
N LYS E 263 23.29 -16.82 24.75
CA LYS E 263 22.43 -16.52 23.60
C LYS E 263 23.21 -15.90 22.46
N ARG E 264 24.37 -15.31 22.73
CA ARG E 264 25.21 -14.79 21.66
C ARG E 264 25.86 -15.91 20.85
N GLU E 265 25.89 -17.13 21.38
CA GLU E 265 26.49 -18.25 20.67
C GLU E 265 25.60 -18.68 19.51
N ASN E 266 26.22 -19.30 18.51
CA ASN E 266 25.50 -19.71 17.32
C ASN E 266 24.58 -20.89 17.62
N ARG E 267 23.32 -20.77 17.22
CA ARG E 267 22.30 -21.81 17.36
C ARG E 267 22.05 -22.21 18.81
N GLN E 268 22.35 -21.34 19.77
CA GLN E 268 22.22 -21.68 21.18
C GLN E 268 21.11 -20.87 21.85
#